data_5C41
#
_entry.id   5C41
#
_cell.length_a   51.950
_cell.length_b   89.190
_cell.length_c   144.400
_cell.angle_alpha   90.00
_cell.angle_beta   98.16
_cell.angle_gamma   90.00
#
_symmetry.space_group_name_H-M   'P 1 21 1'
#
loop_
_entity.id
_entity.type
_entity.pdbx_description
1 polymer Ribokinase
2 non-polymer 'PHOSPHOMETHYLPHOSPHONIC ACID ADENYLATE ESTER'
3 non-polymer 'SODIUM ION'
4 non-polymer 'PHOSPHATE ION'
5 water water
#
_entity_poly.entity_id   1
_entity_poly.type   'polypeptide(L)'
_entity_poly.pdbx_seq_one_letter_code
;MAASGEPQRQWQEEVAAVVVVGSCMTDLVSLTSRLPKTGETIHGHKFFIGFGGKGANQCVQAARLGAMTSMVCKVGKDSF
GNDYIENLKQNDISTEFTYQTKDAATGTASIIVNNEGQNIIVIVAGANLLLNTEDLRAAANVISRAKVMVCQLEITPATS
LEALTMARRSGVKTLFNPAPAIADLDPQFYTLSDVFCCNESEAEILTGLTVGSAADAGEAALVLLKRGCQVVIITLGAEG
CVVLSQTEPEPKHIPTEKVKAVDTTGAGDSFVGALAFYLAYYPNLSLEDMLNRSNFIAAVSVQAAGTQSSYPYKKDLPLT
LFLEHHHHHH
;
_entity_poly.pdbx_strand_id   A,B,C,D
#
loop_
_chem_comp.id
_chem_comp.type
_chem_comp.name
_chem_comp.formula
ACP non-polymer 'PHOSPHOMETHYLPHOSPHONIC ACID ADENYLATE ESTER' 'C11 H18 N5 O12 P3'
NA non-polymer 'SODIUM ION' 'Na 1'
PO4 non-polymer 'PHOSPHATE ION' 'O4 P -3'
#
# COMPACT_ATOMS: atom_id res chain seq x y z
N GLU A 14 13.70 -10.26 17.68
CA GLU A 14 12.80 -11.19 18.45
C GLU A 14 11.41 -10.56 18.76
N VAL A 15 11.42 -9.26 19.09
CA VAL A 15 10.23 -8.56 19.62
C VAL A 15 9.12 -8.37 18.60
N ALA A 16 7.91 -8.79 18.89
CA ALA A 16 6.79 -8.58 17.97
C ALA A 16 6.41 -7.08 17.89
N ALA A 17 6.24 -6.56 16.67
CA ALA A 17 5.83 -5.20 16.45
C ALA A 17 4.33 -5.06 16.37
N VAL A 18 3.65 -6.11 15.98
CA VAL A 18 2.19 -6.13 15.87
C VAL A 18 1.65 -7.21 16.78
N VAL A 19 0.83 -6.82 17.78
N VAL A 19 0.85 -6.82 17.79
CA VAL A 19 0.21 -7.77 18.69
CA VAL A 19 0.27 -7.76 18.71
C VAL A 19 -1.27 -7.70 18.44
C VAL A 19 -1.25 -7.70 18.48
N VAL A 20 -1.86 -8.86 18.24
CA VAL A 20 -3.29 -8.92 18.06
C VAL A 20 -3.91 -9.66 19.22
N VAL A 21 -4.86 -8.99 19.90
CA VAL A 21 -5.55 -9.58 21.01
C VAL A 21 -6.97 -9.78 20.48
N GLY A 22 -7.31 -11.03 20.27
CA GLY A 22 -8.59 -11.33 19.64
C GLY A 22 -8.87 -12.80 19.42
N SER A 23 -9.69 -13.02 18.37
CA SER A 23 -10.36 -14.25 18.17
C SER A 23 -9.71 -15.19 17.12
N CYS A 24 -9.82 -16.48 17.39
CA CYS A 24 -9.52 -17.60 16.44
C CYS A 24 -10.78 -18.48 16.36
N MET A 25 -11.19 -18.87 15.15
CA MET A 25 -12.39 -19.64 14.97
C MET A 25 -12.09 -20.61 13.83
N THR A 26 -12.57 -21.84 13.99
CA THR A 26 -12.60 -22.82 12.95
C THR A 26 -13.84 -22.61 12.12
N ASP A 27 -13.64 -22.43 10.81
CA ASP A 27 -14.72 -22.26 9.84
C ASP A 27 -15.09 -23.65 9.33
N LEU A 28 -16.36 -24.01 9.47
CA LEU A 28 -16.93 -25.30 9.09
C LEU A 28 -17.95 -24.95 8.03
N VAL A 29 -17.55 -25.13 6.79
CA VAL A 29 -18.29 -24.58 5.65
C VAL A 29 -18.95 -25.67 4.83
N SER A 30 -20.26 -25.55 4.63
CA SER A 30 -20.98 -26.42 3.80
C SER A 30 -21.59 -25.66 2.57
N LEU A 31 -21.32 -26.11 1.34
CA LEU A 31 -21.92 -25.51 0.13
C LEU A 31 -23.11 -26.31 -0.28
N THR A 32 -24.23 -25.64 -0.48
CA THR A 32 -25.52 -26.27 -0.79
C THR A 32 -26.11 -25.52 -2.00
N SER A 33 -27.15 -26.09 -2.58
N SER A 33 -27.16 -26.07 -2.56
CA SER A 33 -27.85 -25.40 -3.66
CA SER A 33 -27.89 -25.43 -3.62
C SER A 33 -28.95 -24.50 -3.09
C SER A 33 -28.95 -24.51 -3.08
N ARG A 34 -29.50 -24.82 -1.92
CA ARG A 34 -30.46 -23.90 -1.24
C ARG A 34 -30.17 -23.85 0.27
N LEU A 35 -30.66 -22.84 0.95
CA LEU A 35 -30.53 -22.79 2.38
C LEU A 35 -31.67 -23.58 2.98
N PRO A 36 -31.47 -24.15 4.20
CA PRO A 36 -32.55 -24.91 4.83
C PRO A 36 -33.47 -24.01 5.59
N LYS A 37 -34.73 -24.32 5.54
CA LYS A 37 -35.72 -23.68 6.36
C LYS A 37 -35.80 -24.49 7.67
N THR A 38 -36.45 -23.94 8.69
CA THR A 38 -36.55 -24.58 10.00
C THR A 38 -37.08 -26.00 9.81
N GLY A 39 -36.49 -26.95 10.52
CA GLY A 39 -36.99 -28.34 10.53
C GLY A 39 -36.43 -29.18 9.41
N GLU A 40 -35.71 -28.59 8.48
CA GLU A 40 -35.29 -29.27 7.29
C GLU A 40 -33.93 -29.89 7.41
N THR A 41 -33.77 -31.05 6.77
CA THR A 41 -32.45 -31.64 6.50
C THR A 41 -32.20 -31.48 5.03
N ILE A 42 -31.07 -30.94 4.65
CA ILE A 42 -30.79 -30.83 3.25
C ILE A 42 -29.40 -31.41 3.01
N HIS A 43 -29.13 -31.78 1.77
CA HIS A 43 -27.81 -32.25 1.37
C HIS A 43 -27.04 -31.13 0.78
N GLY A 44 -25.77 -30.99 1.13
CA GLY A 44 -24.88 -30.11 0.45
C GLY A 44 -23.95 -30.88 -0.44
N HIS A 45 -23.17 -30.18 -1.24
CA HIS A 45 -22.34 -30.89 -2.21
C HIS A 45 -20.87 -30.71 -1.87
N LYS A 46 -20.52 -29.86 -0.93
CA LYS A 46 -19.17 -29.86 -0.45
C LYS A 46 -19.03 -29.36 0.96
N PHE A 47 -18.03 -29.88 1.66
CA PHE A 47 -17.73 -29.44 3.05
C PHE A 47 -16.27 -29.25 3.21
N PHE A 48 -15.88 -28.17 3.87
CA PHE A 48 -14.47 -27.95 4.15
C PHE A 48 -14.24 -27.16 5.43
N ILE A 49 -13.05 -27.35 5.96
CA ILE A 49 -12.62 -26.72 7.21
C ILE A 49 -11.59 -25.61 6.88
N GLY A 50 -11.73 -24.44 7.47
CA GLY A 50 -10.84 -23.34 7.19
C GLY A 50 -10.50 -22.62 8.47
N PHE A 51 -9.46 -21.81 8.45
CA PHE A 51 -9.05 -21.01 9.63
C PHE A 51 -9.57 -19.60 9.57
N GLY A 52 -10.43 -19.20 10.49
CA GLY A 52 -10.98 -17.90 10.57
C GLY A 52 -10.85 -17.26 11.97
N GLY A 53 -11.76 -16.34 12.24
CA GLY A 53 -11.68 -15.41 13.39
C GLY A 53 -11.01 -14.11 12.95
N LYS A 54 -11.66 -13.01 13.21
CA LYS A 54 -11.16 -11.73 12.78
C LYS A 54 -9.73 -11.48 13.32
N GLY A 55 -9.48 -11.80 14.58
CA GLY A 55 -8.19 -11.54 15.15
C GLY A 55 -7.07 -12.26 14.39
N ALA A 56 -7.26 -13.56 14.19
CA ALA A 56 -6.29 -14.37 13.53
C ALA A 56 -6.17 -13.96 12.05
N ASN A 57 -7.29 -13.61 11.43
CA ASN A 57 -7.26 -13.20 10.05
C ASN A 57 -6.34 -11.95 9.90
N GLN A 58 -6.57 -10.97 10.74
CA GLN A 58 -5.78 -9.72 10.75
C GLN A 58 -4.28 -9.98 11.01
N CYS A 59 -4.00 -10.84 11.96
CA CYS A 59 -2.68 -11.22 12.33
C CYS A 59 -1.93 -11.90 11.17
N VAL A 60 -2.64 -12.80 10.49
CA VAL A 60 -2.12 -13.47 9.33
C VAL A 60 -1.80 -12.51 8.22
N GLN A 61 -2.65 -11.55 7.90
CA GLN A 61 -2.31 -10.68 6.77
C GLN A 61 -1.06 -9.91 7.15
N ALA A 62 -0.99 -9.41 8.42
CA ALA A 62 0.21 -8.58 8.80
C ALA A 62 1.45 -9.40 8.69
N ALA A 63 1.39 -10.65 9.16
CA ALA A 63 2.52 -11.54 9.20
C ALA A 63 3.04 -11.81 7.77
N ARG A 64 2.10 -12.04 6.86
CA ARG A 64 2.47 -12.32 5.43
C ARG A 64 3.13 -11.17 4.72
N LEU A 65 2.84 -9.93 5.13
CA LEU A 65 3.50 -8.77 4.59
C LEU A 65 4.91 -8.60 5.12
N GLY A 66 5.26 -9.40 6.14
CA GLY A 66 6.59 -9.35 6.75
C GLY A 66 6.58 -8.84 8.23
N ALA A 67 5.43 -8.60 8.85
CA ALA A 67 5.44 -8.21 10.27
C ALA A 67 5.87 -9.36 11.16
N MET A 68 6.60 -9.02 12.21
CA MET A 68 6.78 -9.87 13.38
C MET A 68 5.55 -9.68 14.27
N THR A 69 4.75 -10.73 14.39
CA THR A 69 3.45 -10.64 15.05
C THR A 69 3.35 -11.62 16.23
N SER A 70 2.37 -11.35 17.10
CA SER A 70 2.07 -12.19 18.24
C SER A 70 0.55 -12.22 18.42
N MET A 71 0.01 -13.43 18.50
CA MET A 71 -1.41 -13.62 18.56
C MET A 71 -1.80 -14.00 20.01
N VAL A 72 -2.54 -13.11 20.68
CA VAL A 72 -2.94 -13.33 22.08
C VAL A 72 -4.37 -13.77 21.99
N CYS A 73 -4.64 -14.99 22.38
CA CYS A 73 -5.95 -15.58 22.12
C CYS A 73 -6.10 -16.82 22.94
N LYS A 74 -7.31 -17.35 22.92
CA LYS A 74 -7.58 -18.61 23.58
C LYS A 74 -8.40 -19.55 22.71
N VAL A 75 -7.86 -20.79 22.55
CA VAL A 75 -8.51 -21.87 21.84
C VAL A 75 -8.77 -23.02 22.85
N GLY A 76 -9.44 -24.06 22.37
CA GLY A 76 -9.62 -25.27 23.12
C GLY A 76 -8.41 -26.21 23.16
N LYS A 77 -8.40 -27.05 24.17
CA LYS A 77 -7.58 -28.27 24.25
C LYS A 77 -8.25 -29.39 23.54
N ASP A 78 -8.32 -29.23 22.26
CA ASP A 78 -9.01 -30.12 21.40
C ASP A 78 -8.23 -30.10 20.06
N SER A 79 -8.61 -30.96 19.18
CA SER A 79 -7.92 -31.13 17.92
C SER A 79 -7.99 -29.84 17.00
N PHE A 80 -9.15 -29.18 16.93
CA PHE A 80 -9.27 -27.90 16.20
C PHE A 80 -8.35 -26.84 16.76
N GLY A 81 -8.20 -26.84 18.06
CA GLY A 81 -7.33 -25.92 18.73
C GLY A 81 -5.85 -26.16 18.44
N ASN A 82 -5.43 -27.42 18.52
CA ASN A 82 -4.10 -27.80 18.12
C ASN A 82 -3.84 -27.41 16.67
N ASP A 83 -4.79 -27.68 15.78
CA ASP A 83 -4.67 -27.32 14.37
C ASP A 83 -4.53 -25.79 14.19
N TYR A 84 -5.31 -25.02 14.96
CA TYR A 84 -5.23 -23.58 14.93
C TYR A 84 -3.82 -23.10 15.31
N ILE A 85 -3.31 -23.62 16.40
CA ILE A 85 -1.96 -23.29 16.83
C ILE A 85 -0.94 -23.55 15.69
N GLU A 86 -1.02 -24.72 15.08
CA GLU A 86 -0.12 -25.04 13.97
C GLU A 86 -0.30 -24.04 12.78
N ASN A 87 -1.53 -23.66 12.51
CA ASN A 87 -1.79 -22.63 11.47
C ASN A 87 -1.06 -21.32 11.76
N LEU A 88 -1.19 -20.86 12.96
CA LEU A 88 -0.48 -19.64 13.39
C LEU A 88 1.04 -19.74 13.24
N LYS A 89 1.60 -20.86 13.67
CA LYS A 89 3.02 -21.15 13.49
C LYS A 89 3.41 -21.24 12.01
N GLN A 90 2.61 -21.86 11.18
CA GLN A 90 2.91 -21.93 9.74
C GLN A 90 2.95 -20.54 9.10
N ASN A 91 2.22 -19.58 9.66
CA ASN A 91 2.27 -18.22 9.20
C ASN A 91 3.34 -17.33 9.87
N ASP A 92 4.24 -17.96 10.63
CA ASP A 92 5.30 -17.26 11.42
C ASP A 92 4.81 -16.28 12.49
N ILE A 93 3.68 -16.59 13.10
CA ILE A 93 3.09 -15.82 14.13
C ILE A 93 3.52 -16.42 15.48
N SER A 94 3.96 -15.61 16.43
CA SER A 94 4.27 -16.12 17.78
C SER A 94 2.97 -16.57 18.49
N THR A 95 3.02 -17.75 19.06
CA THR A 95 1.94 -18.33 19.79
C THR A 95 2.25 -18.46 21.32
N GLU A 96 3.21 -17.69 21.78
CA GLU A 96 3.58 -17.61 23.17
C GLU A 96 2.39 -17.41 24.06
N PHE A 97 1.45 -16.53 23.71
CA PHE A 97 0.26 -16.24 24.52
C PHE A 97 -1.00 -16.60 23.79
N THR A 98 -0.86 -17.63 22.99
CA THR A 98 -2.03 -18.38 22.47
C THR A 98 -2.29 -19.43 23.53
N TYR A 99 -3.34 -19.26 24.30
CA TYR A 99 -3.68 -20.16 25.37
C TYR A 99 -4.61 -21.27 24.91
N GLN A 100 -4.55 -22.40 25.62
CA GLN A 100 -5.49 -23.51 25.38
C GLN A 100 -6.20 -23.85 26.66
N THR A 101 -7.49 -24.07 26.58
CA THR A 101 -8.28 -24.32 27.79
C THR A 101 -9.08 -25.60 27.62
N LYS A 102 -9.18 -26.40 28.68
CA LYS A 102 -10.05 -27.58 28.69
C LYS A 102 -11.48 -27.13 28.99
N ASP A 103 -11.72 -25.86 29.36
CA ASP A 103 -13.09 -25.44 29.76
C ASP A 103 -14.09 -25.03 28.69
N ALA A 104 -13.65 -24.94 27.46
CA ALA A 104 -14.53 -24.70 26.34
C ALA A 104 -13.80 -25.19 25.07
N ALA A 105 -14.58 -25.47 24.03
CA ALA A 105 -14.04 -25.85 22.72
C ALA A 105 -13.54 -24.62 22.00
N THR A 106 -12.64 -24.88 21.04
CA THR A 106 -12.21 -23.83 20.10
C THR A 106 -13.40 -23.17 19.46
N GLY A 107 -13.36 -21.83 19.31
CA GLY A 107 -14.46 -21.10 18.69
C GLY A 107 -14.80 -21.69 17.27
N THR A 108 -16.05 -21.66 16.89
CA THR A 108 -16.47 -22.21 15.63
C THR A 108 -17.37 -21.20 14.91
N ALA A 109 -17.27 -21.17 13.57
CA ALA A 109 -18.24 -20.59 12.73
C ALA A 109 -18.73 -21.66 11.74
N SER A 110 -19.99 -22.07 11.90
CA SER A 110 -20.62 -22.94 11.01
C SER A 110 -21.31 -22.09 9.95
N ILE A 111 -20.92 -22.29 8.70
CA ILE A 111 -21.32 -21.47 7.59
C ILE A 111 -21.96 -22.34 6.53
N ILE A 112 -23.20 -22.05 6.18
CA ILE A 112 -23.90 -22.73 5.07
C ILE A 112 -24.07 -21.69 3.95
N VAL A 113 -23.66 -22.02 2.74
CA VAL A 113 -23.59 -21.05 1.62
C VAL A 113 -24.28 -21.66 0.45
N ASN A 114 -25.31 -21.01 -0.08
CA ASN A 114 -25.94 -21.51 -1.31
C ASN A 114 -25.14 -21.13 -2.59
N ASN A 115 -25.64 -21.62 -3.70
CA ASN A 115 -25.12 -21.30 -5.06
C ASN A 115 -25.02 -19.81 -5.43
N GLU A 116 -26.02 -19.02 -5.05
CA GLU A 116 -25.96 -17.56 -5.24
C GLU A 116 -25.05 -16.80 -4.25
N GLY A 117 -24.50 -17.48 -3.25
CA GLY A 117 -23.54 -16.86 -2.34
C GLY A 117 -24.17 -16.32 -1.06
N GLN A 118 -25.49 -16.47 -0.89
CA GLN A 118 -26.15 -16.08 0.36
C GLN A 118 -25.84 -17.15 1.42
N ASN A 119 -25.82 -16.72 2.68
CA ASN A 119 -25.46 -17.64 3.76
C ASN A 119 -26.27 -17.55 5.07
N ILE A 120 -26.10 -18.58 5.89
CA ILE A 120 -26.46 -18.52 7.31
C ILE A 120 -25.23 -18.94 8.10
N ILE A 121 -24.99 -18.24 9.20
CA ILE A 121 -23.83 -18.47 10.02
C ILE A 121 -24.25 -18.64 11.49
N VAL A 122 -23.68 -19.66 12.12
CA VAL A 122 -23.80 -19.85 13.55
C VAL A 122 -22.44 -19.89 14.17
N ILE A 123 -22.18 -18.88 14.98
CA ILE A 123 -20.92 -18.76 15.66
C ILE A 123 -21.06 -19.28 17.10
N VAL A 124 -20.15 -20.13 17.55
CA VAL A 124 -20.03 -20.44 18.95
C VAL A 124 -18.70 -19.97 19.39
N ALA A 125 -18.61 -18.87 20.11
CA ALA A 125 -17.31 -18.23 20.33
C ALA A 125 -16.46 -19.05 21.26
N GLY A 126 -17.08 -19.86 22.14
CA GLY A 126 -16.37 -20.88 22.88
C GLY A 126 -15.19 -20.32 23.71
N ALA A 127 -14.02 -20.91 23.53
CA ALA A 127 -12.83 -20.53 24.24
C ALA A 127 -12.43 -19.07 24.04
N ASN A 128 -12.77 -18.46 22.88
CA ASN A 128 -12.52 -17.02 22.74
C ASN A 128 -13.05 -16.19 23.89
N LEU A 129 -14.20 -16.56 24.47
CA LEU A 129 -14.78 -15.78 25.52
C LEU A 129 -14.10 -15.93 26.84
N LEU A 130 -13.24 -16.92 26.95
CA LEU A 130 -12.58 -17.24 28.24
C LEU A 130 -11.20 -16.53 28.30
N LEU A 131 -10.82 -15.85 27.22
CA LEU A 131 -9.62 -14.99 27.31
C LEU A 131 -9.88 -13.82 28.26
N ASN A 132 -9.15 -13.78 29.36
CA ASN A 132 -9.51 -12.89 30.45
C ASN A 132 -8.37 -11.90 30.78
N THR A 133 -8.64 -11.01 31.75
CA THR A 133 -7.68 -9.98 32.05
C THR A 133 -6.40 -10.54 32.69
N GLU A 134 -6.48 -11.65 33.41
CA GLU A 134 -5.27 -12.33 33.87
C GLU A 134 -4.39 -12.87 32.73
N ASP A 135 -5.00 -13.40 31.69
CA ASP A 135 -4.26 -13.81 30.52
C ASP A 135 -3.52 -12.68 29.87
N LEU A 136 -4.13 -11.51 29.81
CA LEU A 136 -3.46 -10.35 29.23
C LEU A 136 -2.29 -9.88 30.09
N ARG A 137 -2.43 -9.97 31.39
CA ARG A 137 -1.41 -9.56 32.29
C ARG A 137 -0.13 -10.36 32.11
N ALA A 138 -0.23 -11.65 31.93
CA ALA A 138 0.94 -12.47 31.64
C ALA A 138 1.57 -12.05 30.28
N ALA A 139 0.78 -11.54 29.33
CA ALA A 139 1.27 -11.06 28.01
C ALA A 139 1.72 -9.62 28.02
N ALA A 140 1.81 -9.04 29.21
CA ALA A 140 2.08 -7.61 29.35
C ALA A 140 3.39 -7.23 28.63
N ASN A 141 4.39 -8.09 28.68
CA ASN A 141 5.66 -7.68 28.14
C ASN A 141 5.62 -7.60 26.61
N VAL A 142 4.82 -8.44 26.03
CA VAL A 142 4.67 -8.44 24.58
C VAL A 142 3.80 -7.32 24.14
N ILE A 143 2.68 -7.10 24.84
CA ILE A 143 1.79 -5.94 24.55
C ILE A 143 2.47 -4.63 24.64
N SER A 144 3.28 -4.44 25.71
CA SER A 144 3.79 -3.14 25.99
C SER A 144 4.99 -2.75 25.11
N ARG A 145 5.64 -3.74 24.47
CA ARG A 145 6.86 -3.51 23.65
C ARG A 145 6.52 -3.52 22.14
N ALA A 146 5.24 -3.70 21.83
CA ALA A 146 4.85 -3.69 20.44
C ALA A 146 4.69 -2.26 19.88
N LYS A 147 4.53 -2.15 18.56
CA LYS A 147 4.21 -0.85 17.93
C LYS A 147 2.75 -0.61 17.82
N VAL A 148 1.99 -1.68 17.56
CA VAL A 148 0.58 -1.61 17.32
C VAL A 148 -0.12 -2.76 18.02
N MET A 149 -1.25 -2.45 18.64
N MET A 149 -1.26 -2.45 18.67
CA MET A 149 -2.09 -3.43 19.25
CA MET A 149 -2.16 -3.43 19.28
C MET A 149 -3.43 -3.41 18.49
C MET A 149 -3.44 -3.40 18.48
N VAL A 150 -3.92 -4.57 18.06
CA VAL A 150 -5.12 -4.68 17.20
C VAL A 150 -6.20 -5.49 17.99
N CYS A 151 -7.42 -4.96 18.11
N CYS A 151 -7.41 -4.96 18.14
CA CYS A 151 -8.55 -5.66 18.76
CA CYS A 151 -8.53 -5.74 18.74
C CYS A 151 -9.81 -5.58 17.96
C CYS A 151 -9.81 -5.59 17.98
N GLN A 152 -10.73 -6.52 18.22
CA GLN A 152 -12.01 -6.53 17.59
C GLN A 152 -13.09 -6.83 18.68
N LEU A 153 -14.26 -7.22 18.25
CA LEU A 153 -15.37 -7.52 19.17
C LEU A 153 -15.82 -8.97 19.07
N GLU A 154 -14.90 -9.88 18.87
CA GLU A 154 -15.17 -11.34 18.94
C GLU A 154 -14.71 -12.04 20.24
N ILE A 155 -14.09 -11.32 21.18
CA ILE A 155 -13.78 -11.86 22.53
C ILE A 155 -14.60 -11.09 23.48
N THR A 156 -14.46 -11.31 24.80
CA THR A 156 -15.27 -10.57 25.76
C THR A 156 -14.94 -9.08 25.61
N PRO A 157 -15.96 -8.18 25.57
CA PRO A 157 -15.58 -6.78 25.36
C PRO A 157 -14.62 -6.23 26.48
N ALA A 158 -14.89 -6.60 27.74
CA ALA A 158 -14.00 -6.17 28.86
C ALA A 158 -12.50 -6.57 28.64
N THR A 159 -12.25 -7.70 28.03
CA THR A 159 -10.90 -8.08 27.66
C THR A 159 -10.29 -7.19 26.59
N SER A 160 -11.01 -6.94 25.51
CA SER A 160 -10.50 -5.99 24.50
C SER A 160 -10.27 -4.59 25.11
N LEU A 161 -11.16 -4.13 26.00
CA LEU A 161 -10.97 -2.84 26.68
C LEU A 161 -9.72 -2.79 27.48
N GLU A 162 -9.45 -3.87 28.20
CA GLU A 162 -8.23 -3.97 28.97
C GLU A 162 -6.97 -4.03 28.07
N ALA A 163 -7.03 -4.73 26.97
CA ALA A 163 -5.91 -4.71 25.97
C ALA A 163 -5.61 -3.30 25.48
N LEU A 164 -6.67 -2.56 25.15
CA LEU A 164 -6.54 -1.21 24.69
C LEU A 164 -5.97 -0.27 25.75
N THR A 165 -6.47 -0.40 26.99
CA THR A 165 -5.95 0.36 28.13
C THR A 165 -4.44 0.07 28.34
N MET A 166 -4.07 -1.20 28.27
CA MET A 166 -2.67 -1.60 28.44
C MET A 166 -1.80 -0.96 27.33
N ALA A 167 -2.26 -1.06 26.09
CA ALA A 167 -1.52 -0.54 24.99
C ALA A 167 -1.39 1.00 25.11
N ARG A 168 -2.48 1.69 25.40
CA ARG A 168 -2.41 3.13 25.58
C ARG A 168 -1.41 3.58 26.60
N ARG A 169 -1.40 2.89 27.73
CA ARG A 169 -0.49 3.39 28.82
C ARG A 169 0.99 3.11 28.49
N SER A 170 1.25 2.24 27.54
CA SER A 170 2.56 1.88 27.14
C SER A 170 2.97 2.64 25.91
N GLY A 171 2.14 3.56 25.44
CA GLY A 171 2.43 4.27 24.19
C GLY A 171 2.37 3.45 22.92
N VAL A 172 1.61 2.35 22.93
CA VAL A 172 1.44 1.47 21.79
C VAL A 172 0.18 1.90 21.06
N LYS A 173 0.32 1.97 19.75
CA LYS A 173 -0.76 2.53 18.99
C LYS A 173 -1.93 1.54 19.01
N THR A 174 -3.15 2.02 19.22
CA THR A 174 -4.32 1.14 19.27
C THR A 174 -5.12 1.19 17.95
N LEU A 175 -5.32 0.03 17.38
CA LEU A 175 -6.14 -0.13 16.14
C LEU A 175 -7.33 -1.00 16.60
N PHE A 176 -8.51 -0.41 16.61
CA PHE A 176 -9.72 -1.08 17.06
C PHE A 176 -10.70 -1.18 15.90
N ASN A 177 -11.24 -2.40 15.73
CA ASN A 177 -12.16 -2.79 14.66
C ASN A 177 -13.45 -3.25 15.33
N PRO A 178 -14.51 -2.40 15.39
CA PRO A 178 -15.71 -2.77 16.19
C PRO A 178 -16.60 -3.72 15.49
N ALA A 179 -16.11 -4.94 15.36
CA ALA A 179 -16.71 -5.91 14.48
C ALA A 179 -16.81 -7.28 15.19
N PRO A 180 -18.00 -7.90 15.17
CA PRO A 180 -19.25 -7.31 14.65
C PRO A 180 -19.68 -6.14 15.56
N ALA A 181 -20.47 -5.24 15.04
CA ALA A 181 -20.79 -4.04 15.74
C ALA A 181 -21.97 -4.30 16.69
N ILE A 182 -21.98 -3.57 17.81
CA ILE A 182 -23.17 -3.52 18.69
C ILE A 182 -23.53 -2.07 18.89
N ALA A 183 -24.82 -1.80 18.90
CA ALA A 183 -25.29 -0.41 18.96
C ALA A 183 -24.93 0.39 20.15
N ASP A 184 -24.60 -0.24 21.23
CA ASP A 184 -24.54 0.45 22.48
C ASP A 184 -23.14 0.34 23.03
N LEU A 185 -22.17 0.38 22.16
CA LEU A 185 -20.82 0.17 22.50
C LEU A 185 -20.36 1.05 23.68
N ASP A 186 -19.61 0.50 24.63
CA ASP A 186 -19.06 1.27 25.74
C ASP A 186 -18.26 2.45 25.18
N PRO A 187 -18.52 3.66 25.69
CA PRO A 187 -17.85 4.87 25.17
C PRO A 187 -16.36 4.81 25.23
N GLN A 188 -15.81 3.98 26.09
CA GLN A 188 -14.35 3.86 26.19
C GLN A 188 -13.69 3.26 24.98
N PHE A 189 -14.42 2.46 24.23
CA PHE A 189 -13.91 1.97 22.98
C PHE A 189 -13.47 3.13 22.01
N TYR A 190 -14.18 4.25 22.02
CA TYR A 190 -13.86 5.41 21.19
C TYR A 190 -12.62 6.15 21.73
N THR A 191 -12.63 6.43 23.04
CA THR A 191 -11.59 7.25 23.65
C THR A 191 -10.23 6.50 23.70
N LEU A 192 -10.22 5.19 23.71
CA LEU A 192 -8.98 4.41 23.71
C LEU A 192 -8.43 4.07 22.33
N SER A 193 -9.17 4.45 21.27
CA SER A 193 -8.86 4.08 19.92
C SER A 193 -8.04 5.20 19.22
N ASP A 194 -6.79 4.93 18.85
CA ASP A 194 -5.99 5.81 18.00
C ASP A 194 -6.51 5.73 16.56
N VAL A 195 -6.86 4.52 16.12
CA VAL A 195 -7.36 4.26 14.79
C VAL A 195 -8.60 3.35 14.95
N PHE A 196 -9.77 3.87 14.55
CA PHE A 196 -11.03 3.16 14.72
C PHE A 196 -11.50 2.83 13.31
N CYS A 197 -11.59 1.56 12.95
CA CYS A 197 -11.83 1.17 11.55
C CYS A 197 -12.99 0.17 11.47
N CYS A 198 -14.05 0.52 10.73
CA CYS A 198 -15.23 -0.35 10.58
C CYS A 198 -15.74 -0.25 9.14
N ASN A 199 -16.72 -1.05 8.80
CA ASN A 199 -17.30 -1.06 7.49
C ASN A 199 -18.60 -0.35 7.50
N GLU A 200 -19.24 -0.30 6.34
CA GLU A 200 -20.44 0.53 6.15
C GLU A 200 -21.61 0.05 7.03
N SER A 201 -21.85 -1.24 7.06
CA SER A 201 -22.95 -1.75 7.85
C SER A 201 -22.72 -1.58 9.39
N GLU A 202 -21.48 -1.70 9.82
CA GLU A 202 -21.06 -1.48 11.19
C GLU A 202 -21.24 -0.02 11.54
N ALA A 203 -20.84 0.89 10.64
CA ALA A 203 -21.03 2.29 10.89
C ALA A 203 -22.52 2.60 11.11
N GLU A 204 -23.37 2.01 10.28
CA GLU A 204 -24.81 2.24 10.39
C GLU A 204 -25.30 1.78 11.78
N ILE A 205 -24.90 0.59 12.19
CA ILE A 205 -25.29 0.04 13.53
C ILE A 205 -24.83 1.03 14.60
N LEU A 206 -23.61 1.52 14.48
CA LEU A 206 -23.04 2.34 15.53
C LEU A 206 -23.62 3.75 15.60
N THR A 207 -24.18 4.27 14.51
CA THR A 207 -24.65 5.67 14.44
C THR A 207 -26.11 5.84 14.07
N GLY A 208 -26.76 4.79 13.55
CA GLY A 208 -28.17 4.86 13.09
C GLY A 208 -28.31 5.50 11.70
N LEU A 209 -27.17 5.94 11.13
CA LEU A 209 -27.22 6.68 9.91
C LEU A 209 -27.08 5.70 8.78
N THR A 210 -27.56 6.05 7.64
CA THR A 210 -27.46 5.24 6.46
C THR A 210 -26.13 5.61 5.77
N VAL A 211 -25.41 4.61 5.27
CA VAL A 211 -24.19 4.88 4.56
C VAL A 211 -24.28 4.33 3.13
N GLY A 212 -24.78 5.15 2.21
CA GLY A 212 -24.88 4.73 0.83
C GLY A 212 -23.95 5.41 -0.15
N SER A 213 -22.91 6.08 0.32
CA SER A 213 -22.09 6.93 -0.49
C SER A 213 -20.86 7.28 0.32
N ALA A 214 -19.79 7.68 -0.36
CA ALA A 214 -18.63 8.25 0.34
C ALA A 214 -19.02 9.45 1.19
N ALA A 215 -19.86 10.34 0.66
CA ALA A 215 -20.34 11.49 1.45
C ALA A 215 -21.05 11.01 2.76
N ASP A 216 -21.92 10.03 2.60
CA ASP A 216 -22.63 9.51 3.77
C ASP A 216 -21.66 8.90 4.77
N ALA A 217 -20.65 8.17 4.27
CA ALA A 217 -19.67 7.61 5.13
C ALA A 217 -18.89 8.64 5.92
N GLY A 218 -18.59 9.76 5.24
CA GLY A 218 -18.00 10.91 5.90
C GLY A 218 -18.80 11.49 7.05
N GLU A 219 -20.12 11.55 6.89
CA GLU A 219 -20.98 11.99 7.95
C GLU A 219 -21.03 11.03 9.13
N ALA A 220 -21.13 9.73 8.83
CA ALA A 220 -21.04 8.70 9.90
C ALA A 220 -19.70 8.73 10.62
N ALA A 221 -18.64 8.90 9.84
CA ALA A 221 -17.31 8.96 10.44
C ALA A 221 -17.11 10.14 11.40
N LEU A 222 -17.72 11.26 11.07
CA LEU A 222 -17.60 12.43 11.92
C LEU A 222 -18.35 12.23 13.26
N VAL A 223 -19.50 11.52 13.23
CA VAL A 223 -20.21 11.16 14.48
C VAL A 223 -19.28 10.32 15.35
N LEU A 224 -18.56 9.36 14.74
CA LEU A 224 -17.62 8.47 15.47
C LEU A 224 -16.39 9.21 16.00
N LEU A 225 -15.91 10.15 15.22
CA LEU A 225 -14.80 10.99 15.60
C LEU A 225 -15.12 11.74 16.86
N LYS A 226 -16.30 12.34 16.89
CA LYS A 226 -16.68 13.19 17.97
C LYS A 226 -16.98 12.40 19.26
N ARG A 227 -17.14 11.08 19.18
CA ARG A 227 -17.15 10.25 20.39
C ARG A 227 -15.76 10.08 21.00
N GLY A 228 -14.72 10.57 20.36
CA GLY A 228 -13.36 10.57 20.93
C GLY A 228 -12.31 9.74 20.25
N CYS A 229 -12.58 9.24 19.04
CA CYS A 229 -11.54 8.50 18.28
C CYS A 229 -10.52 9.51 17.77
N GLN A 230 -9.28 9.13 17.59
CA GLN A 230 -8.31 10.03 16.98
C GLN A 230 -8.46 9.98 15.46
N VAL A 231 -8.62 8.78 14.90
CA VAL A 231 -8.75 8.56 13.43
C VAL A 231 -9.91 7.61 13.23
N VAL A 232 -10.76 7.89 12.22
CA VAL A 232 -11.87 7.03 11.90
C VAL A 232 -11.76 6.71 10.41
N ILE A 233 -11.85 5.43 10.10
CA ILE A 233 -11.84 4.90 8.73
C ILE A 233 -13.09 4.06 8.58
N ILE A 234 -13.86 4.33 7.51
CA ILE A 234 -14.95 3.46 7.13
C ILE A 234 -14.58 2.83 5.82
N THR A 235 -14.53 1.51 5.80
CA THR A 235 -14.33 0.78 4.55
C THR A 235 -15.62 0.67 3.76
N LEU A 236 -15.51 0.66 2.45
CA LEU A 236 -16.62 0.80 1.53
C LEU A 236 -16.65 -0.26 0.42
N GLY A 237 -16.07 -1.44 0.68
CA GLY A 237 -16.07 -2.48 -0.35
C GLY A 237 -15.35 -1.95 -1.57
N ALA A 238 -15.98 -2.06 -2.72
CA ALA A 238 -15.36 -1.67 -4.02
C ALA A 238 -15.11 -0.17 -4.12
N GLU A 239 -15.67 0.62 -3.20
CA GLU A 239 -15.54 2.06 -3.19
C GLU A 239 -14.34 2.52 -2.36
N GLY A 240 -13.57 1.59 -1.87
CA GLY A 240 -12.33 1.88 -1.13
C GLY A 240 -12.59 2.18 0.31
N CYS A 241 -12.23 3.40 0.76
CA CYS A 241 -12.48 3.82 2.12
C CYS A 241 -12.58 5.31 2.25
N VAL A 242 -13.07 5.74 3.42
CA VAL A 242 -13.17 7.14 3.75
C VAL A 242 -12.52 7.30 5.10
N VAL A 243 -11.77 8.36 5.25
CA VAL A 243 -10.99 8.60 6.45
C VAL A 243 -11.10 10.07 6.92
N LEU A 244 -11.07 10.25 8.25
CA LEU A 244 -10.84 11.54 8.84
C LEU A 244 -10.14 11.38 10.20
N SER A 245 -9.73 12.50 10.78
CA SER A 245 -8.96 12.48 12.03
C SER A 245 -9.23 13.74 12.80
N GLN A 246 -8.83 13.74 14.07
CA GLN A 246 -8.93 14.98 14.85
C GLN A 246 -8.12 16.12 14.19
N THR A 247 -6.92 15.84 13.66
CA THR A 247 -6.10 16.93 13.09
C THR A 247 -6.61 17.36 11.69
N GLU A 248 -7.26 16.44 10.98
CA GLU A 248 -7.83 16.73 9.68
C GLU A 248 -9.26 16.18 9.62
N PRO A 249 -10.22 16.91 10.17
CA PRO A 249 -11.56 16.37 10.33
C PRO A 249 -12.43 16.41 9.10
N GLU A 250 -11.93 16.93 7.99
CA GLU A 250 -12.69 16.84 6.73
C GLU A 250 -12.45 15.51 6.09
N PRO A 251 -13.50 14.72 5.90
CA PRO A 251 -13.28 13.40 5.32
C PRO A 251 -12.67 13.36 3.90
N LYS A 252 -11.81 12.38 3.69
N LYS A 252 -11.81 12.38 3.69
CA LYS A 252 -11.18 12.06 2.39
CA LYS A 252 -11.19 12.06 2.38
C LYS A 252 -11.66 10.70 1.87
C LYS A 252 -11.66 10.70 1.87
N HIS A 253 -11.92 10.63 0.56
CA HIS A 253 -12.33 9.37 -0.08
C HIS A 253 -11.15 8.81 -0.77
N ILE A 254 -10.76 7.60 -0.40
CA ILE A 254 -9.61 6.89 -1.02
C ILE A 254 -10.17 5.76 -1.91
N PRO A 255 -10.37 6.05 -3.21
CA PRO A 255 -10.97 5.02 -4.06
C PRO A 255 -9.95 3.96 -4.49
N THR A 256 -10.45 2.88 -5.05
CA THR A 256 -9.63 1.73 -5.40
C THR A 256 -10.06 1.31 -6.82
N GLU A 257 -9.14 0.77 -7.57
CA GLU A 257 -9.44 0.48 -9.02
C GLU A 257 -10.35 -0.75 -9.09
N LYS A 258 -11.10 -0.78 -10.15
CA LYS A 258 -12.00 -1.87 -10.40
C LYS A 258 -11.19 -3.17 -10.61
N VAL A 259 -11.47 -4.18 -9.79
CA VAL A 259 -10.98 -5.55 -10.01
C VAL A 259 -12.20 -6.52 -10.11
N LYS A 260 -11.97 -7.73 -10.56
CA LYS A 260 -13.00 -8.75 -10.63
C LYS A 260 -12.91 -9.56 -9.34
N ALA A 261 -13.84 -9.29 -8.44
CA ALA A 261 -13.97 -10.03 -7.18
C ALA A 261 -14.40 -11.50 -7.37
N VAL A 262 -13.62 -12.43 -6.80
CA VAL A 262 -14.00 -13.86 -6.77
C VAL A 262 -14.67 -14.16 -5.42
N ASP A 263 -14.08 -13.67 -4.31
CA ASP A 263 -14.65 -13.97 -2.98
C ASP A 263 -14.16 -12.92 -2.03
N THR A 264 -15.04 -12.04 -1.61
CA THR A 264 -14.71 -10.95 -0.71
C THR A 264 -14.62 -11.30 0.82
N THR A 265 -14.89 -12.57 1.18
CA THR A 265 -14.96 -12.95 2.57
C THR A 265 -13.65 -12.63 3.24
N GLY A 266 -13.71 -11.91 4.34
CA GLY A 266 -12.46 -11.53 4.98
C GLY A 266 -11.65 -10.37 4.44
N ALA A 267 -12.20 -9.62 3.48
CA ALA A 267 -11.44 -8.49 2.89
C ALA A 267 -11.16 -7.44 3.93
N GLY A 268 -12.14 -7.19 4.80
CA GLY A 268 -11.95 -6.21 5.85
C GLY A 268 -10.77 -6.56 6.83
N ASP A 269 -10.64 -7.83 7.11
CA ASP A 269 -9.52 -8.31 7.91
C ASP A 269 -8.21 -8.14 7.24
N SER A 270 -8.18 -8.34 5.90
CA SER A 270 -6.97 -8.14 5.11
C SER A 270 -6.58 -6.68 5.16
N PHE A 271 -7.58 -5.78 5.01
CA PHE A 271 -7.37 -4.35 5.10
C PHE A 271 -6.77 -3.95 6.44
N VAL A 272 -7.37 -4.43 7.52
CA VAL A 272 -6.96 -4.04 8.83
C VAL A 272 -5.54 -4.60 9.15
N GLY A 273 -5.27 -5.83 8.74
CA GLY A 273 -3.96 -6.41 8.97
C GLY A 273 -2.89 -5.65 8.21
N ALA A 274 -3.23 -5.24 7.00
CA ALA A 274 -2.29 -4.43 6.22
C ALA A 274 -2.02 -3.11 6.90
N LEU A 275 -3.10 -2.46 7.35
CA LEU A 275 -2.93 -1.18 8.02
C LEU A 275 -2.07 -1.33 9.25
N ALA A 276 -2.28 -2.39 10.06
CA ALA A 276 -1.44 -2.61 11.23
C ALA A 276 0.06 -2.71 10.78
N PHE A 277 0.31 -3.48 9.71
CA PHE A 277 1.67 -3.62 9.20
C PHE A 277 2.25 -2.23 8.89
N TYR A 278 1.51 -1.37 8.19
CA TYR A 278 2.03 -0.05 7.81
C TYR A 278 2.23 0.89 9.06
N LEU A 279 1.28 0.89 10.00
CA LEU A 279 1.40 1.62 11.19
C LEU A 279 2.68 1.24 11.96
N ALA A 280 2.98 -0.06 11.96
CA ALA A 280 4.09 -0.55 12.69
C ALA A 280 5.43 -0.35 11.98
N TYR A 281 5.51 -0.55 10.66
CA TYR A 281 6.79 -0.64 9.98
C TYR A 281 7.02 0.54 9.00
N TYR A 282 5.98 1.31 8.66
CA TYR A 282 6.12 2.48 7.86
C TYR A 282 5.49 3.71 8.51
N PRO A 283 5.92 4.02 9.78
CA PRO A 283 5.20 5.05 10.48
C PRO A 283 5.23 6.46 9.83
N ASN A 284 6.20 6.74 8.99
CA ASN A 284 6.32 8.09 8.39
C ASN A 284 5.48 8.31 7.12
N LEU A 285 4.83 7.27 6.63
CA LEU A 285 3.92 7.42 5.45
C LEU A 285 2.69 8.22 5.89
N SER A 286 2.13 9.00 4.99
CA SER A 286 0.83 9.64 5.29
C SER A 286 -0.19 8.53 5.60
N LEU A 287 -1.17 8.87 6.39
CA LEU A 287 -2.27 7.94 6.57
C LEU A 287 -2.94 7.55 5.26
N GLU A 288 -3.09 8.51 4.37
CA GLU A 288 -3.79 8.29 3.08
C GLU A 288 -2.96 7.31 2.20
N ASP A 289 -1.65 7.45 2.18
CA ASP A 289 -0.79 6.48 1.56
C ASP A 289 -0.97 5.07 2.17
N MET A 290 -0.95 4.96 3.51
CA MET A 290 -1.15 3.70 4.16
C MET A 290 -2.42 3.03 3.74
N LEU A 291 -3.47 3.85 3.65
CA LEU A 291 -4.78 3.32 3.33
C LEU A 291 -4.91 2.98 1.84
N ASN A 292 -4.25 3.72 0.99
CA ASN A 292 -4.15 3.35 -0.43
C ASN A 292 -3.48 1.99 -0.64
N ARG A 293 -2.41 1.74 0.09
CA ARG A 293 -1.68 0.48 0.01
C ARG A 293 -2.54 -0.68 0.64
N SER A 294 -3.23 -0.35 1.73
CA SER A 294 -4.09 -1.32 2.37
C SER A 294 -5.28 -1.71 1.46
N ASN A 295 -5.89 -0.72 0.78
CA ASN A 295 -6.89 -1.00 -0.23
C ASN A 295 -6.34 -1.99 -1.25
N PHE A 296 -5.16 -1.74 -1.80
CA PHE A 296 -4.59 -2.62 -2.82
C PHE A 296 -4.47 -4.06 -2.32
N ILE A 297 -3.96 -4.23 -1.10
CA ILE A 297 -3.71 -5.50 -0.54
C ILE A 297 -5.05 -6.30 -0.31
N ALA A 298 -6.05 -5.61 0.25
CA ALA A 298 -7.40 -6.20 0.49
C ALA A 298 -7.98 -6.57 -0.84
N ALA A 299 -7.75 -5.74 -1.84
CA ALA A 299 -8.32 -6.03 -3.21
C ALA A 299 -7.69 -7.24 -3.88
N VAL A 300 -6.42 -7.49 -3.57
CA VAL A 300 -5.80 -8.75 -3.99
C VAL A 300 -6.53 -9.91 -3.33
N SER A 301 -6.79 -9.80 -2.03
CA SER A 301 -7.54 -10.83 -1.32
C SER A 301 -8.91 -11.10 -1.96
N VAL A 302 -9.63 -10.09 -2.42
CA VAL A 302 -10.94 -10.37 -3.03
C VAL A 302 -10.92 -11.08 -4.39
N GLN A 303 -9.75 -11.10 -5.02
CA GLN A 303 -9.57 -11.84 -6.28
C GLN A 303 -9.31 -13.32 -6.11
N ALA A 304 -9.38 -13.86 -4.90
CA ALA A 304 -9.24 -15.30 -4.75
C ALA A 304 -10.08 -15.86 -3.62
N ALA A 305 -10.37 -17.15 -3.73
CA ALA A 305 -11.25 -17.81 -2.79
C ALA A 305 -10.57 -18.01 -1.44
N GLY A 306 -11.40 -18.09 -0.42
CA GLY A 306 -11.06 -18.82 0.84
C GLY A 306 -10.35 -18.14 2.04
N THR A 307 -10.67 -16.88 2.22
CA THR A 307 -10.28 -16.06 3.39
C THR A 307 -8.78 -16.02 3.64
N GLN A 308 -8.25 -16.66 4.71
CA GLN A 308 -6.79 -16.62 4.93
C GLN A 308 -5.99 -17.11 3.72
N SER A 309 -6.47 -18.12 3.00
N SER A 309 -6.48 -18.11 3.00
CA SER A 309 -5.74 -18.61 1.83
CA SER A 309 -5.77 -18.61 1.82
C SER A 309 -5.64 -17.58 0.70
C SER A 309 -5.65 -17.58 0.70
N SER A 310 -6.49 -16.56 0.69
CA SER A 310 -6.41 -15.51 -0.35
C SER A 310 -5.52 -14.36 0.00
N TYR A 311 -5.00 -14.31 1.26
CA TYR A 311 -4.24 -13.20 1.70
C TYR A 311 -2.81 -13.25 1.11
N PRO A 312 -2.42 -12.22 0.41
CA PRO A 312 -1.14 -12.27 -0.32
C PRO A 312 0.08 -12.08 0.61
N TYR A 313 1.20 -12.67 0.20
CA TYR A 313 2.49 -12.49 0.79
C TYR A 313 3.21 -11.41 0.06
N LYS A 314 4.24 -10.85 0.67
CA LYS A 314 5.05 -9.88 0.01
C LYS A 314 5.47 -10.35 -1.40
N LYS A 315 5.93 -11.58 -1.52
CA LYS A 315 6.43 -12.07 -2.80
C LYS A 315 5.38 -12.00 -3.96
N ASP A 316 4.09 -11.98 -3.61
CA ASP A 316 2.94 -11.93 -4.52
C ASP A 316 2.50 -10.50 -4.85
N LEU A 317 3.19 -9.50 -4.29
CA LEU A 317 2.78 -8.14 -4.36
C LEU A 317 3.82 -7.25 -5.07
N PRO A 318 3.35 -6.16 -5.73
CA PRO A 318 4.28 -5.20 -6.36
C PRO A 318 5.18 -4.57 -5.25
N LEU A 319 6.45 -4.36 -5.62
CA LEU A 319 7.43 -3.86 -4.66
C LEU A 319 7.18 -2.43 -4.22
N THR A 320 6.44 -1.67 -4.98
CA THR A 320 6.07 -0.31 -4.63
C THR A 320 5.26 -0.22 -3.36
N LEU A 321 4.56 -1.32 -2.98
CA LEU A 321 3.90 -1.37 -1.68
C LEU A 321 4.81 -1.32 -0.46
N PHE A 322 6.08 -1.59 -0.65
CA PHE A 322 7.11 -1.63 0.43
C PHE A 322 8.13 -0.50 0.38
N LEU A 323 7.89 0.51 -0.45
CA LEU A 323 8.76 1.71 -0.54
C LEU A 323 8.58 2.61 0.66
N GLU A 324 9.72 3.09 1.15
CA GLU A 324 9.82 3.85 2.41
C GLU A 324 9.30 5.31 2.19
N HIS A 325 9.23 5.72 0.96
N HIS A 325 9.24 5.72 0.94
CA HIS A 325 8.72 7.06 0.61
CA HIS A 325 8.70 7.02 0.55
C HIS A 325 7.36 6.92 -0.12
C HIS A 325 7.33 6.90 -0.09
N HIS A 326 6.65 8.03 -0.22
CA HIS A 326 5.32 8.07 -0.85
C HIS A 326 5.33 7.42 -2.25
N HIS A 327 4.34 6.56 -2.54
CA HIS A 327 4.17 6.04 -3.89
C HIS A 327 2.70 5.75 -4.13
N HIS A 328 2.10 6.35 -5.17
CA HIS A 328 0.68 6.21 -5.37
C HIS A 328 0.23 4.97 -6.14
N HIS A 329 0.77 4.77 -7.36
CA HIS A 329 0.15 3.75 -8.28
C HIS A 329 0.92 2.40 -8.06
N HIS A 330 0.19 1.38 -7.58
CA HIS A 330 0.74 0.03 -7.42
C HIS A 330 0.28 -0.95 -8.52
N VAL B 15 -22.08 -65.07 15.56
CA VAL B 15 -22.74 -64.61 14.28
C VAL B 15 -23.53 -63.33 14.55
N ALA B 16 -23.35 -62.29 13.70
CA ALA B 16 -24.11 -61.04 13.83
C ALA B 16 -25.60 -61.31 13.51
N ALA B 17 -26.45 -60.88 14.43
CA ALA B 17 -27.86 -60.96 14.24
C ALA B 17 -28.45 -59.73 13.59
N VAL B 18 -27.81 -58.61 13.75
CA VAL B 18 -28.29 -57.32 13.21
C VAL B 18 -27.16 -56.81 12.28
N VAL B 19 -27.49 -56.62 10.99
CA VAL B 19 -26.56 -56.08 10.04
C VAL B 19 -27.15 -54.72 9.63
N VAL B 20 -26.33 -53.68 9.72
CA VAL B 20 -26.78 -52.34 9.32
C VAL B 20 -25.99 -52.03 8.11
N VAL B 21 -26.68 -51.72 7.03
CA VAL B 21 -26.02 -51.23 5.84
C VAL B 21 -26.41 -49.77 5.62
N GLY B 22 -25.46 -48.88 5.90
CA GLY B 22 -25.78 -47.45 6.06
C GLY B 22 -24.63 -46.55 6.45
N SER B 23 -24.99 -45.43 7.09
CA SER B 23 -24.15 -44.27 7.08
C SER B 23 -23.37 -44.07 8.41
N CYS B 24 -22.17 -43.55 8.31
CA CYS B 24 -21.42 -42.96 9.46
C CYS B 24 -21.12 -41.50 9.11
N MET B 25 -21.33 -40.58 10.02
CA MET B 25 -21.07 -39.17 9.80
C MET B 25 -20.41 -38.61 11.07
N THR B 26 -19.54 -37.60 10.88
CA THR B 26 -19.09 -36.75 11.97
C THR B 26 -20.11 -35.66 12.17
N ASP B 27 -20.68 -35.61 13.36
CA ASP B 27 -21.68 -34.63 13.74
C ASP B 27 -20.91 -33.40 14.29
N LEU B 28 -21.19 -32.27 13.71
CA LEU B 28 -20.64 -30.97 14.08
C LEU B 28 -21.87 -30.17 14.57
N VAL B 29 -22.00 -30.13 15.90
CA VAL B 29 -23.23 -29.67 16.54
C VAL B 29 -23.10 -28.36 17.21
N SER B 30 -23.97 -27.42 16.87
CA SER B 30 -24.02 -26.14 17.55
C SER B 30 -25.36 -25.98 18.25
N LEU B 31 -25.33 -25.69 19.54
CA LEU B 31 -26.54 -25.40 20.28
C LEU B 31 -26.80 -23.94 20.32
N THR B 32 -28.03 -23.54 19.97
CA THR B 32 -28.46 -22.12 19.90
C THR B 32 -29.84 -21.97 20.53
N SER B 33 -30.26 -20.75 20.76
CA SER B 33 -31.63 -20.49 21.26
C SER B 33 -32.60 -20.07 20.10
N ARG B 34 -32.08 -19.84 18.90
CA ARG B 34 -32.89 -19.59 17.74
C ARG B 34 -32.25 -20.13 16.52
N LEU B 35 -33.00 -20.32 15.46
CA LEU B 35 -32.40 -20.70 14.22
C LEU B 35 -32.11 -19.44 13.48
N PRO B 36 -31.06 -19.42 12.65
CA PRO B 36 -30.84 -18.30 11.75
C PRO B 36 -31.71 -18.26 10.52
N LYS B 37 -32.09 -17.06 10.12
CA LYS B 37 -32.70 -16.74 8.81
C LYS B 37 -31.64 -16.27 7.80
N THR B 38 -32.01 -16.18 6.53
CA THR B 38 -31.08 -15.88 5.43
C THR B 38 -30.34 -14.62 5.72
N GLY B 39 -29.04 -14.64 5.47
CA GLY B 39 -28.20 -13.43 5.64
C GLY B 39 -27.71 -13.26 7.07
N GLU B 40 -28.23 -14.04 7.99
CA GLU B 40 -28.13 -13.77 9.39
C GLU B 40 -26.98 -14.60 10.05
N THR B 41 -26.28 -13.95 10.98
CA THR B 41 -25.26 -14.55 11.80
C THR B 41 -25.90 -14.63 13.16
N ILE B 42 -25.87 -15.79 13.81
CA ILE B 42 -26.33 -15.84 15.19
C ILE B 42 -25.27 -16.55 16.05
N HIS B 43 -25.35 -16.32 17.35
CA HIS B 43 -24.44 -16.90 18.29
C HIS B 43 -25.09 -18.04 19.01
N GLY B 44 -24.39 -19.15 19.09
CA GLY B 44 -24.83 -20.30 19.87
C GLY B 44 -24.06 -20.32 21.18
N HIS B 45 -24.42 -21.23 22.05
CA HIS B 45 -23.76 -21.25 23.36
C HIS B 45 -22.89 -22.49 23.53
N LYS B 46 -22.95 -23.47 22.66
CA LYS B 46 -22.04 -24.57 22.75
C LYS B 46 -21.82 -25.26 21.45
N PHE B 47 -20.65 -25.82 21.29
CA PHE B 47 -20.32 -26.59 20.11
C PHE B 47 -19.65 -27.89 20.55
N PHE B 48 -19.95 -28.99 19.85
CA PHE B 48 -19.30 -30.24 20.06
C PHE B 48 -19.31 -31.14 18.87
N ILE B 49 -18.35 -32.06 18.88
CA ILE B 49 -18.20 -33.07 17.85
C ILE B 49 -18.74 -34.38 18.37
N GLY B 50 -19.46 -35.09 17.55
CA GLY B 50 -19.98 -36.40 17.94
C GLY B 50 -19.92 -37.39 16.82
N PHE B 51 -20.06 -38.66 17.20
CA PHE B 51 -20.21 -39.69 16.21
C PHE B 51 -21.66 -39.86 15.86
N GLY B 52 -21.99 -39.69 14.58
CA GLY B 52 -23.29 -39.77 14.13
C GLY B 52 -23.47 -40.59 12.89
N GLY B 53 -24.45 -40.19 12.10
CA GLY B 53 -24.90 -40.99 10.95
C GLY B 53 -26.03 -41.91 11.46
N LYS B 54 -27.11 -41.95 10.69
CA LYS B 54 -28.28 -42.73 11.10
C LYS B 54 -27.98 -44.24 11.22
N GLY B 55 -27.20 -44.74 10.27
CA GLY B 55 -26.80 -46.16 10.28
C GLY B 55 -26.06 -46.56 11.51
N ALA B 56 -24.97 -45.84 11.73
CA ALA B 56 -24.15 -46.11 12.88
C ALA B 56 -24.92 -45.87 14.22
N ASN B 57 -25.77 -44.82 14.28
CA ASN B 57 -26.44 -44.53 15.50
C ASN B 57 -27.35 -45.70 15.83
N GLN B 58 -28.05 -46.22 14.81
CA GLN B 58 -28.96 -47.33 14.98
C GLN B 58 -28.17 -48.58 15.42
N CYS B 59 -27.04 -48.83 14.76
CA CYS B 59 -26.22 -49.98 15.08
C CYS B 59 -25.71 -49.89 16.52
N VAL B 60 -25.30 -48.68 16.93
CA VAL B 60 -24.76 -48.46 18.31
C VAL B 60 -25.84 -48.78 19.36
N GLN B 61 -27.06 -48.30 19.17
CA GLN B 61 -28.11 -48.59 20.15
C GLN B 61 -28.37 -50.07 20.23
N ALA B 62 -28.48 -50.74 19.07
CA ALA B 62 -28.71 -52.20 19.05
C ALA B 62 -27.58 -52.95 19.77
N ALA B 63 -26.33 -52.55 19.49
CA ALA B 63 -25.18 -53.14 20.15
C ALA B 63 -25.22 -52.98 21.68
N ARG B 64 -25.56 -51.80 22.15
CA ARG B 64 -25.55 -51.51 23.58
C ARG B 64 -26.63 -52.28 24.33
N LEU B 65 -27.67 -52.70 23.63
CA LEU B 65 -28.71 -53.55 24.21
C LEU B 65 -28.32 -55.00 24.29
N GLY B 66 -27.20 -55.32 23.68
CA GLY B 66 -26.63 -56.67 23.69
C GLY B 66 -26.62 -57.32 22.32
N ALA B 67 -27.02 -56.67 21.24
CA ALA B 67 -27.00 -57.31 19.93
C ALA B 67 -25.58 -57.49 19.45
N MET B 68 -25.35 -58.62 18.78
CA MET B 68 -24.16 -58.82 17.96
C MET B 68 -24.43 -58.19 16.61
N THR B 69 -23.65 -57.18 16.26
CA THR B 69 -23.93 -56.37 15.06
C THR B 69 -22.74 -56.30 14.08
N SER B 70 -23.05 -55.93 12.85
CA SER B 70 -22.08 -55.68 11.86
C SER B 70 -22.47 -54.42 11.11
N MET B 71 -21.53 -53.49 10.99
CA MET B 71 -21.77 -52.23 10.34
C MET B 71 -21.10 -52.25 8.96
N VAL B 72 -21.92 -52.18 7.90
CA VAL B 72 -21.48 -52.19 6.53
C VAL B 72 -21.56 -50.71 6.09
N CYS B 73 -20.38 -50.06 5.84
CA CYS B 73 -20.36 -48.64 5.62
C CYS B 73 -19.05 -48.26 5.01
N LYS B 74 -18.96 -47.01 4.62
CA LYS B 74 -17.73 -46.45 4.09
C LYS B 74 -17.44 -45.06 4.66
N VAL B 75 -16.21 -44.92 5.18
CA VAL B 75 -15.71 -43.65 5.73
C VAL B 75 -14.46 -43.26 4.98
N GLY B 76 -13.98 -42.08 5.27
CA GLY B 76 -12.71 -41.62 4.66
C GLY B 76 -11.47 -42.20 5.28
N LYS B 77 -10.37 -42.14 4.53
CA LYS B 77 -9.02 -42.35 5.01
C LYS B 77 -8.58 -41.01 5.49
N ASP B 78 -9.18 -40.57 6.55
CA ASP B 78 -8.92 -39.35 7.16
C ASP B 78 -9.09 -39.53 8.69
N SER B 79 -8.67 -38.52 9.45
CA SER B 79 -8.72 -38.61 10.91
C SER B 79 -10.07 -38.95 11.46
N PHE B 80 -11.08 -38.22 11.01
CA PHE B 80 -12.44 -38.48 11.41
C PHE B 80 -12.88 -39.93 11.09
N GLY B 81 -12.42 -40.46 9.98
CA GLY B 81 -12.72 -41.85 9.62
C GLY B 81 -12.03 -42.87 10.47
N ASN B 82 -10.75 -42.65 10.72
CA ASN B 82 -10.01 -43.49 11.70
C ASN B 82 -10.69 -43.47 13.10
N ASP B 83 -11.11 -42.27 13.53
CA ASP B 83 -11.81 -42.09 14.81
C ASP B 83 -13.15 -42.84 14.79
N TYR B 84 -13.89 -42.74 13.67
CA TYR B 84 -15.12 -43.48 13.50
C TYR B 84 -14.92 -45.02 13.71
N ILE B 85 -13.94 -45.60 13.01
CA ILE B 85 -13.66 -47.00 13.13
C ILE B 85 -13.40 -47.39 14.61
N GLU B 86 -12.57 -46.62 15.31
CA GLU B 86 -12.36 -46.84 16.70
C GLU B 86 -13.64 -46.76 17.55
N ASN B 87 -14.48 -45.78 17.24
CA ASN B 87 -15.79 -45.67 17.87
C ASN B 87 -16.64 -46.98 17.72
N LEU B 88 -16.70 -47.48 16.52
CA LEU B 88 -17.47 -48.71 16.23
C LEU B 88 -16.92 -49.89 17.06
N LYS B 89 -15.58 -50.04 17.05
CA LYS B 89 -14.92 -51.05 17.85
C LYS B 89 -15.18 -50.87 19.37
N GLN B 90 -15.12 -49.65 19.87
CA GLN B 90 -15.44 -49.38 21.28
C GLN B 90 -16.85 -49.80 21.66
N ASN B 91 -17.75 -49.80 20.67
CA ASN B 91 -19.15 -50.24 20.89
C ASN B 91 -19.39 -51.71 20.55
N ASP B 92 -18.31 -52.46 20.38
CA ASP B 92 -18.35 -53.93 20.12
C ASP B 92 -19.05 -54.30 18.80
N ILE B 93 -18.96 -53.42 17.83
CA ILE B 93 -19.61 -53.58 16.54
C ILE B 93 -18.54 -54.15 15.61
N SER B 94 -18.87 -55.18 14.84
CA SER B 94 -17.97 -55.68 13.81
C SER B 94 -17.76 -54.65 12.74
N THR B 95 -16.48 -54.41 12.44
CA THR B 95 -16.04 -53.51 11.34
C THR B 95 -15.51 -54.27 10.12
N GLU B 96 -15.83 -55.57 10.03
CA GLU B 96 -15.40 -56.43 8.92
C GLU B 96 -15.68 -55.82 7.57
N PHE B 97 -16.82 -55.14 7.46
CA PHE B 97 -17.26 -54.51 6.21
C PHE B 97 -17.44 -52.99 6.38
N THR B 98 -16.65 -52.38 7.27
CA THR B 98 -16.46 -50.95 7.36
C THR B 98 -15.24 -50.54 6.54
N TYR B 99 -15.48 -49.91 5.41
CA TYR B 99 -14.42 -49.58 4.45
C TYR B 99 -13.91 -48.16 4.58
N GLN B 100 -12.70 -47.89 4.05
CA GLN B 100 -12.14 -46.58 4.06
C GLN B 100 -11.75 -46.25 2.63
N THR B 101 -11.99 -45.04 2.20
CA THR B 101 -11.59 -44.62 0.87
C THR B 101 -10.77 -43.34 0.93
N LYS B 102 -9.78 -43.23 0.09
CA LYS B 102 -9.07 -41.97 -0.03
C LYS B 102 -9.72 -41.01 -1.00
N ASP B 103 -10.78 -41.43 -1.66
CA ASP B 103 -11.41 -40.57 -2.65
C ASP B 103 -12.55 -39.68 -2.18
N ALA B 104 -12.90 -39.75 -0.92
CA ALA B 104 -13.86 -38.82 -0.37
C ALA B 104 -13.59 -38.75 1.14
N ALA B 105 -14.03 -37.69 1.77
CA ALA B 105 -13.89 -37.57 3.21
C ALA B 105 -15.02 -38.28 3.88
N THR B 106 -14.78 -38.67 5.14
CA THR B 106 -15.85 -39.13 6.02
C THR B 106 -17.02 -38.17 5.92
N GLY B 107 -18.22 -38.71 5.87
CA GLY B 107 -19.42 -37.82 5.90
C GLY B 107 -19.53 -36.85 7.03
N THR B 108 -20.20 -35.70 6.79
CA THR B 108 -20.34 -34.69 7.77
C THR B 108 -21.80 -34.29 7.92
N ALA B 109 -22.28 -34.12 9.17
CA ALA B 109 -23.62 -33.60 9.45
C ALA B 109 -23.41 -32.40 10.29
N SER B 110 -23.72 -31.24 9.71
CA SER B 110 -23.72 -30.02 10.51
C SER B 110 -25.12 -29.86 11.05
N ILE B 111 -25.23 -29.78 12.34
CA ILE B 111 -26.51 -29.72 13.04
C ILE B 111 -26.62 -28.51 13.92
N ILE B 112 -27.62 -27.68 13.67
CA ILE B 112 -27.92 -26.57 14.49
C ILE B 112 -29.20 -27.04 15.29
N VAL B 113 -29.10 -27.00 16.61
CA VAL B 113 -30.14 -27.49 17.52
C VAL B 113 -30.52 -26.31 18.27
N ASN B 114 -31.68 -25.88 17.90
CA ASN B 114 -32.32 -24.92 18.56
C ASN B 114 -33.14 -25.50 19.71
N ASN B 115 -32.67 -25.30 20.93
CA ASN B 115 -33.40 -25.64 22.11
C ASN B 115 -34.82 -25.02 22.15
N GLU B 116 -35.08 -23.97 21.38
CA GLU B 116 -36.45 -23.31 21.34
C GLU B 116 -37.31 -23.65 20.10
N GLY B 117 -36.93 -24.71 19.38
CA GLY B 117 -37.75 -25.30 18.32
C GLY B 117 -37.12 -26.31 17.36
N GLN B 118 -37.40 -26.18 16.08
CA GLN B 118 -36.88 -27.16 15.10
C GLN B 118 -35.40 -26.89 14.72
N ASN B 119 -34.70 -27.92 14.26
CA ASN B 119 -33.32 -27.84 13.88
C ASN B 119 -33.17 -27.58 12.49
N ILE B 120 -31.94 -27.36 12.06
CA ILE B 120 -31.55 -27.47 10.68
C ILE B 120 -30.29 -28.36 10.57
N ILE B 121 -30.28 -29.20 9.55
CA ILE B 121 -29.22 -30.09 9.34
C ILE B 121 -28.79 -29.98 7.91
N VAL B 122 -27.49 -29.95 7.73
CA VAL B 122 -26.86 -30.02 6.42
C VAL B 122 -25.87 -31.18 6.40
N ILE B 123 -26.18 -32.16 5.59
CA ILE B 123 -25.37 -33.33 5.41
C ILE B 123 -24.53 -33.25 4.15
N VAL B 124 -23.23 -33.46 4.27
CA VAL B 124 -22.38 -33.67 3.11
C VAL B 124 -21.91 -35.10 3.24
N ALA B 125 -22.53 -35.99 2.48
CA ALA B 125 -22.45 -37.40 2.79
C ALA B 125 -21.12 -38.06 2.48
N GLY B 126 -20.35 -37.46 1.56
CA GLY B 126 -19.03 -37.85 1.36
C GLY B 126 -18.88 -39.35 1.09
N ALA B 127 -17.98 -40.02 1.80
CA ALA B 127 -17.64 -41.43 1.58
C ALA B 127 -18.82 -42.36 1.69
N ASN B 128 -19.85 -41.96 2.43
CA ASN B 128 -21.11 -42.73 2.45
C ASN B 128 -21.65 -43.05 1.05
N LEU B 129 -21.53 -42.10 0.13
CA LEU B 129 -22.04 -42.26 -1.17
C LEU B 129 -21.17 -43.11 -2.13
N LEU B 130 -19.99 -43.51 -1.66
CA LEU B 130 -19.15 -44.44 -2.36
C LEU B 130 -19.35 -45.90 -1.97
N LEU B 131 -20.21 -46.20 -0.97
CA LEU B 131 -20.53 -47.57 -0.61
C LEU B 131 -21.34 -48.14 -1.79
N ASN B 132 -20.80 -49.15 -2.46
CA ASN B 132 -21.41 -49.65 -3.70
C ASN B 132 -21.82 -51.11 -3.62
N THR B 133 -22.42 -51.62 -4.69
CA THR B 133 -22.92 -52.98 -4.67
C THR B 133 -21.81 -54.02 -4.60
N GLU B 134 -20.65 -53.73 -5.14
CA GLU B 134 -19.49 -54.59 -4.91
C GLU B 134 -19.08 -54.70 -3.43
N ASP B 135 -19.14 -53.59 -2.71
CA ASP B 135 -18.86 -53.63 -1.28
C ASP B 135 -19.89 -54.56 -0.51
N LEU B 136 -21.13 -54.57 -0.95
CA LEU B 136 -22.18 -55.45 -0.32
C LEU B 136 -22.00 -56.90 -0.60
N ARG B 137 -21.50 -57.21 -1.78
CA ARG B 137 -21.31 -58.57 -2.15
C ARG B 137 -20.37 -59.29 -1.25
N ALA B 138 -19.31 -58.62 -0.85
CA ALA B 138 -18.39 -59.25 0.08
C ALA B 138 -19.10 -59.59 1.39
N ALA B 139 -20.13 -58.84 1.75
CA ALA B 139 -20.86 -59.04 3.00
C ALA B 139 -22.00 -60.04 2.88
N ALA B 140 -22.08 -60.77 1.77
CA ALA B 140 -23.22 -61.63 1.46
C ALA B 140 -23.44 -62.75 2.48
N ASN B 141 -22.38 -63.36 2.96
CA ASN B 141 -22.54 -64.42 3.93
C ASN B 141 -23.08 -63.87 5.27
N VAL B 142 -22.56 -62.72 5.71
CA VAL B 142 -22.98 -62.08 6.96
C VAL B 142 -24.45 -61.70 6.83
N ILE B 143 -24.84 -61.11 5.69
CA ILE B 143 -26.21 -60.63 5.50
C ILE B 143 -27.13 -61.84 5.58
N SER B 144 -26.79 -62.98 4.96
CA SER B 144 -27.68 -64.09 4.88
C SER B 144 -27.84 -64.89 6.15
N ARG B 145 -26.89 -64.78 7.08
CA ARG B 145 -26.97 -65.41 8.39
C ARG B 145 -27.57 -64.52 9.53
N ALA B 146 -27.95 -63.30 9.19
CA ALA B 146 -28.47 -62.37 10.14
C ALA B 146 -29.96 -62.56 10.39
N LYS B 147 -30.47 -61.89 11.41
CA LYS B 147 -31.92 -61.87 11.66
C LYS B 147 -32.62 -60.64 11.11
N VAL B 148 -31.93 -59.52 11.08
N VAL B 148 -31.94 -59.50 11.11
CA VAL B 148 -32.48 -58.26 10.69
CA VAL B 148 -32.52 -58.23 10.70
C VAL B 148 -31.45 -57.44 9.91
C VAL B 148 -31.45 -57.43 9.91
N MET B 149 -31.90 -56.81 8.84
CA MET B 149 -31.11 -55.90 8.02
C MET B 149 -31.77 -54.57 8.19
N VAL B 150 -30.96 -53.55 8.42
CA VAL B 150 -31.44 -52.21 8.67
C VAL B 150 -30.80 -51.27 7.70
N CYS B 151 -31.62 -50.46 7.04
CA CYS B 151 -31.15 -49.42 6.10
C CYS B 151 -31.88 -48.07 6.24
N GLN B 152 -31.22 -46.99 5.77
CA GLN B 152 -31.77 -45.66 5.79
C GLN B 152 -31.52 -45.03 4.40
N LEU B 153 -31.60 -43.71 4.31
CA LEU B 153 -31.37 -43.03 3.06
C LEU B 153 -30.20 -42.05 3.12
N GLU B 154 -29.17 -42.40 3.83
CA GLU B 154 -27.93 -41.62 3.86
C GLU B 154 -26.82 -42.22 2.98
N ILE B 155 -27.04 -43.30 2.27
CA ILE B 155 -26.10 -43.85 1.32
C ILE B 155 -26.79 -43.80 -0.04
N THR B 156 -26.14 -44.23 -1.09
CA THR B 156 -26.76 -44.25 -2.42
C THR B 156 -28.07 -45.12 -2.27
N PRO B 157 -29.25 -44.57 -2.66
CA PRO B 157 -30.48 -45.40 -2.59
C PRO B 157 -30.33 -46.78 -3.25
N ALA B 158 -29.73 -46.89 -4.44
CA ALA B 158 -29.51 -48.23 -5.14
C ALA B 158 -28.74 -49.23 -4.21
N THR B 159 -27.85 -48.77 -3.36
CA THR B 159 -27.13 -49.65 -2.47
C THR B 159 -28.07 -50.16 -1.32
N SER B 160 -28.88 -49.29 -0.77
CA SER B 160 -29.88 -49.71 0.23
C SER B 160 -30.83 -50.69 -0.45
N LEU B 161 -31.28 -50.41 -1.67
CA LEU B 161 -32.22 -51.28 -2.33
C LEU B 161 -31.63 -52.67 -2.48
N GLU B 162 -30.36 -52.74 -2.82
CA GLU B 162 -29.71 -54.03 -3.01
C GLU B 162 -29.57 -54.75 -1.69
N ALA B 163 -29.25 -54.04 -0.63
CA ALA B 163 -29.13 -54.67 0.69
C ALA B 163 -30.47 -55.29 1.14
N LEU B 164 -31.55 -54.55 0.93
CA LEU B 164 -32.95 -55.04 1.18
C LEU B 164 -33.25 -56.28 0.33
N THR B 165 -32.86 -56.28 -0.95
CA THR B 165 -33.13 -57.36 -1.82
C THR B 165 -32.35 -58.60 -1.34
N MET B 166 -31.09 -58.43 -0.97
CA MET B 166 -30.28 -59.52 -0.48
C MET B 166 -30.89 -60.12 0.81
N ALA B 167 -31.32 -59.25 1.71
CA ALA B 167 -31.95 -59.69 2.92
C ALA B 167 -33.22 -60.51 2.60
N ARG B 168 -34.10 -59.99 1.73
CA ARG B 168 -35.33 -60.68 1.39
C ARG B 168 -35.08 -62.05 0.82
N ARG B 169 -34.04 -62.21 0.00
CA ARG B 169 -33.78 -63.51 -0.58
C ARG B 169 -33.35 -64.57 0.43
N SER B 170 -32.79 -64.16 1.54
CA SER B 170 -32.38 -65.11 2.57
C SER B 170 -33.40 -65.15 3.73
N GLY B 171 -34.56 -64.54 3.57
CA GLY B 171 -35.61 -64.52 4.61
C GLY B 171 -35.27 -63.69 5.80
N VAL B 172 -34.36 -62.74 5.66
CA VAL B 172 -33.91 -61.88 6.72
C VAL B 172 -34.86 -60.71 6.79
N LYS B 173 -35.23 -60.39 8.01
CA LYS B 173 -36.25 -59.34 8.22
C LYS B 173 -35.71 -57.95 7.83
N THR B 174 -36.51 -57.18 7.09
CA THR B 174 -36.04 -55.89 6.62
C THR B 174 -36.66 -54.79 7.43
N LEU B 175 -35.79 -53.93 7.98
CA LEU B 175 -36.21 -52.72 8.70
C LEU B 175 -35.66 -51.52 7.94
N PHE B 176 -36.56 -50.70 7.40
CA PHE B 176 -36.20 -49.59 6.61
C PHE B 176 -36.68 -48.31 7.24
N ASN B 177 -35.79 -47.34 7.28
CA ASN B 177 -36.03 -46.03 7.83
C ASN B 177 -35.81 -44.99 6.72
N PRO B 178 -36.88 -44.41 6.13
CA PRO B 178 -36.68 -43.55 4.96
C PRO B 178 -36.25 -42.12 5.36
N ALA B 179 -35.02 -42.00 5.83
CA ALA B 179 -34.55 -40.79 6.53
C ALA B 179 -33.15 -40.41 6.04
N PRO B 180 -32.96 -39.15 5.67
CA PRO B 180 -34.00 -38.12 5.44
C PRO B 180 -34.87 -38.51 4.26
N ALA B 181 -36.10 -38.03 4.28
CA ALA B 181 -37.13 -38.52 3.34
C ALA B 181 -37.01 -37.78 2.01
N ILE B 182 -37.37 -38.48 0.94
CA ILE B 182 -37.35 -38.00 -0.47
C ILE B 182 -38.80 -38.14 -0.93
N ALA B 183 -39.42 -37.09 -1.48
CA ALA B 183 -40.82 -37.18 -1.95
C ALA B 183 -41.15 -38.17 -3.01
N ASP B 184 -40.16 -38.61 -3.76
CA ASP B 184 -40.44 -39.48 -4.91
C ASP B 184 -39.76 -40.81 -4.71
N LEU B 185 -39.78 -41.32 -3.50
CA LEU B 185 -39.08 -42.52 -3.15
C LEU B 185 -39.43 -43.66 -4.12
N ASP B 186 -38.44 -44.41 -4.57
CA ASP B 186 -38.68 -45.58 -5.41
C ASP B 186 -39.70 -46.50 -4.72
N PRO B 187 -40.77 -46.88 -5.43
CA PRO B 187 -41.79 -47.77 -4.86
C PRO B 187 -41.27 -49.11 -4.32
N GLN B 188 -40.12 -49.61 -4.79
CA GLN B 188 -39.53 -50.82 -4.20
C GLN B 188 -39.16 -50.73 -2.77
N PHE B 189 -38.88 -49.53 -2.27
CA PHE B 189 -38.56 -49.40 -0.85
C PHE B 189 -39.75 -49.87 -0.02
N TYR B 190 -40.98 -49.63 -0.47
CA TYR B 190 -42.14 -50.04 0.28
C TYR B 190 -42.32 -51.58 0.22
N THR B 191 -42.27 -52.13 -0.97
CA THR B 191 -42.50 -53.56 -1.17
C THR B 191 -41.38 -54.48 -0.64
N LEU B 192 -40.13 -53.92 -0.41
CA LEU B 192 -39.04 -54.67 0.23
C LEU B 192 -38.90 -54.46 1.76
N SER B 193 -39.78 -53.64 2.35
CA SER B 193 -39.81 -53.31 3.80
C SER B 193 -40.79 -54.17 4.61
N ASP B 194 -40.27 -55.02 5.48
CA ASP B 194 -41.11 -55.74 6.46
C ASP B 194 -41.60 -54.80 7.56
N VAL B 195 -40.70 -53.91 8.02
CA VAL B 195 -41.00 -52.86 8.96
C VAL B 195 -40.51 -51.48 8.40
N PHE B 196 -41.39 -50.51 8.26
CA PHE B 196 -41.06 -49.21 7.61
C PHE B 196 -41.32 -48.19 8.66
N CYS B 197 -40.30 -47.48 9.13
CA CYS B 197 -40.40 -46.65 10.32
C CYS B 197 -39.86 -45.26 10.03
N CYS B 198 -40.68 -44.24 10.19
CA CYS B 198 -40.24 -42.86 9.92
C CYS B 198 -40.90 -41.95 10.95
N ASN B 199 -40.55 -40.67 10.93
CA ASN B 199 -41.10 -39.73 11.88
C ASN B 199 -42.19 -38.91 11.21
N GLU B 200 -42.71 -37.95 11.96
CA GLU B 200 -43.84 -37.17 11.48
C GLU B 200 -43.49 -36.36 10.22
N SER B 201 -42.37 -35.63 10.28
CA SER B 201 -42.03 -34.73 9.16
C SER B 201 -41.66 -35.55 7.90
N GLU B 202 -41.04 -36.69 8.09
CA GLU B 202 -40.76 -37.65 7.00
C GLU B 202 -42.07 -38.19 6.36
N ALA B 203 -43.03 -38.56 7.22
CA ALA B 203 -44.37 -39.04 6.74
C ALA B 203 -45.06 -37.98 5.90
N GLU B 204 -44.97 -36.74 6.33
CA GLU B 204 -45.49 -35.62 5.51
C GLU B 204 -44.84 -35.54 4.13
N ILE B 205 -43.51 -35.59 4.12
CA ILE B 205 -42.77 -35.53 2.85
C ILE B 205 -43.17 -36.69 1.95
N LEU B 206 -43.26 -37.90 2.53
CA LEU B 206 -43.55 -39.08 1.74
C LEU B 206 -45.02 -39.15 1.22
N THR B 207 -45.96 -38.52 1.91
CA THR B 207 -47.40 -38.62 1.56
C THR B 207 -48.07 -37.37 1.10
N GLY B 208 -47.43 -36.23 1.33
CA GLY B 208 -48.03 -34.94 0.98
C GLY B 208 -49.11 -34.56 1.96
N LEU B 209 -49.29 -35.32 3.05
CA LEU B 209 -50.33 -35.02 4.06
C LEU B 209 -49.72 -34.27 5.19
N THR B 210 -50.56 -33.56 5.93
CA THR B 210 -50.15 -32.96 7.17
C THR B 210 -50.29 -33.93 8.33
N VAL B 211 -49.30 -33.97 9.22
CA VAL B 211 -49.34 -34.80 10.42
C VAL B 211 -49.25 -33.91 11.64
N GLY B 212 -50.40 -33.46 12.13
CA GLY B 212 -50.45 -32.78 13.43
C GLY B 212 -51.08 -33.50 14.65
N SER B 213 -51.21 -34.83 14.64
CA SER B 213 -51.96 -35.58 15.69
C SER B 213 -51.71 -37.07 15.50
N ALA B 214 -51.95 -37.86 16.54
CA ALA B 214 -51.87 -39.31 16.41
C ALA B 214 -52.86 -39.72 15.30
N ALA B 215 -54.06 -39.16 15.27
CA ALA B 215 -55.02 -39.51 14.23
C ALA B 215 -54.46 -39.25 12.80
N ASP B 216 -53.87 -38.07 12.64
CA ASP B 216 -53.29 -37.68 11.35
C ASP B 216 -52.19 -38.66 10.98
N ALA B 217 -51.37 -39.02 11.95
CA ALA B 217 -50.30 -40.01 11.70
C ALA B 217 -50.84 -41.34 11.24
N GLY B 218 -51.94 -41.77 11.85
CA GLY B 218 -52.65 -43.02 11.44
C GLY B 218 -53.06 -43.00 9.99
N GLU B 219 -53.57 -41.85 9.52
CA GLU B 219 -53.98 -41.67 8.12
C GLU B 219 -52.77 -41.69 7.16
N ALA B 220 -51.68 -41.01 7.55
CA ALA B 220 -50.43 -41.08 6.77
C ALA B 220 -49.83 -42.51 6.73
N ALA B 221 -49.87 -43.20 7.87
CA ALA B 221 -49.39 -44.59 7.94
C ALA B 221 -50.18 -45.52 7.03
N LEU B 222 -51.45 -45.27 6.86
CA LEU B 222 -52.29 -46.14 6.05
C LEU B 222 -51.96 -45.95 4.56
N VAL B 223 -51.66 -44.72 4.18
CA VAL B 223 -51.22 -44.45 2.83
C VAL B 223 -49.94 -45.30 2.58
N LEU B 224 -49.00 -45.28 3.51
CA LEU B 224 -47.72 -45.98 3.36
C LEU B 224 -47.92 -47.47 3.32
N LEU B 225 -48.84 -47.96 4.15
CA LEU B 225 -49.21 -49.37 4.19
C LEU B 225 -49.71 -49.87 2.88
N LYS B 226 -50.58 -49.08 2.25
CA LYS B 226 -51.12 -49.41 0.95
C LYS B 226 -50.12 -49.37 -0.21
N ARG B 227 -48.97 -48.72 -0.03
CA ARG B 227 -47.86 -48.80 -0.99
C ARG B 227 -47.09 -50.11 -0.86
N GLY B 228 -47.42 -50.96 0.14
CA GLY B 228 -46.89 -52.34 0.15
C GLY B 228 -46.02 -52.71 1.30
N CYS B 229 -45.91 -51.82 2.29
CA CYS B 229 -45.16 -52.16 3.49
C CYS B 229 -45.95 -53.22 4.27
N GLN B 230 -45.25 -54.08 5.00
CA GLN B 230 -45.94 -55.05 5.85
C GLN B 230 -46.37 -54.41 7.16
N VAL B 231 -45.50 -53.62 7.76
CA VAL B 231 -45.74 -52.88 8.99
C VAL B 231 -45.29 -51.45 8.81
N VAL B 232 -46.09 -50.48 9.24
CA VAL B 232 -45.65 -49.11 9.22
C VAL B 232 -45.65 -48.60 10.67
N ILE B 233 -44.60 -47.89 11.06
CA ILE B 233 -44.53 -47.16 12.35
C ILE B 233 -44.16 -45.68 12.13
N ILE B 234 -44.97 -44.77 12.62
CA ILE B 234 -44.63 -43.39 12.59
C ILE B 234 -44.29 -42.98 14.03
N THR B 235 -43.08 -42.46 14.22
CA THR B 235 -42.67 -41.91 15.55
C THR B 235 -43.14 -40.48 15.71
N LEU B 236 -43.54 -40.14 16.93
CA LEU B 236 -44.25 -38.94 17.23
C LEU B 236 -43.62 -38.14 18.44
N GLY B 237 -42.30 -38.22 18.60
CA GLY B 237 -41.65 -37.38 19.63
C GLY B 237 -42.21 -37.79 21.00
N ALA B 238 -42.63 -36.82 21.76
CA ALA B 238 -43.14 -37.02 23.12
C ALA B 238 -44.48 -37.81 23.15
N GLU B 239 -45.12 -37.96 22.00
CA GLU B 239 -46.33 -38.71 21.84
C GLU B 239 -46.11 -40.19 21.53
N GLY B 240 -44.88 -40.63 21.43
CA GLY B 240 -44.58 -42.05 21.28
C GLY B 240 -44.60 -42.44 19.80
N CYS B 241 -45.49 -43.36 19.42
CA CYS B 241 -45.57 -43.78 18.03
C CYS B 241 -46.90 -44.35 17.70
N VAL B 242 -47.14 -44.52 16.41
N VAL B 242 -47.14 -44.53 16.41
CA VAL B 242 -48.38 -45.14 15.95
CA VAL B 242 -48.38 -45.10 15.91
C VAL B 242 -47.98 -46.22 14.96
C VAL B 242 -47.97 -46.23 14.95
N VAL B 243 -48.68 -47.35 15.00
CA VAL B 243 -48.35 -48.53 14.27
C VAL B 243 -49.58 -49.17 13.64
N LEU B 244 -49.35 -49.66 12.43
CA LEU B 244 -50.31 -50.52 11.79
C LEU B 244 -49.64 -51.50 10.85
N SER B 245 -50.39 -52.50 10.41
CA SER B 245 -49.82 -53.60 9.64
C SER B 245 -50.86 -54.13 8.68
N GLN B 246 -50.42 -54.96 7.77
CA GLN B 246 -51.33 -55.63 6.86
C GLN B 246 -52.36 -56.51 7.58
N THR B 247 -51.94 -57.24 8.60
CA THR B 247 -52.89 -58.07 9.36
C THR B 247 -53.81 -57.21 10.19
N GLU B 248 -53.28 -56.12 10.77
CA GLU B 248 -54.03 -55.31 11.67
C GLU B 248 -53.92 -53.87 11.24
N PRO B 249 -54.67 -53.50 10.22
CA PRO B 249 -54.52 -52.17 9.65
C PRO B 249 -55.08 -50.99 10.47
N GLU B 250 -55.76 -51.25 11.59
CA GLU B 250 -56.22 -50.17 12.43
C GLU B 250 -55.06 -49.60 13.21
N PRO B 251 -54.89 -48.27 13.21
CA PRO B 251 -53.69 -47.78 13.87
C PRO B 251 -53.82 -47.83 15.35
N LYS B 252 -52.72 -48.22 16.00
CA LYS B 252 -52.57 -48.23 17.46
C LYS B 252 -51.60 -47.08 17.86
N HIS B 253 -51.94 -46.33 18.88
CA HIS B 253 -51.12 -45.27 19.41
C HIS B 253 -50.44 -45.88 20.66
N ILE B 254 -49.13 -46.01 20.63
CA ILE B 254 -48.35 -46.51 21.73
C ILE B 254 -47.66 -45.29 22.41
N PRO B 255 -48.08 -44.92 23.59
CA PRO B 255 -47.32 -43.82 24.26
C PRO B 255 -45.91 -44.19 24.74
N THR B 256 -45.13 -43.16 25.06
CA THR B 256 -43.76 -43.33 25.47
C THR B 256 -43.71 -42.84 26.91
N GLU B 257 -42.50 -42.93 27.48
CA GLU B 257 -42.27 -42.56 28.88
C GLU B 257 -42.31 -41.01 28.99
N LYS B 258 -43.07 -40.48 29.92
CA LYS B 258 -43.10 -39.08 30.19
C LYS B 258 -41.81 -38.65 30.90
N VAL B 259 -41.02 -37.84 30.20
CA VAL B 259 -39.73 -37.39 30.72
C VAL B 259 -39.45 -35.90 30.39
N LYS B 260 -38.42 -35.36 31.02
CA LYS B 260 -37.99 -33.99 30.76
C LYS B 260 -36.80 -34.08 29.78
N ALA B 261 -37.08 -33.70 28.53
CA ALA B 261 -36.11 -33.88 27.45
C ALA B 261 -34.98 -32.90 27.53
N VAL B 262 -33.76 -33.42 27.57
CA VAL B 262 -32.57 -32.59 27.52
C VAL B 262 -32.08 -32.39 26.08
N ASP B 263 -32.04 -33.47 25.31
CA ASP B 263 -31.62 -33.39 23.92
C ASP B 263 -32.19 -34.56 23.17
N THR B 264 -33.18 -34.29 22.35
CA THR B 264 -33.85 -35.33 21.54
C THR B 264 -33.12 -35.73 20.25
N THR B 265 -31.97 -35.11 19.93
CA THR B 265 -31.25 -35.41 18.71
C THR B 265 -30.91 -36.89 18.64
N GLY B 266 -31.29 -37.53 17.53
CA GLY B 266 -31.03 -38.99 17.41
C GLY B 266 -31.97 -39.93 18.12
N ALA B 267 -33.04 -39.38 18.72
CA ALA B 267 -33.97 -40.24 19.42
C ALA B 267 -34.53 -41.27 18.50
N GLY B 268 -34.81 -40.87 17.27
CA GLY B 268 -35.40 -41.82 16.29
C GLY B 268 -34.48 -43.02 16.02
N ASP B 269 -33.18 -42.72 15.96
CA ASP B 269 -32.19 -43.74 15.75
C ASP B 269 -32.08 -44.71 16.90
N SER B 270 -32.21 -44.20 18.11
CA SER B 270 -32.27 -45.03 19.29
C SER B 270 -33.51 -45.95 19.19
N PHE B 271 -34.68 -45.37 18.87
CA PHE B 271 -35.89 -46.14 18.69
C PHE B 271 -35.73 -47.26 17.66
N VAL B 272 -35.14 -46.94 16.50
CA VAL B 272 -34.99 -47.92 15.42
C VAL B 272 -33.96 -49.04 15.75
N GLY B 273 -32.87 -48.64 16.43
CA GLY B 273 -31.89 -49.60 16.87
C GLY B 273 -32.51 -50.54 17.90
N ALA B 274 -33.32 -50.00 18.80
CA ALA B 274 -34.03 -50.86 19.76
C ALA B 274 -34.94 -51.85 19.03
N LEU B 275 -35.70 -51.33 18.05
CA LEU B 275 -36.59 -52.15 17.26
C LEU B 275 -35.83 -53.30 16.59
N ALA B 276 -34.68 -52.96 16.00
CA ALA B 276 -33.82 -54.00 15.41
C ALA B 276 -33.37 -55.07 16.41
N PHE B 277 -32.96 -54.61 17.58
CA PHE B 277 -32.63 -55.52 18.65
C PHE B 277 -33.80 -56.49 19.00
N TYR B 278 -34.99 -55.96 19.12
CA TYR B 278 -36.15 -56.81 19.49
C TYR B 278 -36.61 -57.72 18.36
N LEU B 279 -36.57 -57.22 17.11
CA LEU B 279 -36.88 -58.08 15.94
C LEU B 279 -35.91 -59.25 15.83
N ALA B 280 -34.64 -58.99 16.16
CA ALA B 280 -33.61 -59.98 16.12
C ALA B 280 -33.58 -60.97 17.27
N TYR B 281 -33.74 -60.49 18.46
CA TYR B 281 -33.57 -61.36 19.61
C TYR B 281 -34.87 -61.72 20.29
N TYR B 282 -35.93 -60.97 20.05
CA TYR B 282 -37.29 -61.26 20.69
C TYR B 282 -38.41 -61.30 19.62
N PRO B 283 -38.20 -62.14 18.57
CA PRO B 283 -39.11 -62.11 17.46
C PRO B 283 -40.58 -62.43 17.79
N ASN B 284 -40.88 -63.11 18.87
CA ASN B 284 -42.29 -63.47 19.20
C ASN B 284 -43.10 -62.44 19.97
N LEU B 285 -42.49 -61.34 20.35
CA LEU B 285 -43.21 -60.34 21.09
C LEU B 285 -44.22 -59.68 20.16
N SER B 286 -45.37 -59.25 20.70
CA SER B 286 -46.30 -58.42 19.93
C SER B 286 -45.57 -57.13 19.50
N LEU B 287 -46.03 -56.55 18.41
CA LEU B 287 -45.55 -55.31 17.97
C LEU B 287 -45.77 -54.27 19.07
N GLU B 288 -46.94 -54.31 19.76
CA GLU B 288 -47.24 -53.31 20.71
C GLU B 288 -46.27 -53.38 21.92
N ASP B 289 -45.94 -54.62 22.28
CA ASP B 289 -44.90 -54.82 23.30
C ASP B 289 -43.53 -54.29 22.84
N MET B 290 -43.10 -54.69 21.66
CA MET B 290 -41.81 -54.21 21.17
C MET B 290 -41.74 -52.70 21.18
N LEU B 291 -42.84 -52.06 20.78
CA LEU B 291 -42.87 -50.62 20.67
C LEU B 291 -42.89 -49.90 22.02
N ASN B 292 -43.61 -50.48 22.98
CA ASN B 292 -43.55 -49.99 24.34
C ASN B 292 -42.10 -49.98 24.81
N ARG B 293 -41.36 -51.08 24.62
CA ARG B 293 -40.00 -51.18 25.03
C ARG B 293 -39.04 -50.22 24.29
N SER B 294 -39.25 -50.12 22.98
CA SER B 294 -38.43 -49.24 22.14
C SER B 294 -38.68 -47.76 22.45
N ASN B 295 -39.92 -47.36 22.68
CA ASN B 295 -40.25 -46.04 23.15
C ASN B 295 -39.46 -45.75 24.46
N PHE B 296 -39.48 -46.73 25.40
CA PHE B 296 -38.84 -46.55 26.72
C PHE B 296 -37.35 -46.23 26.59
N ILE B 297 -36.73 -47.01 25.71
CA ILE B 297 -35.31 -46.85 25.38
C ILE B 297 -35.04 -45.47 24.78
N ALA B 298 -35.82 -45.08 23.78
CA ALA B 298 -35.58 -43.84 23.07
C ALA B 298 -35.79 -42.68 24.04
N ALA B 299 -36.73 -42.83 24.96
CA ALA B 299 -36.99 -41.80 25.93
C ALA B 299 -35.88 -41.65 26.94
N VAL B 300 -35.19 -42.74 27.23
CA VAL B 300 -33.97 -42.63 28.03
C VAL B 300 -32.94 -41.75 27.23
N SER B 301 -32.79 -41.99 25.96
CA SER B 301 -31.87 -41.20 25.19
C SER B 301 -32.17 -39.71 25.26
N VAL B 302 -33.45 -39.30 25.29
CA VAL B 302 -33.74 -37.87 25.25
C VAL B 302 -33.39 -37.14 26.55
N GLN B 303 -33.22 -37.91 27.63
CA GLN B 303 -32.88 -37.31 28.91
C GLN B 303 -31.44 -36.98 29.03
N ALA B 304 -30.65 -37.14 27.97
CA ALA B 304 -29.24 -36.75 28.09
C ALA B 304 -28.68 -36.18 26.76
N ALA B 305 -27.65 -35.38 26.89
CA ALA B 305 -27.05 -34.71 25.80
C ALA B 305 -26.31 -35.67 24.86
N GLY B 306 -26.31 -35.28 23.61
CA GLY B 306 -25.73 -36.02 22.53
C GLY B 306 -26.78 -36.96 22.00
N THR B 307 -26.19 -37.68 21.08
CA THR B 307 -26.84 -38.67 20.41
C THR B 307 -26.29 -39.97 20.92
N GLN B 308 -25.16 -40.45 20.37
CA GLN B 308 -24.66 -41.76 20.80
C GLN B 308 -24.27 -41.81 22.28
N SER B 309 -23.73 -40.75 22.83
CA SER B 309 -23.35 -40.77 24.23
C SER B 309 -24.58 -40.85 25.14
N SER B 310 -25.77 -40.50 24.65
CA SER B 310 -27.00 -40.68 25.51
C SER B 310 -27.69 -42.03 25.34
N TYR B 311 -27.25 -42.87 24.42
CA TYR B 311 -27.91 -44.19 24.19
C TYR B 311 -27.56 -45.15 25.36
N PRO B 312 -28.61 -45.72 26.00
CA PRO B 312 -28.38 -46.53 27.20
C PRO B 312 -27.89 -47.91 26.90
N TYR B 313 -27.13 -48.45 27.84
CA TYR B 313 -26.71 -49.84 27.83
C TYR B 313 -27.70 -50.65 28.59
N LYS B 314 -27.74 -51.92 28.23
CA LYS B 314 -28.57 -52.94 28.88
C LYS B 314 -28.42 -52.87 30.39
N LYS B 315 -27.21 -52.79 30.87
CA LYS B 315 -27.01 -52.78 32.34
C LYS B 315 -27.72 -51.64 33.09
N ASP B 316 -28.00 -50.53 32.41
CA ASP B 316 -28.58 -49.35 33.08
C ASP B 316 -30.09 -49.32 32.94
N LEU B 317 -30.67 -50.33 32.30
CA LEU B 317 -32.08 -50.29 31.92
C LEU B 317 -32.85 -51.31 32.80
N PRO B 318 -34.12 -51.10 32.97
CA PRO B 318 -34.89 -52.04 33.81
C PRO B 318 -34.90 -53.41 33.19
N LEU B 319 -34.78 -54.43 34.04
CA LEU B 319 -34.71 -55.83 33.61
C LEU B 319 -35.86 -56.31 32.83
N THR B 320 -37.00 -55.72 33.11
CA THR B 320 -38.24 -56.17 32.44
C THR B 320 -38.14 -55.95 30.92
N LEU B 321 -37.29 -55.03 30.50
CA LEU B 321 -37.09 -54.79 29.02
C LEU B 321 -36.49 -55.95 28.26
N PHE B 322 -35.89 -56.87 28.98
CA PHE B 322 -35.19 -58.04 28.45
C PHE B 322 -35.80 -59.34 28.82
N LEU B 323 -36.98 -59.31 29.37
CA LEU B 323 -37.66 -60.59 29.66
C LEU B 323 -38.61 -61.02 28.56
N GLU B 324 -38.93 -62.32 28.45
CA GLU B 324 -40.14 -62.77 27.74
C GLU B 324 -40.61 -64.02 28.42
N GLU C 14 -9.08 4.01 -21.48
CA GLU C 14 -9.60 4.13 -22.90
C GLU C 14 -9.48 5.66 -23.23
N VAL C 15 -10.56 6.42 -23.46
CA VAL C 15 -10.46 7.74 -24.08
C VAL C 15 -10.02 8.89 -23.16
N ALA C 16 -8.94 9.60 -23.52
CA ALA C 16 -8.51 10.77 -22.81
C ALA C 16 -9.56 11.91 -22.91
N ALA C 17 -9.95 12.40 -21.74
CA ALA C 17 -10.82 13.55 -21.65
C ALA C 17 -10.06 14.88 -21.63
N VAL C 18 -8.81 14.84 -21.18
CA VAL C 18 -7.97 16.03 -21.12
C VAL C 18 -6.73 15.80 -21.95
N VAL C 19 -6.54 16.60 -22.99
CA VAL C 19 -5.30 16.53 -23.79
C VAL C 19 -4.52 17.79 -23.51
N VAL C 20 -3.27 17.64 -23.15
CA VAL C 20 -2.39 18.77 -22.93
C VAL C 20 -1.32 18.79 -24.01
N VAL C 21 -1.29 19.89 -24.76
CA VAL C 21 -0.23 20.09 -25.76
C VAL C 21 0.70 21.19 -25.17
N GLY C 22 1.90 20.78 -24.87
CA GLY C 22 2.81 21.63 -24.17
C GLY C 22 4.10 21.05 -23.70
N SER C 23 4.63 21.64 -22.60
CA SER C 23 6.02 21.52 -22.28
C SER C 23 6.33 20.53 -21.16
N CYS C 24 7.51 19.91 -21.26
CA CYS C 24 8.15 19.10 -20.23
C CYS C 24 9.56 19.67 -19.98
N MET C 25 9.94 19.84 -18.71
CA MET C 25 11.22 20.40 -18.37
C MET C 25 11.78 19.66 -17.16
N THR C 26 13.07 19.47 -17.14
CA THR C 26 13.74 19.04 -15.90
C THR C 26 13.89 20.25 -15.05
N ASP C 27 13.41 20.11 -13.82
CA ASP C 27 13.50 21.13 -12.83
C ASP C 27 14.76 20.91 -11.97
N LEU C 28 15.63 21.92 -11.95
CA LEU C 28 16.89 21.92 -11.23
C LEU C 28 16.72 23.00 -10.16
N VAL C 29 16.46 22.55 -8.95
CA VAL C 29 15.94 23.41 -7.91
C VAL C 29 16.94 23.60 -6.81
N SER C 30 17.23 24.86 -6.48
CA SER C 30 18.02 25.21 -5.31
C SER C 30 17.18 25.97 -4.26
N LEU C 31 17.14 25.48 -3.03
CA LEU C 31 16.40 26.16 -1.92
C LEU C 31 17.36 27.01 -1.14
N THR C 32 16.99 28.25 -0.93
CA THR C 32 17.87 29.25 -0.30
C THR C 32 17.05 29.94 0.79
N SER C 33 17.72 30.71 1.63
CA SER C 33 17.00 31.53 2.60
C SER C 33 16.62 32.89 2.01
N ARG C 34 17.35 33.39 1.02
CA ARG C 34 16.91 34.60 0.29
C ARG C 34 17.18 34.42 -1.21
N LEU C 35 16.54 35.27 -2.04
CA LEU C 35 16.88 35.29 -3.46
C LEU C 35 18.12 36.19 -3.68
N PRO C 36 18.92 35.91 -4.74
CA PRO C 36 20.12 36.73 -5.02
C PRO C 36 19.73 37.94 -5.84
N LYS C 37 20.34 39.07 -5.59
CA LYS C 37 20.27 40.21 -6.49
C LYS C 37 21.36 40.04 -7.54
N THR C 38 21.39 40.93 -8.52
CA THR C 38 22.43 40.95 -9.59
C THR C 38 23.80 40.98 -9.01
N GLY C 39 24.70 40.18 -9.57
CA GLY C 39 26.11 40.18 -9.15
C GLY C 39 26.42 39.28 -7.98
N GLU C 40 25.40 38.73 -7.34
CA GLU C 40 25.57 38.01 -6.08
C GLU C 40 25.74 36.54 -6.25
N THR C 41 26.61 35.97 -5.42
CA THR C 41 26.73 34.55 -5.21
C THR C 41 26.12 34.31 -3.84
N ILE C 42 25.17 33.39 -3.73
CA ILE C 42 24.65 33.04 -2.43
C ILE C 42 24.71 31.52 -2.28
N HIS C 43 24.66 31.05 -1.06
CA HIS C 43 24.62 29.63 -0.79
C HIS C 43 23.24 29.19 -0.45
N GLY C 44 22.83 28.07 -0.97
CA GLY C 44 21.54 27.49 -0.64
C GLY C 44 21.75 26.35 0.31
N HIS C 45 20.67 25.77 0.81
CA HIS C 45 20.80 24.68 1.77
C HIS C 45 20.31 23.36 1.19
N LYS C 46 19.70 23.37 0.01
CA LYS C 46 19.39 22.11 -0.63
C LYS C 46 19.28 22.23 -2.14
N PHE C 47 19.55 21.14 -2.80
CA PHE C 47 19.31 21.05 -4.23
C PHE C 47 18.58 19.75 -4.53
N PHE C 48 17.66 19.77 -5.48
CA PHE C 48 17.08 18.55 -5.99
C PHE C 48 16.56 18.69 -7.45
N ILE C 49 16.37 17.53 -8.06
CA ILE C 49 15.96 17.41 -9.40
C ILE C 49 14.48 16.94 -9.40
N GLY C 50 13.65 17.57 -10.21
CA GLY C 50 12.28 17.21 -10.29
C GLY C 50 11.77 17.33 -11.72
N PHE C 51 10.52 16.93 -11.85
CA PHE C 51 9.87 16.93 -13.16
C PHE C 51 8.97 18.15 -13.21
N GLY C 52 9.24 19.02 -14.18
CA GLY C 52 8.53 20.25 -14.34
C GLY C 52 8.04 20.48 -15.78
N GLY C 53 7.89 21.76 -16.11
CA GLY C 53 7.23 22.19 -17.35
C GLY C 53 5.78 22.46 -17.13
N LYS C 54 5.29 23.62 -17.60
CA LYS C 54 3.91 23.99 -17.35
C LYS C 54 2.92 22.92 -17.91
N GLY C 55 3.16 22.45 -19.11
CA GLY C 55 2.28 21.45 -19.72
C GLY C 55 2.16 20.20 -18.91
N ALA C 56 3.29 19.61 -18.64
CA ALA C 56 3.30 18.37 -17.87
C ALA C 56 2.81 18.57 -16.44
N ASN C 57 3.11 19.71 -15.83
CA ASN C 57 2.61 20.01 -14.55
C ASN C 57 1.07 20.04 -14.54
N GLN C 58 0.45 20.70 -15.49
CA GLN C 58 -0.96 20.81 -15.61
C GLN C 58 -1.58 19.41 -15.87
N CYS C 59 -0.91 18.64 -16.76
CA CYS C 59 -1.37 17.27 -17.09
C CYS C 59 -1.34 16.34 -15.87
N VAL C 60 -0.25 16.43 -15.12
CA VAL C 60 -0.08 15.66 -13.88
C VAL C 60 -1.16 16.02 -12.85
N GLN C 61 -1.44 17.32 -12.58
CA GLN C 61 -2.44 17.61 -11.58
C GLN C 61 -3.79 17.05 -11.99
N ALA C 62 -4.13 17.22 -13.28
CA ALA C 62 -5.44 16.71 -13.77
C ALA C 62 -5.53 15.23 -13.60
N ALA C 63 -4.46 14.52 -13.98
CA ALA C 63 -4.37 13.08 -13.87
C ALA C 63 -4.53 12.60 -12.41
N ARG C 64 -3.83 13.25 -11.49
CA ARG C 64 -3.92 12.87 -10.07
C ARG C 64 -5.31 13.07 -9.46
N LEU C 65 -6.12 13.97 -10.02
CA LEU C 65 -7.48 14.15 -9.58
C LEU C 65 -8.42 13.09 -10.09
N GLY C 66 -7.97 12.30 -11.07
CA GLY C 66 -8.70 11.18 -11.65
C GLY C 66 -8.93 11.35 -13.15
N ALA C 67 -8.44 12.42 -13.79
CA ALA C 67 -8.65 12.56 -15.25
C ALA C 67 -7.86 11.55 -16.05
N MET C 68 -8.47 11.05 -17.12
CA MET C 68 -7.77 10.32 -18.17
C MET C 68 -7.15 11.35 -19.11
N THR C 69 -5.82 11.36 -19.20
CA THR C 69 -5.08 12.42 -19.92
C THR C 69 -4.12 11.90 -21.00
N SER C 70 -3.73 12.79 -21.88
CA SER C 70 -2.76 12.52 -22.91
C SER C 70 -1.85 13.71 -23.05
N MET C 71 -0.57 13.48 -23.02
CA MET C 71 0.43 14.57 -23.07
C MET C 71 1.14 14.56 -24.43
N VAL C 72 0.97 15.66 -25.16
CA VAL C 72 1.55 15.84 -26.45
C VAL C 72 2.70 16.78 -26.27
N CYS C 73 3.91 16.28 -26.50
CA CYS C 73 5.09 17.01 -26.12
C CYS C 73 6.34 16.36 -26.79
N LYS C 74 7.49 17.03 -26.62
CA LYS C 74 8.74 16.60 -27.11
C LYS C 74 9.83 16.81 -26.09
N VAL C 75 10.52 15.72 -25.80
CA VAL C 75 11.74 15.69 -24.96
C VAL C 75 12.95 15.21 -25.79
N GLY C 76 14.13 15.28 -25.20
CA GLY C 76 15.31 14.77 -25.81
C GLY C 76 15.43 13.26 -25.73
N LYS C 77 16.24 12.74 -26.62
CA LYS C 77 16.71 11.38 -26.60
C LYS C 77 17.94 11.42 -25.72
N ASP C 78 17.70 11.67 -24.47
CA ASP C 78 18.73 11.75 -23.45
C ASP C 78 18.11 11.17 -22.15
N SER C 79 18.94 10.99 -21.14
CA SER C 79 18.52 10.30 -19.93
C SER C 79 17.42 11.04 -19.18
N PHE C 80 17.51 12.36 -19.13
CA PHE C 80 16.43 13.20 -18.58
C PHE C 80 15.09 13.06 -19.34
N GLY C 81 15.14 12.88 -20.65
CA GLY C 81 13.99 12.60 -21.46
C GLY C 81 13.38 11.24 -21.23
N ASN C 82 14.22 10.20 -21.19
CA ASN C 82 13.75 8.84 -20.87
C ASN C 82 13.09 8.86 -19.49
N ASP C 83 13.70 9.57 -18.54
CA ASP C 83 13.16 9.70 -17.20
C ASP C 83 11.80 10.40 -17.27
N TYR C 84 11.71 11.46 -18.06
CA TYR C 84 10.48 12.23 -18.20
C TYR C 84 9.36 11.31 -18.69
N ILE C 85 9.63 10.50 -19.72
CA ILE C 85 8.62 9.58 -20.24
C ILE C 85 8.13 8.61 -19.16
N GLU C 86 9.06 8.06 -18.41
CA GLU C 86 8.67 7.21 -17.29
C GLU C 86 7.85 7.94 -16.21
N ASN C 87 8.19 9.18 -15.91
CA ASN C 87 7.40 10.04 -15.01
C ASN C 87 5.96 10.18 -15.50
N LEU C 88 5.77 10.47 -16.77
CA LEU C 88 4.42 10.58 -17.31
C LEU C 88 3.62 9.27 -17.17
N LYS C 89 4.27 8.16 -17.52
CA LYS C 89 3.68 6.84 -17.33
C LYS C 89 3.36 6.52 -15.87
N GLN C 90 4.23 6.88 -14.97
CA GLN C 90 3.96 6.66 -13.54
C GLN C 90 2.73 7.45 -13.04
N ASN C 91 2.43 8.58 -13.68
CA ASN C 91 1.24 9.37 -13.36
C ASN C 91 -0.01 8.97 -14.18
N ASP C 92 0.04 7.82 -14.87
CA ASP C 92 -1.04 7.29 -15.67
C ASP C 92 -1.48 8.20 -16.81
N ILE C 93 -0.53 8.92 -17.37
CA ILE C 93 -0.73 9.81 -18.48
C ILE C 93 -0.35 9.08 -19.77
N SER C 94 -1.18 9.14 -20.80
CA SER C 94 -0.79 8.56 -22.08
C SER C 94 0.41 9.31 -22.73
N THR C 95 1.41 8.53 -23.18
CA THR C 95 2.61 9.05 -23.84
C THR C 95 2.65 8.68 -25.33
N GLU C 96 1.48 8.37 -25.87
CA GLU C 96 1.34 8.04 -27.27
C GLU C 96 1.97 9.09 -28.18
N PHE C 97 1.80 10.37 -27.84
CA PHE C 97 2.28 11.51 -28.63
C PHE C 97 3.28 12.33 -27.84
N THR C 98 4.00 11.65 -26.97
CA THR C 98 5.19 12.17 -26.34
C THR C 98 6.37 11.78 -27.23
N TYR C 99 6.98 12.74 -27.90
CA TYR C 99 8.06 12.44 -28.85
C TYR C 99 9.43 12.61 -28.21
N GLN C 100 10.44 11.95 -28.78
CA GLN C 100 11.84 12.18 -28.41
C GLN C 100 12.61 12.57 -29.59
N THR C 101 13.55 13.50 -29.43
CA THR C 101 14.40 13.93 -30.58
C THR C 101 15.90 13.90 -30.22
N LYS C 102 16.75 13.53 -31.18
CA LYS C 102 18.19 13.58 -31.03
C LYS C 102 18.65 15.03 -31.27
N ASP C 103 17.78 15.94 -31.75
CA ASP C 103 18.26 17.28 -32.17
C ASP C 103 18.30 18.37 -31.14
N ALA C 104 17.80 18.09 -29.93
CA ALA C 104 17.92 19.01 -28.82
C ALA C 104 17.80 18.22 -27.55
N ALA C 105 18.28 18.81 -26.47
CA ALA C 105 18.16 18.20 -25.14
C ALA C 105 16.75 18.48 -24.57
N THR C 106 16.32 17.60 -23.65
CA THR C 106 15.14 17.85 -22.82
C THR C 106 15.24 19.26 -22.21
N GLY C 107 14.15 19.99 -22.27
CA GLY C 107 14.08 21.34 -21.68
C GLY C 107 14.47 21.39 -20.17
N THR C 108 15.01 22.54 -19.72
CA THR C 108 15.53 22.75 -18.38
C THR C 108 14.98 24.00 -17.76
N ALA C 109 14.57 23.89 -16.50
CA ALA C 109 14.15 24.99 -15.69
C ALA C 109 15.05 25.02 -14.48
N SER C 110 15.81 26.09 -14.36
CA SER C 110 16.57 26.35 -13.21
C SER C 110 15.81 27.27 -12.29
N ILE C 111 15.57 26.79 -11.06
CA ILE C 111 14.62 27.41 -10.16
C ILE C 111 15.35 27.66 -8.85
N ILE C 112 15.32 28.90 -8.38
CA ILE C 112 15.77 29.26 -7.02
C ILE C 112 14.52 29.61 -6.17
N VAL C 113 14.38 29.03 -4.99
CA VAL C 113 13.17 29.20 -4.16
C VAL C 113 13.60 29.61 -2.77
N ASN C 114 13.12 30.73 -2.24
CA ASN C 114 13.45 31.09 -0.86
C ASN C 114 12.55 30.38 0.19
N ASN C 115 12.84 30.64 1.46
CA ASN C 115 12.05 30.11 2.59
C ASN C 115 10.54 30.45 2.59
N GLU C 116 10.18 31.64 2.13
CA GLU C 116 8.78 32.05 2.03
C GLU C 116 8.07 31.46 0.77
N GLY C 117 8.79 30.76 -0.11
CA GLY C 117 8.20 30.05 -1.25
C GLY C 117 8.26 30.85 -2.55
N GLN C 118 8.77 32.07 -2.48
CA GLN C 118 8.93 32.90 -3.65
C GLN C 118 10.14 32.41 -4.51
N ASN C 119 10.10 32.66 -5.82
CA ASN C 119 11.14 32.22 -6.71
C ASN C 119 11.68 33.14 -7.87
N ILE C 120 12.78 32.68 -8.47
CA ILE C 120 13.29 33.12 -9.77
C ILE C 120 13.48 31.89 -10.62
N ILE C 121 13.15 31.98 -11.89
CA ILE C 121 13.20 30.84 -12.81
C ILE C 121 13.81 31.22 -14.16
N VAL C 122 14.66 30.34 -14.66
CA VAL C 122 15.24 30.46 -16.01
C VAL C 122 15.03 29.17 -16.78
N ILE C 123 14.25 29.31 -17.82
CA ILE C 123 13.89 28.25 -18.70
C ILE C 123 14.76 28.21 -19.93
N VAL C 124 15.30 27.03 -20.28
CA VAL C 124 15.90 26.82 -21.60
C VAL C 124 15.09 25.69 -22.23
N ALA C 125 14.25 26.05 -23.17
CA ALA C 125 13.18 25.18 -23.58
C ALA C 125 13.61 23.97 -24.38
N GLY C 126 14.73 24.04 -25.07
CA GLY C 126 15.25 22.84 -25.71
C GLY C 126 14.25 22.12 -26.64
N ALA C 127 14.13 20.81 -26.51
CA ALA C 127 13.27 19.96 -27.36
C ALA C 127 11.85 20.43 -27.39
N ASN C 128 11.39 21.08 -26.33
CA ASN C 128 10.02 21.70 -26.37
C ASN C 128 9.77 22.53 -27.63
N LEU C 129 10.79 23.24 -28.10
CA LEU C 129 10.67 24.11 -29.23
C LEU C 129 10.65 23.39 -30.56
N LEU C 130 10.91 22.10 -30.56
CA LEU C 130 10.91 21.29 -31.76
C LEU C 130 9.59 20.53 -31.95
N LEU C 131 8.66 20.62 -30.98
CA LEU C 131 7.31 20.12 -31.19
C LEU C 131 6.65 20.95 -32.32
N ASN C 132 6.32 20.29 -33.42
CA ASN C 132 5.86 20.99 -34.61
C ASN C 132 4.50 20.52 -35.07
N THR C 133 4.01 21.20 -36.10
CA THR C 133 2.66 20.97 -36.59
C THR C 133 2.41 19.54 -37.03
N GLU C 134 3.41 18.95 -37.64
CA GLU C 134 3.32 17.56 -38.05
C GLU C 134 3.15 16.64 -36.82
N ASP C 135 3.90 16.91 -35.75
CA ASP C 135 3.73 16.15 -34.53
C ASP C 135 2.27 16.23 -33.95
N LEU C 136 1.60 17.39 -34.04
CA LEU C 136 0.20 17.50 -33.64
C LEU C 136 -0.79 16.75 -34.53
N ARG C 137 -0.51 16.72 -35.80
CA ARG C 137 -1.44 16.06 -36.68
C ARG C 137 -1.61 14.62 -36.38
N ALA C 138 -0.53 13.95 -36.03
CA ALA C 138 -0.64 12.53 -35.68
C ALA C 138 -1.59 12.38 -34.46
N ALA C 139 -1.65 13.37 -33.59
CA ALA C 139 -2.53 13.37 -32.43
C ALA C 139 -3.93 13.87 -32.71
N ALA C 140 -4.29 14.06 -33.97
CA ALA C 140 -5.58 14.59 -34.33
C ALA C 140 -6.80 13.79 -33.81
N ASN C 141 -6.72 12.46 -33.81
CA ASN C 141 -7.85 11.68 -33.34
C ASN C 141 -8.04 11.84 -31.81
N VAL C 142 -6.94 11.85 -31.09
CA VAL C 142 -6.97 12.00 -29.62
C VAL C 142 -7.50 13.39 -29.26
N ILE C 143 -7.04 14.41 -29.97
CA ILE C 143 -7.50 15.79 -29.75
C ILE C 143 -8.97 15.87 -29.96
N SER C 144 -9.47 15.28 -31.04
CA SER C 144 -10.86 15.44 -31.42
C SER C 144 -11.87 14.72 -30.50
N ARG C 145 -11.43 13.67 -29.79
CA ARG C 145 -12.27 12.92 -28.87
C ARG C 145 -12.21 13.41 -27.43
N ALA C 146 -11.44 14.48 -27.18
CA ALA C 146 -11.26 14.96 -25.83
C ALA C 146 -12.35 15.95 -25.45
N LYS C 147 -12.43 16.22 -24.16
CA LYS C 147 -13.35 17.26 -23.62
C LYS C 147 -12.65 18.59 -23.55
N VAL C 148 -11.39 18.59 -23.16
CA VAL C 148 -10.64 19.81 -22.93
C VAL C 148 -9.23 19.69 -23.50
N MET C 149 -8.79 20.76 -24.16
CA MET C 149 -7.41 20.92 -24.71
C MET C 149 -6.76 22.02 -23.92
N VAL C 150 -5.58 21.77 -23.41
CA VAL C 150 -4.82 22.74 -22.56
C VAL C 150 -3.52 23.08 -23.21
N CYS C 151 -3.24 24.38 -23.34
N CYS C 151 -3.24 24.37 -23.37
CA CYS C 151 -1.95 24.87 -23.88
CA CYS C 151 -1.90 24.81 -23.87
C CYS C 151 -1.35 25.97 -23.10
C CYS C 151 -1.35 25.97 -23.12
N GLN C 152 -0.04 26.19 -23.27
CA GLN C 152 0.65 27.30 -22.64
C GLN C 152 1.59 27.93 -23.69
N LEU C 153 2.58 28.69 -23.26
CA LEU C 153 3.56 29.31 -24.14
C LEU C 153 4.98 28.88 -23.84
N GLU C 154 5.19 27.63 -23.47
CA GLU C 154 6.57 27.08 -23.41
C GLU C 154 6.96 26.20 -24.55
N ILE C 155 6.08 26.03 -25.53
CA ILE C 155 6.50 25.47 -26.84
C ILE C 155 6.46 26.61 -27.83
N THR C 156 6.71 26.36 -29.12
CA THR C 156 6.66 27.40 -30.13
C THR C 156 5.26 27.95 -30.09
N PRO C 157 5.10 29.30 -29.97
CA PRO C 157 3.72 29.82 -30.01
C PRO C 157 2.86 29.32 -31.20
N ALA C 158 3.41 29.23 -32.37
CA ALA C 158 2.64 28.70 -33.54
C ALA C 158 2.08 27.27 -33.28
N THR C 159 2.81 26.46 -32.53
CA THR C 159 2.36 25.11 -32.24
C THR C 159 1.18 25.11 -31.26
N SER C 160 1.21 25.93 -30.21
CA SER C 160 0.07 26.15 -29.38
C SER C 160 -1.13 26.72 -30.16
N LEU C 161 -0.87 27.65 -31.09
CA LEU C 161 -1.97 28.21 -31.83
C LEU C 161 -2.64 27.08 -32.72
N GLU C 162 -1.81 26.21 -33.31
CA GLU C 162 -2.33 25.12 -34.05
C GLU C 162 -3.14 24.15 -33.19
N ALA C 163 -2.68 23.86 -31.96
CA ALA C 163 -3.42 22.94 -31.10
C ALA C 163 -4.83 23.50 -30.74
N LEU C 164 -4.86 24.82 -30.45
CA LEU C 164 -6.08 25.50 -30.20
C LEU C 164 -7.03 25.47 -31.42
N THR C 165 -6.47 25.64 -32.62
CA THR C 165 -7.24 25.64 -33.84
C THR C 165 -7.86 24.27 -34.01
N MET C 166 -7.06 23.23 -33.80
CA MET C 166 -7.50 21.87 -33.96
C MET C 166 -8.62 21.54 -33.00
N ALA C 167 -8.43 21.90 -31.73
CA ALA C 167 -9.45 21.71 -30.75
C ALA C 167 -10.74 22.42 -31.09
N ARG C 168 -10.66 23.68 -31.47
CA ARG C 168 -11.83 24.45 -31.82
C ARG C 168 -12.59 23.89 -33.02
N ARG C 169 -11.89 23.39 -34.01
CA ARG C 169 -12.59 22.81 -35.14
C ARG C 169 -13.23 21.45 -34.83
N SER C 170 -12.89 20.79 -33.74
CA SER C 170 -13.61 19.58 -33.29
C SER C 170 -14.59 19.87 -32.11
N GLY C 171 -14.86 21.14 -31.80
CA GLY C 171 -15.72 21.51 -30.70
C GLY C 171 -15.18 21.18 -29.30
N VAL C 172 -13.87 20.99 -29.16
CA VAL C 172 -13.25 20.71 -27.91
C VAL C 172 -13.00 22.00 -27.17
N LYS C 173 -13.22 21.98 -25.87
CA LYS C 173 -13.08 23.16 -25.10
C LYS C 173 -11.62 23.53 -25.01
N THR C 174 -11.28 24.79 -25.16
CA THR C 174 -9.90 25.25 -25.07
C THR C 174 -9.62 26.01 -23.78
N LEU C 175 -8.55 25.62 -23.11
N LEU C 175 -8.55 25.61 -23.10
CA LEU C 175 -8.07 26.26 -21.91
CA LEU C 175 -8.07 26.26 -21.89
C LEU C 175 -6.65 26.70 -22.20
C LEU C 175 -6.63 26.70 -22.19
N PHE C 176 -6.45 28.01 -22.31
CA PHE C 176 -5.17 28.56 -22.74
C PHE C 176 -4.60 29.36 -21.56
N ASN C 177 -3.33 29.10 -21.27
CA ASN C 177 -2.59 29.68 -20.20
C ASN C 177 -1.41 30.41 -20.87
N PRO C 178 -1.53 31.74 -21.06
CA PRO C 178 -0.48 32.48 -21.84
C PRO C 178 0.75 32.71 -20.99
N ALA C 179 1.51 31.65 -20.73
CA ALA C 179 2.59 31.67 -19.73
C ALA C 179 3.80 30.95 -20.27
N PRO C 180 4.98 31.59 -20.21
CA PRO C 180 5.15 33.01 -19.85
C PRO C 180 4.58 33.91 -20.88
N ALA C 181 4.20 35.10 -20.50
CA ALA C 181 3.42 35.98 -21.36
C ALA C 181 4.36 36.69 -22.33
N ILE C 182 3.84 36.98 -23.50
CA ILE C 182 4.53 37.86 -24.44
C ILE C 182 3.58 38.96 -24.85
N ALA C 183 4.09 40.17 -24.96
CA ALA C 183 3.21 41.29 -25.28
C ALA C 183 2.91 41.05 -26.82
N ASP C 184 1.84 41.52 -27.39
CA ASP C 184 1.68 41.24 -28.86
C ASP C 184 1.46 39.79 -29.30
N LEU C 185 0.87 38.99 -28.47
CA LEU C 185 0.31 37.71 -28.91
C LEU C 185 -0.58 37.86 -30.09
N ASP C 186 -0.50 36.91 -31.03
CA ASP C 186 -1.41 36.87 -32.18
C ASP C 186 -2.86 36.93 -31.66
N PRO C 187 -3.69 37.85 -32.18
CA PRO C 187 -5.05 38.07 -31.71
C PRO C 187 -5.91 36.78 -31.76
N GLN C 188 -5.53 35.82 -32.59
CA GLN C 188 -6.19 34.53 -32.61
C GLN C 188 -6.12 33.77 -31.34
N PHE C 189 -5.12 33.97 -30.54
CA PHE C 189 -5.08 33.32 -29.27
C PHE C 189 -6.29 33.64 -28.42
N TYR C 190 -6.78 34.88 -28.49
CA TYR C 190 -7.89 35.24 -27.65
C TYR C 190 -9.16 34.62 -28.24
N THR C 191 -9.34 34.76 -29.56
CA THR C 191 -10.57 34.29 -30.19
C THR C 191 -10.70 32.79 -30.11
N LEU C 192 -9.59 32.05 -30.05
CA LEU C 192 -9.67 30.58 -29.90
C LEU C 192 -9.76 30.05 -28.46
N SER C 193 -9.76 30.94 -27.46
CA SER C 193 -9.72 30.57 -26.01
C SER C 193 -11.11 30.56 -25.44
N ASP C 194 -11.61 29.38 -25.07
CA ASP C 194 -12.90 29.28 -24.30
C ASP C 194 -12.65 29.79 -22.89
N VAL C 195 -11.51 29.41 -22.36
CA VAL C 195 -11.10 29.77 -21.00
C VAL C 195 -9.68 30.27 -21.06
N PHE C 196 -9.45 31.54 -20.71
CA PHE C 196 -8.14 32.13 -20.83
C PHE C 196 -7.72 32.40 -19.38
N CYS C 197 -6.63 31.81 -18.90
CA CYS C 197 -6.25 31.87 -17.48
C CYS C 197 -4.80 32.22 -17.32
N CYS C 198 -4.54 33.31 -16.61
CA CYS C 198 -3.17 33.87 -16.45
C CYS C 198 -3.04 34.50 -15.05
N ASN C 199 -1.82 34.81 -14.68
CA ASN C 199 -1.57 35.42 -13.37
C ASN C 199 -1.48 36.93 -13.50
N GLU C 200 -1.23 37.57 -12.40
CA GLU C 200 -1.23 39.04 -12.35
C GLU C 200 -0.16 39.61 -13.24
N SER C 201 1.08 39.09 -13.09
CA SER C 201 2.23 39.69 -13.86
C SER C 201 2.05 39.48 -15.40
N GLU C 202 1.51 38.32 -15.76
CA GLU C 202 1.17 37.98 -17.12
C GLU C 202 0.07 38.91 -17.68
N ALA C 203 -0.95 39.16 -16.89
CA ALA C 203 -1.98 40.12 -17.24
C ALA C 203 -1.39 41.49 -17.54
N GLU C 204 -0.47 41.94 -16.69
CA GLU C 204 0.21 43.23 -16.91
C GLU C 204 0.92 43.24 -18.27
N ILE C 205 1.66 42.19 -18.56
CA ILE C 205 2.42 42.09 -19.81
C ILE C 205 1.47 42.13 -20.98
N LEU C 206 0.38 41.39 -20.86
CA LEU C 206 -0.54 41.28 -21.98
C LEU C 206 -1.40 42.55 -22.23
N THR C 207 -1.64 43.36 -21.23
CA THR C 207 -2.52 44.54 -21.34
C THR C 207 -1.85 45.89 -21.17
N GLY C 208 -0.62 45.91 -20.66
CA GLY C 208 0.09 47.15 -20.41
C GLY C 208 -0.51 47.85 -19.18
N LEU C 209 -1.44 47.22 -18.43
CA LEU C 209 -2.00 47.83 -17.21
C LEU C 209 -1.28 47.32 -15.98
N THR C 210 -1.42 48.05 -14.90
CA THR C 210 -0.93 47.64 -13.62
C THR C 210 -1.99 46.87 -12.86
N VAL C 211 -1.60 45.78 -12.19
CA VAL C 211 -2.56 44.96 -11.43
C VAL C 211 -2.08 44.90 -9.98
N GLY C 212 -2.57 45.82 -9.16
CA GLY C 212 -2.35 45.77 -7.72
C GLY C 212 -3.53 45.45 -6.78
N SER C 213 -4.63 44.92 -7.27
CA SER C 213 -5.88 44.74 -6.48
C SER C 213 -6.81 43.87 -7.26
N ALA C 214 -7.77 43.24 -6.58
CA ALA C 214 -8.77 42.46 -7.26
C ALA C 214 -9.50 43.35 -8.25
N ALA C 215 -9.81 44.59 -7.89
CA ALA C 215 -10.44 45.51 -8.79
C ALA C 215 -9.56 45.72 -10.06
N ASP C 216 -8.25 45.94 -9.86
CA ASP C 216 -7.34 46.16 -10.98
C ASP C 216 -7.33 44.93 -11.89
N ALA C 217 -7.28 43.75 -11.30
CA ALA C 217 -7.33 42.49 -12.06
C ALA C 217 -8.58 42.35 -12.87
N GLY C 218 -9.70 42.78 -12.31
CA GLY C 218 -10.97 42.86 -13.06
C GLY C 218 -10.94 43.77 -14.26
N GLU C 219 -10.27 44.90 -14.15
CA GLU C 219 -10.10 45.81 -15.31
C GLU C 219 -9.23 45.18 -16.39
N ALA C 220 -8.14 44.53 -15.98
CA ALA C 220 -7.28 43.82 -16.95
C ALA C 220 -8.01 42.67 -17.63
N ALA C 221 -8.79 41.93 -16.82
CA ALA C 221 -9.53 40.82 -17.33
C ALA C 221 -10.55 41.25 -18.38
N LEU C 222 -11.13 42.44 -18.21
CA LEU C 222 -12.14 42.92 -19.16
C LEU C 222 -11.46 43.32 -20.51
N VAL C 223 -10.24 43.87 -20.46
CA VAL C 223 -9.49 44.14 -21.70
C VAL C 223 -9.29 42.81 -22.47
N LEU C 224 -8.91 41.75 -21.74
CA LEU C 224 -8.69 40.42 -22.34
C LEU C 224 -9.98 39.80 -22.90
N LEU C 225 -11.07 39.95 -22.13
CA LEU C 225 -12.38 39.54 -22.57
C LEU C 225 -12.76 40.15 -23.89
N LYS C 226 -12.56 41.46 -24.03
CA LYS C 226 -12.93 42.15 -25.23
C LYS C 226 -12.09 41.81 -26.47
N ARG C 227 -10.93 41.18 -26.26
CA ARG C 227 -10.16 40.63 -27.34
C ARG C 227 -10.76 39.33 -27.90
N GLY C 228 -11.79 38.78 -27.26
CA GLY C 228 -12.53 37.68 -27.81
C GLY C 228 -12.43 36.37 -27.05
N CYS C 229 -11.95 36.41 -25.79
CA CYS C 229 -12.03 35.26 -24.90
C CYS C 229 -13.45 35.03 -24.46
N GLN C 230 -13.82 33.82 -24.15
CA GLN C 230 -15.15 33.57 -23.65
C GLN C 230 -15.16 33.76 -22.13
N VAL C 231 -14.12 33.28 -21.49
CA VAL C 231 -13.94 33.37 -20.02
C VAL C 231 -12.52 33.82 -19.81
N VAL C 232 -12.31 34.73 -18.84
CA VAL C 232 -10.97 35.18 -18.44
C VAL C 232 -10.86 35.02 -16.91
N ILE C 233 -9.80 34.38 -16.45
CA ILE C 233 -9.47 34.19 -15.07
C ILE C 233 -8.09 34.76 -14.84
N ILE C 234 -7.95 35.66 -13.85
CA ILE C 234 -6.65 36.12 -13.43
C ILE C 234 -6.41 35.59 -12.01
N THR C 235 -5.37 34.76 -11.87
CA THR C 235 -4.98 34.26 -10.59
C THR C 235 -4.19 35.32 -9.83
N LEU C 236 -4.34 35.29 -8.49
CA LEU C 236 -3.83 36.35 -7.64
C LEU C 236 -3.07 35.86 -6.42
N GLY C 237 -2.41 34.72 -6.54
CA GLY C 237 -1.58 34.22 -5.45
C GLY C 237 -2.45 33.96 -4.23
N ALA C 238 -2.04 34.44 -3.10
CA ALA C 238 -2.76 34.28 -1.86
C ALA C 238 -4.16 34.98 -1.88
N GLU C 239 -4.42 35.86 -2.87
CA GLU C 239 -5.74 36.53 -2.98
C GLU C 239 -6.78 35.70 -3.75
N GLY C 240 -6.42 34.50 -4.17
CA GLY C 240 -7.30 33.65 -4.91
C GLY C 240 -7.33 33.96 -6.40
N CYS C 241 -8.51 34.30 -6.95
CA CYS C 241 -8.58 34.64 -8.40
C CYS C 241 -9.76 35.57 -8.64
N VAL C 242 -9.78 36.13 -9.85
CA VAL C 242 -10.86 36.95 -10.31
C VAL C 242 -11.29 36.38 -11.65
N VAL C 243 -12.58 36.41 -11.95
CA VAL C 243 -13.14 35.82 -13.12
C VAL C 243 -14.18 36.75 -13.72
N LEU C 244 -14.26 36.73 -15.04
CA LEU C 244 -15.41 37.21 -15.74
C LEU C 244 -15.61 36.45 -17.07
N SER C 245 -16.73 36.66 -17.70
CA SER C 245 -17.09 35.93 -18.93
C SER C 245 -17.97 36.76 -19.79
N GLN C 246 -18.13 36.34 -21.07
CA GLN C 246 -19.01 37.07 -21.97
C GLN C 246 -20.46 37.13 -21.46
N THR C 247 -20.95 36.05 -20.87
CA THR C 247 -22.30 36.03 -20.36
C THR C 247 -22.42 36.77 -18.99
N GLU C 248 -21.36 36.79 -18.21
CA GLU C 248 -21.35 37.53 -16.95
C GLU C 248 -20.09 38.41 -16.86
N PRO C 249 -20.12 39.57 -17.47
CA PRO C 249 -18.89 40.36 -17.63
C PRO C 249 -18.50 41.18 -16.40
N GLU C 250 -19.31 41.22 -15.35
CA GLU C 250 -18.91 41.87 -14.06
C GLU C 250 -17.99 40.96 -13.31
N PRO C 251 -16.79 41.42 -13.05
CA PRO C 251 -15.84 40.49 -12.43
C PRO C 251 -16.19 40.08 -10.98
N LYS C 252 -15.88 38.86 -10.64
CA LYS C 252 -16.07 38.25 -9.30
C LYS C 252 -14.69 37.88 -8.69
N HIS C 253 -14.49 38.20 -7.39
CA HIS C 253 -13.32 37.83 -6.65
C HIS C 253 -13.63 36.59 -5.85
N ILE C 254 -12.87 35.54 -6.11
CA ILE C 254 -12.95 34.29 -5.39
C ILE C 254 -11.77 34.19 -4.41
N PRO C 255 -11.98 34.55 -3.15
CA PRO C 255 -10.80 34.53 -2.26
C PRO C 255 -10.54 33.12 -1.74
N THR C 256 -9.38 32.98 -1.10
CA THR C 256 -8.93 31.68 -0.64
C THR C 256 -8.34 31.86 0.80
N GLU C 257 -8.41 30.81 1.60
N GLU C 257 -8.45 30.82 1.60
CA GLU C 257 -7.98 30.91 3.01
CA GLU C 257 -8.03 30.94 3.01
C GLU C 257 -6.47 30.98 3.14
C GLU C 257 -6.48 30.98 3.15
N LYS C 258 -6.03 31.67 4.18
CA LYS C 258 -4.62 31.87 4.47
C LYS C 258 -3.96 30.53 4.77
N VAL C 259 -2.96 30.15 3.98
CA VAL C 259 -2.06 28.98 4.29
C VAL C 259 -0.62 29.45 4.35
N LYS C 260 0.27 28.67 5.01
CA LYS C 260 1.72 28.94 5.05
C LYS C 260 2.40 28.34 3.80
N ALA C 261 2.78 29.19 2.85
CA ALA C 261 3.41 28.72 1.62
C ALA C 261 4.85 28.27 1.84
N VAL C 262 5.18 27.08 1.35
CA VAL C 262 6.55 26.55 1.40
C VAL C 262 7.22 26.73 0.03
N ASP C 263 6.52 26.43 -1.05
CA ASP C 263 7.08 26.60 -2.38
C ASP C 263 5.93 26.76 -3.35
N THR C 264 5.77 27.97 -3.85
CA THR C 264 4.69 28.29 -4.76
C THR C 264 4.94 27.97 -6.23
N THR C 265 6.13 27.45 -6.55
CA THR C 265 6.47 27.12 -7.92
C THR C 265 5.41 26.19 -8.43
N GLY C 266 4.89 26.49 -9.60
CA GLY C 266 3.94 25.60 -10.15
C GLY C 266 2.50 25.72 -9.62
N ALA C 267 2.20 26.66 -8.72
CA ALA C 267 0.86 26.77 -8.15
C ALA C 267 -0.19 27.06 -9.16
N GLY C 268 0.16 27.93 -10.11
CA GLY C 268 -0.65 28.20 -11.25
C GLY C 268 -0.95 27.00 -12.11
N ASP C 269 0.08 26.15 -12.30
CA ASP C 269 -0.12 24.92 -13.04
C ASP C 269 -1.05 23.94 -12.36
N SER C 270 -0.98 23.87 -11.04
CA SER C 270 -1.91 23.06 -10.27
C SER C 270 -3.30 23.57 -10.47
N PHE C 271 -3.45 24.89 -10.37
CA PHE C 271 -4.76 25.54 -10.53
C PHE C 271 -5.39 25.24 -11.90
N VAL C 272 -4.59 25.37 -12.93
CA VAL C 272 -5.05 25.13 -14.29
C VAL C 272 -5.35 23.66 -14.52
N GLY C 273 -4.55 22.74 -14.00
CA GLY C 273 -4.79 21.33 -14.19
C GLY C 273 -6.05 20.86 -13.44
N ALA C 274 -6.27 21.43 -12.25
CA ALA C 274 -7.52 21.24 -11.54
C ALA C 274 -8.73 21.78 -12.35
N LEU C 275 -8.63 22.99 -12.86
CA LEU C 275 -9.67 23.55 -13.66
C LEU C 275 -9.97 22.70 -14.91
N ALA C 276 -8.96 22.20 -15.59
CA ALA C 276 -9.18 21.29 -16.71
C ALA C 276 -9.95 20.01 -16.28
N PHE C 277 -9.59 19.45 -15.11
CA PHE C 277 -10.30 18.31 -14.57
C PHE C 277 -11.80 18.62 -14.39
N TYR C 278 -12.13 19.77 -13.79
CA TYR C 278 -13.52 20.14 -13.56
C TYR C 278 -14.28 20.42 -14.85
N LEU C 279 -13.67 21.11 -15.77
CA LEU C 279 -14.29 21.34 -17.06
C LEU C 279 -14.63 20.05 -17.79
N ALA C 280 -13.76 19.05 -17.68
CA ALA C 280 -13.90 17.81 -18.36
C ALA C 280 -14.86 16.91 -17.68
N TYR C 281 -14.86 16.82 -16.34
CA TYR C 281 -15.62 15.80 -15.62
C TYR C 281 -16.76 16.33 -14.81
N TYR C 282 -16.78 17.63 -14.53
CA TYR C 282 -17.86 18.24 -13.75
C TYR C 282 -18.49 19.44 -14.49
N PRO C 283 -18.98 19.23 -15.73
CA PRO C 283 -19.32 20.36 -16.54
C PRO C 283 -20.50 21.15 -16.03
N ASN C 284 -21.36 20.58 -15.22
CA ASN C 284 -22.53 21.29 -14.70
C ASN C 284 -22.29 22.09 -13.42
N LEU C 285 -21.10 22.04 -12.88
CA LEU C 285 -20.79 22.96 -11.76
C LEU C 285 -20.73 24.45 -12.27
N SER C 286 -21.07 25.43 -11.43
CA SER C 286 -20.82 26.82 -11.78
C SER C 286 -19.35 27.04 -11.95
N LEU C 287 -18.99 27.96 -12.79
CA LEU C 287 -17.59 28.28 -12.94
C LEU C 287 -16.96 28.73 -11.62
N GLU C 288 -17.70 29.45 -10.81
CA GLU C 288 -17.14 29.95 -9.56
C GLU C 288 -16.89 28.78 -8.58
N ASP C 289 -17.74 27.80 -8.59
CA ASP C 289 -17.56 26.59 -7.82
C ASP C 289 -16.29 25.88 -8.31
N MET C 290 -16.14 25.70 -9.62
CA MET C 290 -14.93 25.11 -10.15
C MET C 290 -13.66 25.84 -9.71
N LEU C 291 -13.73 27.17 -9.71
CA LEU C 291 -12.57 28.00 -9.37
C LEU C 291 -12.29 27.96 -7.85
N ASN C 292 -13.32 27.83 -7.05
CA ASN C 292 -13.21 27.71 -5.62
C ASN C 292 -12.52 26.38 -5.26
N ARG C 293 -12.84 25.31 -5.96
CA ARG C 293 -12.19 24.02 -5.79
C ARG C 293 -10.73 24.06 -6.29
N SER C 294 -10.55 24.69 -7.46
CA SER C 294 -9.25 24.77 -8.08
C SER C 294 -8.30 25.62 -7.17
N ASN C 295 -8.79 26.69 -6.54
CA ASN C 295 -8.03 27.42 -5.50
C ASN C 295 -7.55 26.46 -4.37
N PHE C 296 -8.47 25.66 -3.82
CA PHE C 296 -8.19 24.79 -2.73
C PHE C 296 -7.02 23.82 -3.08
N ILE C 297 -7.13 23.21 -4.23
CA ILE C 297 -6.16 22.27 -4.72
C ILE C 297 -4.74 22.94 -4.91
N ALA C 298 -4.71 24.10 -5.54
CA ALA C 298 -3.48 24.80 -5.77
C ALA C 298 -2.89 25.21 -4.44
N ALA C 299 -3.75 25.58 -3.50
CA ALA C 299 -3.23 25.95 -2.15
C ALA C 299 -2.59 24.80 -1.43
N VAL C 300 -3.09 23.59 -1.66
CA VAL C 300 -2.43 22.38 -1.15
C VAL C 300 -1.02 22.34 -1.74
N SER C 301 -0.91 22.53 -3.05
CA SER C 301 0.41 22.46 -3.65
C SER C 301 1.45 23.44 -3.08
N VAL C 302 1.06 24.66 -2.72
CA VAL C 302 2.05 25.66 -2.28
C VAL C 302 2.58 25.31 -0.92
N GLN C 303 1.87 24.40 -0.19
CA GLN C 303 2.33 23.99 1.13
C GLN C 303 3.45 22.98 1.12
N ALA C 304 3.96 22.60 -0.04
CA ALA C 304 5.07 21.63 -0.05
C ALA C 304 6.03 21.94 -1.17
N ALA C 305 7.26 21.50 -0.99
CA ALA C 305 8.31 21.71 -1.96
C ALA C 305 8.17 20.89 -3.21
N GLY C 306 8.72 21.43 -4.28
N GLY C 306 8.60 21.49 -4.31
CA GLY C 306 9.08 20.64 -5.47
CA GLY C 306 8.58 20.88 -5.64
C GLY C 306 8.08 20.34 -6.57
C GLY C 306 7.26 21.11 -6.33
N THR C 307 7.17 21.28 -6.82
N THR C 307 7.26 21.09 -7.64
CA THR C 307 6.21 21.30 -7.92
CA THR C 307 6.01 21.34 -8.28
C THR C 307 5.35 20.00 -8.09
C THR C 307 5.23 20.03 -8.21
N GLN C 308 5.66 19.09 -9.03
CA GLN C 308 4.85 17.90 -9.18
C GLN C 308 4.75 17.05 -7.90
N SER C 309 5.85 16.94 -7.14
CA SER C 309 5.77 16.13 -5.92
C SER C 309 4.83 16.77 -4.88
N SER C 310 4.48 18.06 -5.00
CA SER C 310 3.51 18.69 -4.10
C SER C 310 2.03 18.59 -4.53
N TYR C 311 1.73 18.08 -5.74
CA TYR C 311 0.44 18.06 -6.24
C TYR C 311 -0.32 16.94 -5.59
N PRO C 312 -1.48 17.27 -5.03
CA PRO C 312 -2.28 16.22 -4.32
C PRO C 312 -2.99 15.27 -5.30
N TYR C 313 -3.21 14.05 -4.86
CA TYR C 313 -4.10 13.11 -5.46
C TYR C 313 -5.44 13.24 -4.84
N LYS C 314 -6.43 12.66 -5.48
CA LYS C 314 -7.77 12.56 -4.88
C LYS C 314 -7.73 12.05 -3.41
N LYS C 315 -7.02 10.96 -3.17
CA LYS C 315 -6.94 10.37 -1.83
C LYS C 315 -6.40 11.31 -0.74
N ASP C 316 -5.67 12.37 -1.13
CA ASP C 316 -5.12 13.34 -0.21
C ASP C 316 -6.04 14.52 0.00
N LEU C 317 -7.18 14.56 -0.68
CA LEU C 317 -8.07 15.70 -0.68
C LEU C 317 -9.42 15.43 0.01
N PRO C 318 -10.06 16.47 0.53
CA PRO C 318 -11.44 16.30 1.04
C PRO C 318 -12.39 15.88 -0.04
N LEU C 319 -13.27 14.98 0.32
CA LEU C 319 -14.22 14.41 -0.65
C LEU C 319 -15.23 15.38 -1.22
N THR C 320 -15.45 16.50 -0.53
CA THR C 320 -16.33 17.53 -0.98
C THR C 320 -15.88 18.16 -2.29
N LEU C 321 -14.56 18.11 -2.57
CA LEU C 321 -14.08 18.54 -3.89
C LEU C 321 -14.59 17.75 -5.09
N PHE C 322 -15.18 16.58 -4.84
CA PHE C 322 -15.63 15.63 -5.89
C PHE C 322 -17.11 15.44 -5.95
N LEU C 323 -17.83 16.25 -5.20
CA LEU C 323 -19.28 16.22 -5.21
C LEU C 323 -19.83 16.77 -6.52
N GLU C 324 -20.89 16.12 -6.99
CA GLU C 324 -21.51 16.44 -8.28
C GLU C 324 -22.42 17.70 -8.20
N HIS C 325 -22.80 18.10 -7.02
CA HIS C 325 -23.61 19.31 -6.83
C HIS C 325 -22.65 20.38 -6.18
N HIS C 326 -23.15 21.61 -6.14
CA HIS C 326 -22.50 22.76 -5.50
C HIS C 326 -22.10 22.48 -4.05
N HIS C 327 -20.86 22.77 -3.71
CA HIS C 327 -20.42 22.68 -2.32
C HIS C 327 -19.33 23.74 -2.13
N HIS C 328 -19.56 24.67 -1.20
CA HIS C 328 -18.61 25.75 -0.94
C HIS C 328 -17.41 25.43 -0.05
N HIS C 329 -17.64 24.92 1.16
CA HIS C 329 -16.56 24.91 2.22
C HIS C 329 -15.86 23.54 2.16
N HIS C 330 -14.60 23.53 1.76
CA HIS C 330 -13.75 22.27 1.70
C HIS C 330 -12.77 22.12 2.92
N GLU D 14 53.37 4.36 -9.10
CA GLU D 14 52.92 5.61 -9.79
C GLU D 14 52.41 6.60 -8.70
N VAL D 15 53.33 7.09 -7.86
CA VAL D 15 53.03 7.96 -6.70
C VAL D 15 52.54 9.38 -7.05
N ALA D 16 51.39 9.79 -6.52
CA ALA D 16 50.89 11.12 -6.71
C ALA D 16 51.79 12.19 -6.06
N ALA D 17 52.19 13.18 -6.85
CA ALA D 17 53.02 14.30 -6.38
C ALA D 17 52.18 15.46 -5.91
N VAL D 18 50.97 15.57 -6.45
CA VAL D 18 50.07 16.64 -6.10
C VAL D 18 48.77 16.00 -5.56
N VAL D 19 48.45 16.33 -4.32
CA VAL D 19 47.21 15.87 -3.68
C VAL D 19 46.38 17.12 -3.50
N VAL D 20 45.14 17.05 -3.95
CA VAL D 20 44.21 18.14 -3.75
C VAL D 20 43.10 17.63 -2.83
N VAL D 21 42.92 18.36 -1.73
CA VAL D 21 41.86 18.07 -0.80
C VAL D 21 40.91 19.23 -0.96
N GLY D 22 39.73 18.94 -1.52
CA GLY D 22 38.78 20.00 -1.81
C GLY D 22 37.53 19.59 -2.55
N SER D 23 37.01 20.51 -3.37
CA SER D 23 35.62 20.48 -3.78
C SER D 23 35.42 20.04 -5.22
N CYS D 24 34.30 19.33 -5.45
CA CYS D 24 33.80 19.01 -6.78
C CYS D 24 32.35 19.52 -6.82
N MET D 25 31.99 20.21 -7.89
CA MET D 25 30.67 20.83 -8.03
C MET D 25 30.25 20.63 -9.49
N THR D 26 28.98 20.25 -9.66
CA THR D 26 28.35 20.26 -10.99
C THR D 26 27.90 21.69 -11.28
N ASP D 27 28.32 22.22 -12.42
CA ASP D 27 27.94 23.58 -12.92
C ASP D 27 26.77 23.41 -13.82
N LEU D 28 25.69 24.10 -13.47
CA LEU D 28 24.40 24.05 -14.14
C LEU D 28 24.20 25.48 -14.68
N VAL D 29 24.55 25.68 -15.95
CA VAL D 29 24.76 27.03 -16.53
C VAL D 29 23.71 27.39 -17.54
N SER D 30 23.01 28.50 -17.29
CA SER D 30 22.03 29.00 -18.21
C SER D 30 22.50 30.32 -18.73
N LEU D 31 22.57 30.46 -20.06
CA LEU D 31 22.85 31.76 -20.70
C LEU D 31 21.57 32.47 -21.07
N THR D 32 21.46 33.74 -20.69
CA THR D 32 20.26 34.57 -20.90
C THR D 32 20.67 35.90 -21.46
N SER D 33 19.71 36.67 -21.96
CA SER D 33 20.00 38.02 -22.41
C SER D 33 19.88 39.01 -21.25
N ARG D 34 19.06 38.73 -20.22
CA ARG D 34 19.05 39.58 -18.98
C ARG D 34 18.92 38.69 -17.74
N LEU D 35 19.23 39.24 -16.57
CA LEU D 35 19.07 38.49 -15.34
C LEU D 35 17.63 38.68 -14.90
N PRO D 36 17.07 37.70 -14.18
CA PRO D 36 15.71 37.84 -13.66
C PRO D 36 15.68 38.62 -12.36
N LYS D 37 14.67 39.47 -12.18
CA LYS D 37 14.34 40.08 -10.87
C LYS D 37 13.56 39.04 -10.07
N THR D 38 13.41 39.27 -8.78
CA THR D 38 12.66 38.37 -7.88
C THR D 38 11.24 38.16 -8.44
N GLY D 39 10.76 36.92 -8.40
CA GLY D 39 9.41 36.60 -8.86
C GLY D 39 9.28 36.32 -10.36
N GLU D 40 10.34 36.56 -11.12
CA GLU D 40 10.30 36.46 -12.60
C GLU D 40 10.68 35.10 -13.12
N THR D 41 10.00 34.71 -14.20
CA THR D 41 10.39 33.62 -15.06
C THR D 41 10.90 34.23 -16.34
N ILE D 42 12.09 33.87 -16.78
CA ILE D 42 12.60 34.37 -18.03
C ILE D 42 13.06 33.22 -18.85
N HIS D 43 13.17 33.43 -20.16
CA HIS D 43 13.69 32.42 -21.05
C HIS D 43 15.22 32.67 -21.30
N GLY D 44 16.04 31.63 -21.25
CA GLY D 44 17.43 31.68 -21.66
C GLY D 44 17.58 31.00 -23.00
N HIS D 45 18.75 31.08 -23.58
CA HIS D 45 18.89 30.56 -24.93
C HIS D 45 19.84 29.39 -24.96
N LYS D 46 20.55 29.14 -23.87
CA LYS D 46 21.33 27.92 -23.82
C LYS D 46 21.53 27.42 -22.42
N PHE D 47 21.60 26.10 -22.30
CA PHE D 47 21.88 25.47 -20.99
C PHE D 47 22.90 24.40 -21.21
N PHE D 48 23.85 24.32 -20.29
CA PHE D 48 24.80 23.23 -20.27
C PHE D 48 25.29 22.82 -18.87
N ILE D 49 25.72 21.56 -18.79
CA ILE D 49 26.28 21.00 -17.60
C ILE D 49 27.80 20.88 -17.72
N GLY D 50 28.51 21.36 -16.72
CA GLY D 50 29.95 21.33 -16.73
C GLY D 50 30.50 20.79 -15.42
N PHE D 51 31.78 20.40 -15.43
CA PHE D 51 32.43 19.96 -14.22
C PHE D 51 33.24 21.12 -13.60
N GLY D 52 32.88 21.49 -12.36
CA GLY D 52 33.51 22.56 -11.66
C GLY D 52 33.88 22.18 -10.24
N GLY D 53 33.93 23.20 -9.40
CA GLY D 53 34.52 23.07 -8.04
C GLY D 53 36.01 23.50 -8.13
N LYS D 54 36.42 24.38 -7.24
CA LYS D 54 37.78 24.86 -7.22
C LYS D 54 38.82 23.73 -7.07
N GLY D 55 38.51 22.76 -6.22
CA GLY D 55 39.47 21.66 -5.98
C GLY D 55 39.75 20.88 -7.24
N ALA D 56 38.67 20.41 -7.81
CA ALA D 56 38.78 19.64 -9.03
C ALA D 56 39.32 20.41 -10.18
N ASN D 57 38.98 21.69 -10.29
CA ASN D 57 39.47 22.50 -11.33
C ASN D 57 41.02 22.59 -11.25
N GLN D 58 41.54 22.82 -10.03
CA GLN D 58 42.95 22.94 -9.77
C GLN D 58 43.67 21.63 -10.06
N CYS D 59 43.03 20.54 -9.66
CA CYS D 59 43.57 19.19 -9.86
C CYS D 59 43.67 18.86 -11.36
N VAL D 60 42.62 19.23 -12.10
CA VAL D 60 42.56 19.00 -13.54
C VAL D 60 43.68 19.77 -14.27
N GLN D 61 43.89 21.03 -13.96
CA GLN D 61 44.95 21.74 -14.67
C GLN D 61 46.32 21.10 -14.37
N ALA D 62 46.58 20.77 -13.09
CA ALA D 62 47.86 20.14 -12.74
C ALA D 62 48.04 18.84 -13.50
N ALA D 63 47.01 18.01 -13.50
CA ALA D 63 47.02 16.74 -14.22
C ALA D 63 47.32 16.90 -15.70
N ARG D 64 46.68 17.87 -16.31
CA ARG D 64 46.86 18.08 -17.75
C ARG D 64 48.28 18.54 -18.13
N LEU D 65 48.96 19.17 -17.19
CA LEU D 65 50.38 19.60 -17.40
C LEU D 65 51.35 18.44 -17.21
N GLY D 66 50.82 17.30 -16.73
CA GLY D 66 51.58 16.06 -16.58
C GLY D 66 51.73 15.63 -15.12
N ALA D 67 51.15 16.31 -14.17
CA ALA D 67 51.27 15.89 -12.76
C ALA D 67 50.49 14.61 -12.50
N MET D 68 51.10 13.75 -11.71
CA MET D 68 50.42 12.61 -11.14
C MET D 68 49.64 13.15 -9.95
N THR D 69 48.31 13.11 -10.00
CA THR D 69 47.47 13.74 -8.99
C THR D 69 46.49 12.76 -8.28
N SER D 70 46.04 13.18 -7.12
CA SER D 70 45.03 12.45 -6.39
C SER D 70 44.01 13.48 -5.85
N MET D 71 42.71 13.25 -6.08
CA MET D 71 41.67 14.16 -5.67
C MET D 71 40.92 13.54 -4.45
N VAL D 72 41.00 14.24 -3.30
CA VAL D 72 40.39 13.79 -2.05
C VAL D 72 39.18 14.69 -1.93
N CYS D 73 38.01 14.10 -2.12
CA CYS D 73 36.79 14.85 -2.19
C CYS D 73 35.61 13.94 -1.93
N LYS D 74 34.42 14.55 -1.82
CA LYS D 74 33.21 13.81 -1.59
C LYS D 74 32.04 14.35 -2.47
N VAL D 75 31.46 13.42 -3.21
CA VAL D 75 30.33 13.68 -4.09
C VAL D 75 29.16 12.78 -3.61
N GLY D 76 28.02 12.97 -4.24
CA GLY D 76 26.84 12.15 -3.92
C GLY D 76 26.87 10.81 -4.60
N LYS D 77 26.09 9.91 -4.04
CA LYS D 77 25.71 8.63 -4.66
C LYS D 77 24.51 8.92 -5.57
N ASP D 78 24.74 9.65 -6.65
CA ASP D 78 23.77 10.14 -7.55
C ASP D 78 24.40 10.27 -8.94
N SER D 79 23.62 10.54 -9.97
CA SER D 79 24.16 10.56 -11.34
C SER D 79 25.27 11.55 -11.50
N PHE D 80 25.04 12.77 -11.01
CA PHE D 80 26.01 13.84 -11.13
C PHE D 80 27.33 13.48 -10.47
N GLY D 81 27.25 12.76 -9.34
CA GLY D 81 28.41 12.22 -8.68
C GLY D 81 29.14 11.14 -9.49
N ASN D 82 28.41 10.15 -10.01
CA ASN D 82 28.99 9.15 -10.87
C ASN D 82 29.69 9.80 -12.07
N ASP D 83 29.03 10.78 -12.66
CA ASP D 83 29.61 11.54 -13.78
C ASP D 83 30.88 12.26 -13.38
N TYR D 84 30.86 12.88 -12.19
CA TYR D 84 32.08 13.58 -11.70
C TYR D 84 33.29 12.60 -11.59
N ILE D 85 33.04 11.44 -10.99
CA ILE D 85 34.06 10.41 -10.88
C ILE D 85 34.64 10.06 -12.27
N GLU D 86 33.76 9.84 -13.25
CA GLU D 86 34.24 9.55 -14.58
C GLU D 86 35.07 10.72 -15.17
N ASN D 87 34.65 11.94 -14.93
CA ASN D 87 35.42 13.08 -15.34
C ASN D 87 36.85 13.13 -14.77
N LEU D 88 36.98 12.86 -13.48
CA LEU D 88 38.25 12.76 -12.86
C LEU D 88 39.14 11.68 -13.52
N LYS D 89 38.59 10.50 -13.70
CA LYS D 89 39.28 9.40 -14.38
C LYS D 89 39.66 9.74 -15.80
N GLN D 90 38.77 10.39 -16.53
CA GLN D 90 39.09 10.87 -17.89
C GLN D 90 40.27 11.86 -17.93
N ASN D 91 40.48 12.58 -16.83
CA ASN D 91 41.66 13.48 -16.71
C ASN D 91 42.87 12.83 -16.00
N ASP D 92 42.88 11.50 -15.91
CA ASP D 92 44.04 10.72 -15.33
C ASP D 92 44.35 11.06 -13.87
N ILE D 93 43.31 11.41 -13.14
CA ILE D 93 43.40 11.79 -11.74
C ILE D 93 42.99 10.57 -10.91
N SER D 94 43.72 10.27 -9.84
CA SER D 94 43.37 9.16 -8.99
C SER D 94 42.11 9.54 -8.25
N THR D 95 41.16 8.60 -8.23
CA THR D 95 39.96 8.75 -7.44
C THR D 95 39.88 7.81 -6.21
N GLU D 96 41.02 7.34 -5.77
CA GLU D 96 41.12 6.42 -4.64
C GLU D 96 40.37 6.96 -3.47
N PHE D 97 40.48 8.28 -3.23
CA PHE D 97 39.90 8.94 -2.09
C PHE D 97 38.84 9.96 -2.50
N THR D 98 38.18 9.68 -3.62
CA THR D 98 37.01 10.37 -4.05
C THR D 98 35.85 9.56 -3.50
N TYR D 99 35.17 10.10 -2.49
CA TYR D 99 34.15 9.36 -1.79
C TYR D 99 32.78 9.69 -2.34
N GLN D 100 31.83 8.75 -2.14
CA GLN D 100 30.43 8.98 -2.49
C GLN D 100 29.59 8.77 -1.26
N THR D 101 28.65 9.65 -1.01
CA THR D 101 27.78 9.52 0.16
C THR D 101 26.28 9.53 -0.24
N LYS D 102 25.46 8.71 0.43
CA LYS D 102 24.00 8.75 0.24
C LYS D 102 23.42 9.89 1.08
N ASP D 103 24.21 10.55 1.95
CA ASP D 103 23.67 11.55 2.87
C ASP D 103 23.51 12.95 2.35
N ALA D 104 24.01 13.23 1.16
CA ALA D 104 23.83 14.52 0.56
C ALA D 104 24.03 14.34 -0.94
N ALA D 105 23.52 15.28 -1.68
CA ALA D 105 23.74 15.30 -3.15
C ALA D 105 25.09 15.88 -3.48
N THR D 106 25.62 15.53 -4.66
CA THR D 106 26.79 16.20 -5.25
C THR D 106 26.59 17.70 -5.18
N GLY D 107 27.62 18.42 -4.80
CA GLY D 107 27.59 19.88 -4.80
C GLY D 107 27.19 20.44 -6.15
N THR D 108 26.50 21.58 -6.12
CA THR D 108 25.99 22.19 -7.35
C THR D 108 26.28 23.67 -7.33
N ALA D 109 26.61 24.21 -8.50
CA ALA D 109 26.63 25.63 -8.72
C ALA D 109 25.68 25.93 -9.87
N SER D 110 24.57 26.60 -9.54
CA SER D 110 23.65 27.07 -10.53
C SER D 110 24.05 28.46 -10.92
N ILE D 111 24.37 28.67 -12.20
CA ILE D 111 24.91 29.90 -12.71
C ILE D 111 24.02 30.41 -13.80
N ILE D 112 23.50 31.62 -13.63
CA ILE D 112 22.79 32.35 -14.69
C ILE D 112 23.72 33.47 -15.21
N VAL D 113 23.98 33.55 -16.51
CA VAL D 113 24.93 34.53 -17.10
C VAL D 113 24.23 35.27 -18.14
N ASN D 114 24.17 36.61 -18.02
CA ASN D 114 23.64 37.41 -19.14
C ASN D 114 24.67 37.65 -20.29
N ASN D 115 24.22 38.28 -21.36
CA ASN D 115 25.05 38.66 -22.51
C ASN D 115 26.31 39.52 -22.22
N GLU D 116 26.18 40.51 -21.33
CA GLU D 116 27.32 41.33 -20.91
C GLU D 116 28.23 40.56 -19.93
N GLY D 117 27.92 39.32 -19.53
CA GLY D 117 28.84 38.49 -18.72
C GLY D 117 28.60 38.58 -17.23
N GLN D 118 27.61 39.39 -16.79
CA GLN D 118 27.25 39.49 -15.36
C GLN D 118 26.44 38.24 -14.98
N ASN D 119 26.52 37.87 -13.71
CA ASN D 119 25.87 36.66 -13.28
C ASN D 119 25.17 36.68 -11.92
N ILE D 120 24.36 35.64 -11.67
CA ILE D 120 23.95 35.26 -10.34
C ILE D 120 24.27 33.78 -10.17
N ILE D 121 24.77 33.44 -8.98
CA ILE D 121 25.22 32.08 -8.68
C ILE D 121 24.61 31.63 -7.38
N VAL D 122 24.14 30.39 -7.37
CA VAL D 122 23.70 29.74 -6.17
C VAL D 122 24.43 28.42 -6.05
N ILE D 123 25.24 28.36 -5.01
CA ILE D 123 26.00 27.18 -4.66
C ILE D 123 25.30 26.38 -3.56
N VAL D 124 25.12 25.09 -3.79
CA VAL D 124 24.73 24.23 -2.72
C VAL D 124 25.88 23.28 -2.55
N ALA D 125 26.66 23.42 -1.48
CA ALA D 125 27.88 22.67 -1.41
C ALA D 125 27.61 21.19 -1.24
N GLY D 126 26.52 20.84 -0.61
CA GLY D 126 26.12 19.46 -0.52
C GLY D 126 27.17 18.52 0.06
N ALA D 127 27.43 17.43 -0.66
CA ALA D 127 28.38 16.39 -0.22
C ALA D 127 29.76 16.94 0.09
N ASN D 128 30.16 18.04 -0.53
CA ASN D 128 31.49 18.64 -0.23
C ASN D 128 31.65 18.89 1.25
N LEU D 129 30.55 19.24 1.92
CA LEU D 129 30.64 19.59 3.37
C LEU D 129 30.71 18.40 4.25
N LEU D 130 30.50 17.21 3.71
CA LEU D 130 30.58 15.98 4.46
C LEU D 130 31.98 15.31 4.37
N LEU D 131 32.90 15.87 3.62
CA LEU D 131 34.30 15.37 3.59
C LEU D 131 34.90 15.69 4.98
N ASN D 132 35.31 14.66 5.67
CA ASN D 132 35.58 14.79 7.15
C ASN D 132 36.99 14.25 7.49
N THR D 133 37.38 14.38 8.77
CA THR D 133 38.69 13.95 9.17
C THR D 133 38.87 12.42 9.00
N GLU D 134 37.81 11.60 9.17
CA GLU D 134 37.91 10.15 8.91
C GLU D 134 38.28 9.87 7.43
N ASP D 135 37.70 10.63 6.55
CA ASP D 135 37.99 10.51 5.12
C ASP D 135 39.45 10.87 4.81
N LEU D 136 39.99 11.87 5.50
CA LEU D 136 41.40 12.24 5.37
C LEU D 136 42.38 11.21 5.93
N ARG D 137 42.00 10.56 7.03
CA ARG D 137 42.84 9.58 7.65
C ARG D 137 43.16 8.42 6.72
N ALA D 138 42.18 7.96 5.97
CA ALA D 138 42.43 6.91 4.97
C ALA D 138 43.41 7.35 3.90
N ALA D 139 43.45 8.65 3.59
CA ALA D 139 44.41 9.22 2.64
C ALA D 139 45.75 9.60 3.19
N ALA D 140 46.05 9.27 4.45
CA ALA D 140 47.25 9.67 5.11
C ALA D 140 48.54 9.23 4.42
N ASN D 141 48.59 8.00 3.90
CA ASN D 141 49.79 7.55 3.25
C ASN D 141 50.04 8.34 1.92
N VAL D 142 48.98 8.61 1.18
CA VAL D 142 49.06 9.37 -0.06
C VAL D 142 49.49 10.81 0.22
N ILE D 143 48.89 11.43 1.21
CA ILE D 143 49.23 12.78 1.62
C ILE D 143 50.70 12.86 1.99
N SER D 144 51.21 11.91 2.78
CA SER D 144 52.59 11.98 3.25
C SER D 144 53.66 11.75 2.21
N ARG D 145 53.30 11.10 1.10
CA ARG D 145 54.24 10.81 0.00
C ARG D 145 54.17 11.81 -1.18
N ALA D 146 53.32 12.82 -1.04
CA ALA D 146 53.17 13.83 -2.04
C ALA D 146 54.26 14.94 -1.93
N LYS D 147 54.34 15.76 -2.95
CA LYS D 147 55.19 16.95 -2.90
C LYS D 147 54.43 18.19 -2.47
N VAL D 148 53.15 18.27 -2.87
CA VAL D 148 52.36 19.47 -2.69
C VAL D 148 50.93 19.05 -2.31
N MET D 149 50.40 19.73 -1.29
CA MET D 149 48.98 19.58 -0.88
C MET D 149 48.29 20.90 -1.21
N VAL D 150 47.12 20.83 -1.82
CA VAL D 150 46.38 22.01 -2.27
C VAL D 150 45.01 21.98 -1.64
N CYS D 151 44.62 23.10 -1.04
CA CYS D 151 43.26 23.26 -0.44
C CYS D 151 42.66 24.59 -0.76
N GLN D 152 41.34 24.64 -0.70
CA GLN D 152 40.60 25.88 -0.86
C GLN D 152 39.56 25.96 0.28
N LEU D 153 38.52 26.77 0.13
CA LEU D 153 37.50 26.94 1.17
C LEU D 153 36.12 26.59 0.66
N GLU D 154 36.03 25.58 -0.18
CA GLU D 154 34.74 25.04 -0.57
C GLU D 154 34.33 23.73 0.14
N ILE D 155 35.12 23.23 1.09
CA ILE D 155 34.73 22.14 1.94
C ILE D 155 34.68 22.72 3.34
N THR D 156 34.41 21.90 4.35
CA THR D 156 34.37 22.41 5.75
C THR D 156 35.75 22.98 6.08
N PRO D 157 35.82 24.24 6.58
CA PRO D 157 37.16 24.76 6.88
C PRO D 157 38.01 23.82 7.77
N ALA D 158 37.42 23.19 8.78
CA ALA D 158 38.17 22.27 9.65
C ALA D 158 38.81 21.13 8.89
N THR D 159 38.19 20.67 7.81
CA THR D 159 38.77 19.61 7.03
C THR D 159 40.00 20.12 6.27
N SER D 160 39.92 21.31 5.72
CA SER D 160 41.08 21.92 5.03
C SER D 160 42.22 22.17 6.02
N LEU D 161 41.87 22.63 7.20
CA LEU D 161 42.89 22.86 8.23
C LEU D 161 43.58 21.56 8.66
N GLU D 162 42.85 20.47 8.77
CA GLU D 162 43.44 19.17 9.04
C GLU D 162 44.31 18.69 7.91
N ALA D 163 43.88 18.87 6.68
CA ALA D 163 44.73 18.46 5.54
C ALA D 163 46.09 19.21 5.49
N LEU D 164 46.04 20.52 5.71
CA LEU D 164 47.24 21.33 5.81
C LEU D 164 48.15 20.86 7.00
N THR D 165 47.54 20.49 8.13
CA THR D 165 48.30 20.00 9.29
C THR D 165 48.98 18.68 8.92
N MET D 166 48.26 17.79 8.26
CA MET D 166 48.82 16.48 7.87
C MET D 166 50.00 16.66 6.90
N ALA D 167 49.80 17.52 5.91
CA ALA D 167 50.85 17.82 4.98
C ALA D 167 52.11 18.39 5.69
N ARG D 168 51.90 19.38 6.55
CA ARG D 168 53.01 19.97 7.30
C ARG D 168 53.79 18.95 8.10
N ARG D 169 53.11 18.00 8.70
CA ARG D 169 53.78 16.96 9.51
C ARG D 169 54.68 16.02 8.72
N SER D 170 54.45 15.91 7.42
CA SER D 170 55.29 15.11 6.56
C SER D 170 56.22 15.95 5.70
N GLY D 171 56.35 17.25 5.98
CA GLY D 171 57.16 18.14 5.19
C GLY D 171 56.65 18.42 3.77
N VAL D 172 55.37 18.20 3.52
CA VAL D 172 54.76 18.36 2.21
C VAL D 172 54.40 19.81 2.06
N LYS D 173 54.71 20.36 0.91
CA LYS D 173 54.50 21.77 0.69
C LYS D 173 53.01 22.10 0.64
N THR D 174 52.60 23.15 1.33
CA THR D 174 51.17 23.50 1.39
C THR D 174 50.84 24.70 0.53
N LEU D 175 49.85 24.53 -0.35
CA LEU D 175 49.39 25.59 -1.21
C LEU D 175 47.93 25.79 -0.84
N PHE D 176 47.64 26.95 -0.28
CA PHE D 176 46.30 27.26 0.17
C PHE D 176 45.73 28.44 -0.60
N ASN D 177 44.48 28.29 -1.01
CA ASN D 177 43.73 29.24 -1.82
C ASN D 177 42.43 29.60 -1.01
N PRO D 178 42.41 30.72 -0.28
CA PRO D 178 41.31 31.01 0.62
C PRO D 178 40.08 31.52 -0.15
N ALA D 179 39.45 30.62 -0.89
CA ALA D 179 38.45 30.99 -1.89
C ALA D 179 37.24 30.04 -1.78
N PRO D 180 36.00 30.61 -1.70
CA PRO D 180 35.72 32.02 -1.49
C PRO D 180 36.22 32.45 -0.10
N ALA D 181 36.50 33.73 0.05
CA ALA D 181 37.14 34.22 1.26
C ALA D 181 36.12 34.45 2.34
N ILE D 182 36.53 34.26 3.58
CA ILE D 182 35.72 34.68 4.70
C ILE D 182 36.56 35.62 5.56
N ALA D 183 35.93 36.68 6.07
CA ALA D 183 36.66 37.64 6.93
C ALA D 183 36.88 36.84 8.28
N ASP D 184 37.93 37.10 9.03
CA ASP D 184 38.14 36.29 10.23
C ASP D 184 38.37 34.76 10.04
N LEU D 185 38.97 34.44 8.93
CA LEU D 185 39.61 33.18 8.71
C LEU D 185 40.49 32.75 9.90
N ASP D 186 40.42 31.49 10.30
CA ASP D 186 41.20 31.00 11.46
C ASP D 186 42.66 31.35 11.21
N PRO D 187 43.35 32.01 12.19
CA PRO D 187 44.78 32.35 12.02
C PRO D 187 45.71 31.19 11.64
N GLN D 188 45.34 29.96 11.95
CA GLN D 188 46.14 28.81 11.51
C GLN D 188 46.25 28.61 10.02
N PHE D 189 45.27 29.06 9.25
CA PHE D 189 45.36 28.95 7.84
C PHE D 189 46.62 29.70 7.33
N TYR D 190 47.00 30.81 7.99
CA TYR D 190 48.18 31.60 7.56
C TYR D 190 49.47 30.86 7.94
N THR D 191 49.54 30.41 9.18
CA THR D 191 50.75 29.78 9.67
C THR D 191 51.00 28.41 9.04
N LEU D 192 49.98 27.73 8.55
CA LEU D 192 50.15 26.42 7.88
C LEU D 192 50.34 26.49 6.36
N SER D 193 50.32 27.70 5.80
CA SER D 193 50.43 27.96 4.35
C SER D 193 51.86 28.29 3.95
N ASP D 194 52.47 27.40 3.18
CA ASP D 194 53.79 27.70 2.55
C ASP D 194 53.59 28.71 1.44
N VAL D 195 52.52 28.54 0.69
CA VAL D 195 52.17 29.41 -0.36
C VAL D 195 50.68 29.76 -0.20
N PHE D 196 50.36 31.04 -0.10
CA PHE D 196 49.00 31.50 0.14
C PHE D 196 48.61 32.33 -1.06
N CYS D 197 47.63 31.90 -1.85
CA CYS D 197 47.33 32.52 -3.12
C CYS D 197 45.83 32.85 -3.19
N CYS D 198 45.50 34.13 -3.42
CA CYS D 198 44.13 34.58 -3.55
C CYS D 198 44.03 35.67 -4.60
N ASN D 199 42.82 36.08 -4.90
CA ASN D 199 42.61 37.16 -5.87
C ASN D 199 42.37 38.48 -5.18
N GLU D 200 42.07 39.51 -5.97
CA GLU D 200 41.93 40.89 -5.44
C GLU D 200 40.76 41.03 -4.48
N SER D 201 39.59 40.53 -4.90
CA SER D 201 38.40 40.68 -4.06
C SER D 201 38.51 39.85 -2.75
N GLU D 202 39.17 38.70 -2.84
CA GLU D 202 39.46 37.86 -1.66
C GLU D 202 40.43 38.55 -0.68
N ALA D 203 41.47 39.16 -1.24
CA ALA D 203 42.38 39.96 -0.45
C ALA D 203 41.67 41.08 0.31
N GLU D 204 40.75 41.76 -0.35
CA GLU D 204 39.94 42.81 0.31
C GLU D 204 39.15 42.27 1.49
N ILE D 205 38.49 41.14 1.27
CA ILE D 205 37.69 40.50 2.33
C ILE D 205 38.59 40.12 3.50
N LEU D 206 39.75 39.54 3.18
CA LEU D 206 40.64 39.07 4.23
C LEU D 206 41.35 40.20 5.04
N THR D 207 41.56 41.36 4.44
CA THR D 207 42.33 42.45 5.07
C THR D 207 41.52 43.70 5.40
N GLY D 208 40.33 43.85 4.81
CA GLY D 208 39.56 45.07 4.96
C GLY D 208 40.12 46.23 4.16
N LEU D 209 41.15 46.00 3.34
CA LEU D 209 41.76 47.05 2.51
C LEU D 209 41.12 47.04 1.14
N THR D 210 41.19 48.17 0.43
CA THR D 210 40.77 48.24 -0.97
C THR D 210 41.98 47.89 -1.89
N VAL D 211 41.74 47.09 -2.92
CA VAL D 211 42.79 46.69 -3.86
C VAL D 211 42.38 47.17 -5.26
N GLY D 212 42.80 48.37 -5.61
CA GLY D 212 42.63 48.87 -6.96
C GLY D 212 43.87 49.07 -7.81
N SER D 213 44.99 48.41 -7.51
CA SER D 213 46.29 48.64 -8.15
C SER D 213 47.24 47.54 -7.79
N ALA D 214 48.28 47.34 -8.59
CA ALA D 214 49.37 46.44 -8.18
C ALA D 214 49.96 46.93 -6.84
N ALA D 215 50.15 48.24 -6.67
CA ALA D 215 50.67 48.79 -5.41
C ALA D 215 49.76 48.44 -4.21
N ASP D 216 48.45 48.62 -4.42
CA ASP D 216 47.48 48.29 -3.40
C ASP D 216 47.54 46.79 -3.06
N ALA D 217 47.61 45.94 -4.09
CA ALA D 217 47.74 44.50 -3.87
C ALA D 217 48.99 44.14 -3.04
N GLY D 218 50.11 44.84 -3.31
CA GLY D 218 51.34 44.69 -2.52
C GLY D 218 51.14 44.98 -1.04
N GLU D 219 50.37 46.03 -0.72
CA GLU D 219 50.07 46.39 0.67
C GLU D 219 49.19 45.34 1.33
N ALA D 220 48.17 44.86 0.63
CA ALA D 220 47.34 43.77 1.14
C ALA D 220 48.15 42.48 1.36
N ALA D 221 49.00 42.14 0.39
CA ALA D 221 49.83 40.95 0.51
C ALA D 221 50.78 40.99 1.71
N LEU D 222 51.27 42.17 2.05
CA LEU D 222 52.16 42.30 3.20
C LEU D 222 51.40 42.07 4.52
N VAL D 223 50.15 42.52 4.59
CA VAL D 223 49.31 42.26 5.77
C VAL D 223 49.19 40.74 5.97
N LEU D 224 48.92 40.04 4.87
CA LEU D 224 48.77 38.58 4.89
C LEU D 224 50.08 37.88 5.27
N LEU D 225 51.20 38.36 4.70
CA LEU D 225 52.51 37.85 5.01
C LEU D 225 52.79 37.91 6.50
N LYS D 226 52.48 39.05 7.11
CA LYS D 226 52.73 39.24 8.54
C LYS D 226 51.83 38.41 9.47
N ARG D 227 50.73 37.86 8.95
CA ARG D 227 49.95 36.86 9.70
C ARG D 227 50.65 35.49 9.75
N GLY D 228 51.77 35.30 9.04
CA GLY D 228 52.55 34.07 9.14
C GLY D 228 52.65 33.21 7.89
N CYS D 229 52.18 33.70 6.74
CA CYS D 229 52.36 32.96 5.47
C CYS D 229 53.86 33.02 5.08
N GLN D 230 54.36 32.00 4.37
CA GLN D 230 55.74 32.01 3.91
C GLN D 230 55.82 32.80 2.62
N VAL D 231 54.88 32.54 1.71
CA VAL D 231 54.74 33.23 0.40
C VAL D 231 53.28 33.67 0.23
N VAL D 232 53.06 34.89 -0.26
CA VAL D 232 51.72 35.41 -0.57
C VAL D 232 51.72 35.84 -2.04
N ILE D 233 50.73 35.35 -2.79
CA ILE D 233 50.50 35.74 -4.17
C ILE D 233 49.08 36.27 -4.24
N ILE D 234 48.91 37.48 -4.79
CA ILE D 234 47.59 38.01 -5.14
C ILE D 234 47.45 38.08 -6.67
N THR D 235 46.49 37.32 -7.20
CA THR D 235 46.22 37.36 -8.64
C THR D 235 45.38 38.58 -8.98
N LEU D 236 45.60 39.10 -10.18
CA LEU D 236 45.10 40.41 -10.58
C LEU D 236 44.47 40.37 -11.97
N GLY D 237 43.89 39.23 -12.37
CA GLY D 237 43.21 39.15 -13.67
C GLY D 237 44.19 39.45 -14.79
N ALA D 238 43.83 40.38 -15.66
CA ALA D 238 44.68 40.80 -16.80
C ALA D 238 46.00 41.48 -16.38
N GLU D 239 46.13 41.86 -15.12
CA GLU D 239 47.34 42.50 -14.59
C GLU D 239 48.35 41.48 -14.05
N GLY D 240 48.04 40.20 -14.16
CA GLY D 240 48.99 39.14 -13.79
C GLY D 240 48.89 38.81 -12.32
N CYS D 241 49.98 38.98 -11.57
CA CYS D 241 49.95 38.76 -10.14
C CYS D 241 51.00 39.54 -9.44
N VAL D 242 50.89 39.57 -8.11
CA VAL D 242 51.92 40.20 -7.30
C VAL D 242 52.31 39.18 -6.24
N VAL D 243 53.58 39.15 -5.89
CA VAL D 243 54.13 38.17 -4.97
C VAL D 243 55.13 38.81 -3.99
N LEU D 244 55.13 38.27 -2.78
CA LEU D 244 56.19 38.52 -1.82
C LEU D 244 56.32 37.35 -0.89
N SER D 245 57.40 37.37 -0.12
CA SER D 245 57.74 36.22 0.73
C SER D 245 58.51 36.69 1.95
N GLN D 246 58.66 35.80 2.92
CA GLN D 246 59.38 36.15 4.11
C GLN D 246 60.82 36.53 3.79
N THR D 247 61.45 35.81 2.88
CA THR D 247 62.86 36.09 2.54
C THR D 247 62.97 37.33 1.63
N GLU D 248 61.95 37.61 0.81
CA GLU D 248 61.94 38.77 -0.07
C GLU D 248 60.61 39.50 0.07
N PRO D 249 60.46 40.31 1.11
CA PRO D 249 59.17 40.90 1.40
C PRO D 249 58.75 42.08 0.53
N GLU D 250 59.61 42.59 -0.36
CA GLU D 250 59.21 43.70 -1.26
C GLU D 250 58.42 43.12 -2.42
N PRO D 251 57.21 43.64 -2.65
CA PRO D 251 56.38 42.97 -3.62
C PRO D 251 56.89 43.15 -5.01
N LYS D 252 56.76 42.08 -5.80
CA LYS D 252 57.06 42.03 -7.19
C LYS D 252 55.76 41.95 -7.99
N HIS D 253 55.62 42.74 -9.05
CA HIS D 253 54.49 42.65 -9.97
C HIS D 253 54.94 41.83 -11.18
N ILE D 254 54.27 40.71 -11.44
CA ILE D 254 54.57 39.87 -12.58
C ILE D 254 53.43 40.08 -13.56
N PRO D 255 53.64 40.99 -14.52
CA PRO D 255 52.57 41.18 -15.50
C PRO D 255 52.43 40.03 -16.48
N THR D 256 51.35 40.06 -17.25
CA THR D 256 51.10 39.08 -18.26
C THR D 256 50.70 39.81 -19.57
N GLU D 257 51.03 39.21 -20.71
CA GLU D 257 50.84 39.88 -22.03
C GLU D 257 49.36 39.93 -22.35
N LYS D 258 48.99 41.00 -23.07
CA LYS D 258 47.63 41.21 -23.45
C LYS D 258 47.25 40.05 -24.39
N VAL D 259 46.19 39.34 -24.02
CA VAL D 259 45.50 38.38 -24.92
C VAL D 259 44.04 38.81 -25.07
N LYS D 260 43.33 38.27 -26.06
CA LYS D 260 41.91 38.50 -26.24
C LYS D 260 41.15 37.40 -25.42
N ALA D 261 40.61 37.79 -24.26
CA ALA D 261 39.86 36.88 -23.41
C ALA D 261 38.52 36.51 -24.05
N VAL D 262 38.26 35.23 -24.13
CA VAL D 262 36.94 34.73 -24.52
C VAL D 262 36.08 34.45 -23.26
N ASP D 263 36.67 33.80 -22.25
CA ASP D 263 35.92 33.44 -21.05
C ASP D 263 36.92 33.21 -19.96
N THR D 264 36.94 34.10 -19.00
CA THR D 264 37.89 34.03 -17.89
C THR D 264 37.45 33.11 -16.72
N THR D 265 36.27 32.50 -16.82
CA THR D 265 35.78 31.66 -15.74
C THR D 265 36.80 30.57 -15.40
N GLY D 266 37.16 30.43 -14.14
CA GLY D 266 38.09 29.41 -13.71
C GLY D 266 39.57 29.68 -13.97
N ALA D 267 39.90 30.91 -14.35
CA ALA D 267 41.27 31.27 -14.62
C ALA D 267 42.13 31.13 -13.40
N GLY D 268 41.61 31.54 -12.24
CA GLY D 268 42.36 31.43 -11.00
C GLY D 268 42.72 30.00 -10.64
N ASP D 269 41.78 29.11 -10.91
CA ASP D 269 41.97 27.66 -10.67
C ASP D 269 43.01 27.02 -11.60
N SER D 270 43.05 27.51 -12.85
CA SER D 270 44.08 27.20 -13.80
C SER D 270 45.42 27.70 -13.31
N PHE D 271 45.48 28.95 -12.86
CA PHE D 271 46.73 29.47 -12.20
C PHE D 271 47.27 28.65 -11.01
N VAL D 272 46.37 28.30 -10.08
CA VAL D 272 46.77 27.59 -8.88
C VAL D 272 47.16 26.15 -9.17
N GLY D 273 46.43 25.51 -10.09
CA GLY D 273 46.82 24.18 -10.52
C GLY D 273 48.18 24.15 -11.27
N ALA D 274 48.41 25.12 -12.14
CA ALA D 274 49.72 25.27 -12.75
C ALA D 274 50.81 25.48 -11.71
N LEU D 275 50.56 26.35 -10.75
CA LEU D 275 51.53 26.59 -9.69
C LEU D 275 51.82 25.31 -8.89
N ALA D 276 50.79 24.51 -8.58
CA ALA D 276 51.04 23.25 -7.89
C ALA D 276 51.92 22.33 -8.70
N PHE D 277 51.62 22.25 -9.99
CA PHE D 277 52.50 21.47 -10.92
C PHE D 277 53.98 21.90 -10.81
N TYR D 278 54.26 23.19 -10.86
CA TYR D 278 55.66 23.69 -10.84
C TYR D 278 56.30 23.44 -9.48
N LEU D 279 55.54 23.64 -8.41
CA LEU D 279 56.07 23.43 -7.04
C LEU D 279 56.46 21.94 -6.82
N ALA D 280 55.68 21.07 -7.45
CA ALA D 280 55.92 19.66 -7.39
C ALA D 280 56.98 19.13 -8.32
N TYR D 281 57.05 19.61 -9.56
CA TYR D 281 57.91 19.02 -10.56
C TYR D 281 59.12 19.90 -10.98
N TYR D 282 59.08 21.18 -10.71
CA TYR D 282 60.17 22.10 -11.07
C TYR D 282 60.67 22.87 -9.85
N PRO D 283 61.05 22.14 -8.78
CA PRO D 283 61.34 22.83 -7.53
C PRO D 283 62.57 23.78 -7.64
N ASN D 284 63.45 23.61 -8.62
CA ASN D 284 64.60 24.52 -8.76
C ASN D 284 64.35 25.82 -9.46
N LEU D 285 63.19 26.02 -10.05
CA LEU D 285 62.83 27.31 -10.62
C LEU D 285 62.60 28.39 -9.57
N SER D 286 62.94 29.64 -9.90
CA SER D 286 62.60 30.76 -9.04
C SER D 286 61.07 30.81 -8.92
N LEU D 287 60.62 31.34 -7.83
CA LEU D 287 59.20 31.56 -7.71
C LEU D 287 58.67 32.47 -8.83
N GLU D 288 59.45 33.48 -9.21
CA GLU D 288 59.04 34.44 -10.22
C GLU D 288 58.86 33.69 -11.56
N ASP D 289 59.77 32.76 -11.85
CA ASP D 289 59.69 31.87 -13.03
C ASP D 289 58.39 31.06 -12.96
N MET D 290 58.18 30.41 -11.82
CA MET D 290 56.92 29.63 -11.66
C MET D 290 55.67 30.43 -11.92
N LEU D 291 55.68 31.66 -11.44
CA LEU D 291 54.52 32.51 -11.62
C LEU D 291 54.33 33.06 -13.01
N ASN D 292 55.42 33.31 -13.72
CA ASN D 292 55.35 33.73 -15.12
C ASN D 292 54.72 32.62 -15.91
N ARG D 293 55.11 31.39 -15.64
CA ARG D 293 54.62 30.22 -16.39
C ARG D 293 53.16 29.91 -16.06
N SER D 294 52.81 30.10 -14.78
CA SER D 294 51.46 29.94 -14.32
C SER D 294 50.53 31.02 -14.86
N ASN D 295 51.01 32.27 -14.94
CA ASN D 295 50.29 33.32 -15.66
C ASN D 295 50.02 32.88 -17.15
N PHE D 296 51.03 32.36 -17.83
CA PHE D 296 50.90 32.01 -19.24
C PHE D 296 49.83 30.96 -19.50
N ILE D 297 49.85 29.94 -18.63
CA ILE D 297 48.92 28.85 -18.67
C ILE D 297 47.47 29.30 -18.38
N ALA D 298 47.30 30.12 -17.35
CA ALA D 298 45.98 30.65 -17.04
C ALA D 298 45.50 31.55 -18.17
N ALA D 299 46.40 32.31 -18.80
CA ALA D 299 46.01 33.15 -19.91
C ALA D 299 45.64 32.35 -21.15
N VAL D 300 46.20 31.16 -21.32
CA VAL D 300 45.71 30.27 -22.35
C VAL D 300 44.24 29.90 -22.03
N SER D 301 43.97 29.59 -20.77
CA SER D 301 42.58 29.21 -20.38
C SER D 301 41.61 30.31 -20.72
N VAL D 302 41.97 31.59 -20.56
CA VAL D 302 40.99 32.65 -20.78
C VAL D 302 40.66 32.87 -22.24
N GLN D 303 41.48 32.29 -23.14
CA GLN D 303 41.21 32.38 -24.57
C GLN D 303 40.18 31.35 -25.06
N ALA D 304 39.59 30.54 -24.17
CA ALA D 304 38.57 29.62 -24.63
C ALA D 304 37.46 29.45 -23.64
N ALA D 305 36.31 29.05 -24.14
CA ALA D 305 35.12 28.92 -23.34
C ALA D 305 35.19 27.70 -22.40
N GLY D 306 34.45 27.81 -21.31
CA GLY D 306 33.97 26.60 -20.54
C GLY D 306 34.78 25.89 -19.41
N THR D 307 35.54 26.69 -18.67
CA THR D 307 36.28 26.26 -17.46
C THR D 307 37.21 25.08 -17.69
N GLN D 308 36.92 23.90 -17.16
CA GLN D 308 37.84 22.76 -17.32
C GLN D 308 38.12 22.46 -18.79
N SER D 309 37.14 22.62 -19.67
N SER D 309 37.15 22.63 -19.66
CA SER D 309 37.40 22.37 -21.11
CA SER D 309 37.42 22.34 -21.06
C SER D 309 38.41 23.33 -21.73
C SER D 309 38.40 23.32 -21.71
N SER D 310 38.66 24.49 -21.10
CA SER D 310 39.66 25.44 -21.62
C SER D 310 41.04 25.28 -21.07
N TYR D 311 41.22 24.36 -20.14
CA TYR D 311 42.51 24.17 -19.53
C TYR D 311 43.44 23.39 -20.41
N PRO D 312 44.65 23.94 -20.70
CA PRO D 312 45.46 23.35 -21.77
C PRO D 312 46.20 22.12 -21.28
N TYR D 313 46.48 21.22 -22.20
CA TYR D 313 47.36 20.09 -21.96
C TYR D 313 48.78 20.50 -22.30
N LYS D 314 49.72 19.79 -21.69
CA LYS D 314 51.14 19.92 -21.98
C LYS D 314 51.42 19.87 -23.49
N LYS D 315 50.82 18.92 -24.20
CA LYS D 315 51.10 18.76 -25.64
C LYS D 315 50.74 19.98 -26.46
N ASP D 316 49.82 20.82 -25.97
CA ASP D 316 49.37 22.02 -26.70
C ASP D 316 50.07 23.28 -26.30
N LEU D 317 51.04 23.17 -25.41
CA LEU D 317 51.70 24.36 -24.88
C LEU D 317 53.14 24.48 -25.38
N PRO D 318 53.67 25.67 -25.35
CA PRO D 318 55.09 25.82 -25.80
C PRO D 318 56.02 25.04 -24.89
N LEU D 319 57.05 24.42 -25.52
CA LEU D 319 58.10 23.66 -24.85
C LEU D 319 58.88 24.45 -23.80
N THR D 320 58.98 25.76 -23.98
CA THR D 320 59.71 26.61 -23.04
C THR D 320 59.10 26.60 -21.66
N LEU D 321 57.78 26.33 -21.57
CA LEU D 321 57.16 26.15 -20.23
C LEU D 321 57.65 24.97 -19.41
N PHE D 322 58.37 24.04 -20.02
CA PHE D 322 58.83 22.82 -19.40
C PHE D 322 60.37 22.72 -19.38
N LEU D 323 61.06 23.79 -19.73
CA LEU D 323 62.51 23.81 -19.74
C LEU D 323 63.07 24.44 -18.48
N GLU D 324 64.25 23.97 -18.11
CA GLU D 324 65.07 24.67 -17.13
C GLU D 324 65.32 26.13 -17.42
N HIS D 325 65.44 26.87 -16.31
CA HIS D 325 66.09 28.20 -16.32
C HIS D 325 67.53 27.98 -15.82
N HIS D 326 68.48 27.88 -16.73
CA HIS D 326 69.87 27.69 -16.37
C HIS D 326 70.38 28.79 -15.45
N HIS D 327 71.13 28.42 -14.45
CA HIS D 327 71.64 29.39 -13.46
C HIS D 327 72.77 28.82 -12.64
N HIS D 328 73.59 29.68 -12.07
CA HIS D 328 74.62 29.23 -11.06
C HIS D 328 74.02 28.82 -9.67
N HIS D 329 74.64 27.83 -8.94
CA HIS D 329 73.90 26.84 -7.99
C HIS D 329 73.13 27.47 -6.80
PG ACP E . -18.25 -7.87 5.53
PG ACP E . -17.47 -7.12 1.60
O1G ACP E . -17.62 -9.08 4.92
O1G ACP E . -17.72 -7.92 0.37
O2G ACP E . -18.11 -7.81 7.12
O2G ACP E . -18.92 -7.02 2.35
O3G ACP E . -19.73 -7.81 4.91
O3G ACP E . -16.98 -5.65 1.12
PB ACP E . -15.79 -6.17 5.12
PB ACP E . -15.86 -7.15 4.12
O1B ACP E . -14.89 -7.31 4.45
O1B ACP E . -15.04 -8.27 4.95
O2B ACP E . -15.67 -6.18 6.59
O2B ACP E . -16.97 -6.53 4.87
C3B ACP E . -17.55 -6.37 4.78
C3B ACP E . -16.30 -8.05 2.63
PA ACP E . -15.50 -4.11 3.12
PA ACP E . -15.21 -4.40 3.48
O1A ACP E . -15.88 -2.66 3.22
O1A ACP E . -14.82 -3.82 4.83
O2A ACP E . -16.31 -5.06 2.31
O2A ACP E . -16.38 -3.90 2.70
O3A ACP E . -15.29 -4.70 4.61
O3A ACP E . -14.96 -6.01 3.45
O5' ACP E . -14.07 -4.20 2.34
O5' ACP E . -13.97 -4.06 2.49
C5' ACP E . -12.86 -4.02 3.02
C5' ACP E . -12.69 -3.97 3.06
C4' ACP E . -11.82 -3.47 2.04
C4' ACP E . -11.72 -3.49 2.00
O4' ACP E . -11.56 -4.49 1.10
O4' ACP E . -11.55 -4.53 1.07
C3' ACP E . -12.24 -2.28 1.19
C3' ACP E . -12.16 -2.31 1.15
O3' ACP E . -12.01 -1.01 1.81
O3' ACP E . -11.97 -1.05 1.77
C2' ACP E . -11.37 -2.44 -0.04
C2' ACP E . -11.32 -2.49 -0.09
O2' ACP E . -10.06 -1.89 0.23
O2' ACP E . -9.97 -2.01 0.15
C1' ACP E . -11.37 -3.93 -0.22
C1' ACP E . -11.36 -3.99 -0.24
N9 ACP E . -12.45 -4.44 -1.10
N9 ACP E . -12.46 -4.48 -1.12
C8 ACP E . -13.60 -5.05 -0.71
C8 ACP E . -13.62 -5.06 -0.73
N7 ACP E . -14.36 -5.39 -1.79
N7 ACP E . -14.39 -5.38 -1.79
C5 ACP E . -13.69 -4.99 -2.88
C5 ACP E . -13.71 -4.99 -2.89
C6 ACP E . -13.88 -5.01 -4.35
C6 ACP E . -13.92 -5.01 -4.36
N6 ACP E . -14.99 -5.56 -4.88
N6 ACP E . -15.05 -5.52 -4.88
N1 ACP E . -12.94 -4.47 -5.13
N1 ACP E . -12.95 -4.49 -5.13
C2 ACP E . -11.82 -3.92 -4.64
C2 ACP E . -11.82 -3.95 -4.66
N3 ACP E . -11.56 -3.87 -3.32
N3 ACP E . -11.56 -3.91 -3.33
C4 ACP E . -12.44 -4.37 -2.41
C4 ACP E . -12.45 -4.40 -2.43
NA NA F . -10.82 -13.53 -0.83
NA NA G . -14.52 -6.37 8.84
PG ACP H . -34.88 -34.70 16.76
O1G ACP H . -33.55 -35.47 16.22
O2G ACP H . -34.61 -33.72 17.88
O3G ACP H . -35.72 -33.85 15.70
PB ACP H . -36.23 -37.51 16.26
O1B ACP H . -34.87 -38.31 16.28
O2B ACP H . -36.86 -37.11 14.97
C3B ACP H . -36.00 -36.03 17.36
PA ACP H . -38.81 -38.87 16.92
O1A ACP H . -38.58 -39.79 15.77
O2A ACP H . -39.75 -37.76 17.01
O3A ACP H . -37.29 -38.36 17.20
O5' ACP H . -38.96 -39.78 18.20
C5' ACP H . -38.27 -40.98 18.39
C4' ACP H . -38.81 -41.64 19.64
O4' ACP H . -38.05 -41.13 20.75
C3' ACP H . -40.27 -41.44 20.02
O3' ACP H . -41.10 -42.44 19.38
C2' ACP H . -40.24 -41.59 21.55
O2' ACP H . -40.14 -42.98 21.98
C1' ACP H . -38.88 -40.99 21.89
N9 ACP H . -38.97 -39.53 22.17
C8 ACP H . -38.78 -38.47 21.34
N7 ACP H . -39.00 -37.30 21.99
C5 ACP H . -39.35 -37.63 23.25
C6 ACP H . -39.74 -36.94 24.48
N6 ACP H . -39.83 -35.62 24.53
N1 ACP H . -40.06 -37.72 25.54
C2 ACP H . -40.04 -39.04 25.53
N3 ACP H . -39.68 -39.73 24.46
C4 ACP H . -39.35 -39.09 23.35
NA NA I . -30.12 -37.52 23.70
NA NA J . -35.19 -40.62 12.59
PG ACP K . 4.40 32.51 -11.07
O1G ACP K . 5.15 33.70 -10.59
O2G ACP K . 4.92 31.06 -10.56
O3G ACP K . 4.37 32.46 -12.70
PB ACP K . 1.52 31.53 -10.62
O1B ACP K . 1.28 31.28 -12.12
O2B ACP K . 2.09 30.18 -9.93
C3B ACP K . 2.75 32.85 -10.32
PA ACP K . -0.38 32.58 -8.74
O1A ACP K . 0.72 33.02 -7.83
O2A ACP K . -1.37 33.68 -9.11
O3A ACP K . -0.01 31.97 -10.13
O5' ACP K . -1.15 31.38 -8.03
C5' ACP K . -2.02 30.43 -8.62
C4' ACP K . -3.06 29.96 -7.59
O4' ACP K . -2.41 29.19 -6.58
C3' ACP K . -3.82 31.04 -6.86
O3' ACP K . -4.89 31.54 -7.65
C2' ACP K . -4.27 30.26 -5.66
O2' ACP K . -5.37 29.39 -6.00
C1' ACP K . -3.04 29.43 -5.36
N9 ACP K . -2.06 30.13 -4.51
C8 ACP K . -0.88 30.67 -4.88
N7 ACP K . -0.24 31.18 -3.80
C5 ACP K . -1.01 30.93 -2.74
C6 ACP K . -0.90 31.14 -1.32
N6 ACP K . 0.19 31.79 -0.86
N1 ACP K . -1.90 30.74 -0.54
C2 ACP K . -2.99 30.10 -1.00
N3 ACP K . -3.15 29.82 -2.33
C4 ACP K . -2.21 30.23 -3.20
NA NA L . 4.62 23.32 -4.22
NA NA M . 1.30 30.06 -14.20
PG ACP N . 38.13 36.68 -13.45
O1G ACP N . 39.15 37.63 -12.63
O2G ACP N . 36.60 36.81 -12.90
O3G ACP N . 38.32 37.14 -14.86
PB ACP N . 39.44 34.50 -11.66
O1B ACP N . 39.09 35.16 -10.38
O2B ACP N . 39.24 32.93 -11.55
C3B ACP N . 38.48 34.91 -13.17
PA ACP N . 41.94 35.92 -11.41
O1A ACP N . 41.49 37.32 -11.74
O2A ACP N . 42.27 35.44 -10.01
O3A ACP N . 40.99 34.79 -12.04
O5' ACP N . 43.21 35.69 -12.33
C5' ACP N . 43.99 34.51 -12.23
C4' ACP N . 45.08 34.54 -13.31
O4' ACP N . 44.46 34.31 -14.57
C3' ACP N . 45.82 35.86 -13.44
O3' ACP N . 46.93 35.97 -12.51
C2' ACP N . 46.26 35.82 -14.90
O2' ACP N . 47.47 35.05 -14.97
C1' ACP N . 45.13 35.07 -15.60
N9 ACP N . 44.20 36.00 -16.26
C8 ACP N . 42.97 36.38 -15.83
N7 ACP N . 42.39 37.26 -16.69
C5 ACP N . 43.26 37.43 -17.70
C6 ACP N . 43.28 38.21 -18.95
N6 ACP N . 42.22 38.98 -19.26
N1 ACP N . 44.38 38.12 -19.75
C2 ACP N . 45.44 37.35 -19.43
N3 ACP N . 45.49 36.62 -18.30
C4 ACP N . 44.45 36.61 -17.42
P PO4 O . 64.00 22.02 -12.60
O1 PO4 O . 65.38 21.47 -12.25
O2 PO4 O . 63.99 23.37 -13.27
O3 PO4 O . 63.35 22.18 -11.21
O4 PO4 O . 63.41 20.99 -13.59
NA NA P . 38.34 29.96 -20.14
NA NA Q . 40.15 31.89 -7.49
#